data_6U1X
#
_entry.id   6U1X
#
_cell.length_a   1.00
_cell.length_b   1.00
_cell.length_c   1.00
_cell.angle_alpha   90.00
_cell.angle_beta   90.00
_cell.angle_gamma   90.00
#
_symmetry.space_group_name_H-M   'P 1'
#
loop_
_entity.id
_entity.type
_entity.pdbx_description
1 polymer 'RNA-directed RNA polymerase L'
2 polymer Phosphoprotein
3 non-polymer 'ZINC ION'
#
loop_
_entity_poly.entity_id
_entity_poly.type
_entity_poly.pdbx_seq_one_letter_code
_entity_poly.pdbx_strand_id
1 'polypeptide(L)'
;MEVHDFETDEFNDFNEDDYATREFLNPDERMTYLNHADYNLNSPLISDDIDNLIRKFNSLPIPSMWDSKNWDGVLEMLTS
CQANPISTSQMHKWMGSWLMSDNHDASQGYSFLHEVDKEAEITFDVVETFIRGWGNKPIEYIKKERWTDSFKILAYLCQK
FLDLHKLTLILNAVSEVELLNLARTFKGKVRRSSHGTNICRIRVPSLGPTFISEGWAYFKKLDILMDRNFLLMVKDVIIG
RMQTVLSMVCRIDNLFSEQDIFSLLNIYRIGDKIVERQGNFSYDLIKMVEPICNLKLMKLARESRPLVPQFPHFENHIKT
SVDEGAKIDRGIRFLHDQIMSVKTVDLTLVIYGSFRHWGHPFIDYYTGLEKLHSQVTMKKDIDVSYAKALASDLARIVLF
QQFNDHKKWFVNGDLLPHDHPFKSHVKENTWPTAAQVQDFGDKWHELPLIKCFEIPDLLDPSIIYSDKSHSMNRSEVLKH
VRMNPNTPIPSKKVLQTMLDTKATNWKEFLKEIDEKGLDDDDLIIGLKGKERELKLAGRFFSLMSWKLREYFVITEYLIK
THFVPMFKGLTMADDLTAVIKKMLDSSSGQGLKSYEAICIANHIDYEKWNNHQRKLSNGPVFRVMGQFLGYPSLIERTHE
FFEKSLIYYNGRPDLMRVHNNTLINSTSQRVCWQGQEGGLEGLRQKGWTILNLLVIQREAKIRNTAVKVLAQGDNQVICT
QYKTKKSRNVVELQGALNQMVSNNEKIMTAIKIGTGKLGLLINDDETMQSADYLNYGKIPIFRGVIRGLETKRWSRVTCV
TNDQIPTCANIMSSVSTNALTVAHFAENPINAMIQYNYFGTFARLLLMMHDPALRQSLYEVQDKIPGLHSSTFKYAMLYL
DPSIGGVSGMSLSRFLIRAFPDPVTESLSFWRFIHVHARSEHLKEMSAVFGNPEIAKFRITHIDKLVEDPTSLNIAMGMS
PANLLKTEVKKCLIESRQTIRNQVIKDATIYLYHEEDRLRSFLWSINPLFPRFLSEFKSGTFLGVADGLISLFQNSRTIR
NSFKKKYHRELDDLIVRSEVSSLTHLGKLHLRRGSCKMWTCSATHADTLRYKSWGRTVIGTTVPHPLEMLGPQHRKETPC
APCNTSGFNYVSVHCPDGIHDVFSSRGPLPAYLGSKTSESTSILQPWERESKVPLIKRATRLRDAISWFVEPDSKLAMTI
LSNIHSLTGEEWTKRQHGFKRTGSALHRFSTSRMSHGGFASQSTAALTRLMATTDTMRDLGDQNFDFLFQATLLYAQITT
TVARDGWITSCTDHYHIACKSCLRPIEEITLDSSMDYTPPDVSHVLKTWRNGEGSWGQEIKQIYPLEGNWKNLAPAEQSY
QVGRCIGFLYGDLAYRKSTHAEDSSLFPLSIQGRIRGRGFLKGLLDGLMRASCCQVIHRRSLAHLKRPANAVYGGLIYLI
DKLSVSPPFLSLTRSGPIRDELETIPHKIPTSYPTSNRDMGVIVRNYFKYQCRLIEKGKYRSHYSQLWLFSDVLSIDFIG
PFSISTTLLQILYKPFLSGKDKNELRELANLSSLLRSGEGWEDIHVKFFTKDILLCPEEIRHACKFGIAKDNNKDMSYPP
WGRESRGTITTIPVYYTTTPYPKMLEMPPRIQNPLLSGIRLGQLPTGAHYKIRSILHGMGIHYRDFLSCGDGSGGMTAAL
LRENVHSRGIFNSLLELSGSVMRGASPEPPSALETLGGDKSRCVNGETCWEYPSDLCDPRTWDYFLRLKAGLGLQIDLIV
MDMEVRDSSTSLKIETNVRNYVHRILDEQGVLIYKTYGTYICESEKNAVTILGPMFKTVDLVQTEFSSSQTSEVYMVCKG
LKKLIDEPNPDWSSINESWKNLYAFQSSEQEFARAKKVSTYFTLTGIPSQFIPDPFVNIETMLQIFGVPTGVSHAAALKS
SDRPADLLTISLFYMAIISYYNINHIRVGPIPPNPPSDGIAQNVGIAITGISFWLSLMEKDIPLYQQCLAVIQQSFPIRW
EAVSVKGGYKQKWSTRGDGLPKDTRISDSLAPIGNWIRSLELVRNQVRLNPFNEILFNQLCRTVDNHLKWSNLRRNTGMI
EWINRRISKEDRSILMLKSDLHEENSWRD
;
A
2 'polypeptide(L)'
;MDNLTKVREYLKSYSRLDQAVGEIDEIEAQRAEKSNYELFQEDGVEEHTKPSYFQAADDSDTESEPEIEDNQGLYAQDPE
AEQVEGFIQGPLDDYADEEVDVVFTSDWKPPELESDEHGKTLRLTSPEGLSGEQKSQWLSTIKAVVQSAKYWNLAECTFE
ASGEGVIMKERQITPDVYKVTPVMNTHPSQSEAVSDVWSLSKTSMTFQPKKASLQPLTISLDELFSSRGEFISVGGDGRM
SHKEAILLGLRYKKLYNQARVKYSL
;
P
#
loop_
_chem_comp.id
_chem_comp.type
_chem_comp.name
_chem_comp.formula
ZN non-polymer 'ZINC ION' 'Zn 2'
#
# COMPACT_ATOMS: atom_id res chain seq x y z
N ASN A 35 -6.50 2.32 43.73
CA ASN A 35 -6.74 2.96 42.45
C ASN A 35 -5.62 3.92 42.08
N HIS A 36 -5.19 4.73 43.05
CA HIS A 36 -4.09 5.67 42.85
C HIS A 36 -2.77 4.93 43.05
N ALA A 37 -2.49 4.04 42.10
CA ALA A 37 -1.29 3.21 42.13
C ALA A 37 -1.22 2.45 40.81
N ASP A 38 -0.06 1.85 40.57
CA ASP A 38 0.20 1.13 39.33
C ASP A 38 -0.02 -0.36 39.53
N TYR A 39 -0.37 -1.03 38.43
CA TYR A 39 -0.61 -2.48 38.42
C TYR A 39 0.26 -3.23 37.44
N ASN A 40 1.00 -2.53 36.58
CA ASN A 40 1.91 -3.18 35.64
C ASN A 40 3.11 -2.27 35.44
N LEU A 41 4.18 -2.85 34.89
CA LEU A 41 5.44 -2.13 34.79
C LEU A 41 5.31 -1.01 33.76
N ASN A 42 5.25 0.23 34.25
CA ASN A 42 5.17 1.41 33.40
C ASN A 42 6.12 2.50 33.87
N SER A 43 7.27 2.12 34.39
CA SER A 43 8.24 3.04 34.97
C SER A 43 9.61 2.39 34.93
N PRO A 44 10.68 3.19 34.96
CA PRO A 44 12.02 2.60 34.95
C PRO A 44 12.32 1.88 36.26
N LEU A 45 13.33 1.04 36.21
CA LEU A 45 13.71 0.16 37.31
C LEU A 45 15.04 0.63 37.89
N ILE A 46 15.00 1.08 39.14
CA ILE A 46 16.14 1.75 39.78
C ILE A 46 16.44 1.05 41.10
N SER A 47 17.73 0.95 41.42
CA SER A 47 18.22 0.26 42.61
C SER A 47 18.66 1.22 43.70
N ASP A 48 17.97 2.34 43.85
CA ASP A 48 18.37 3.38 44.79
C ASP A 48 17.46 3.46 46.02
N ASP A 49 16.28 2.85 45.98
CA ASP A 49 15.39 2.81 47.12
C ASP A 49 15.51 1.53 47.93
N ILE A 50 15.95 0.44 47.30
CA ILE A 50 16.13 -0.81 48.02
C ILE A 50 17.46 -0.82 48.77
N ASP A 51 18.53 -0.37 48.09
CA ASP A 51 19.85 -0.37 48.71
C ASP A 51 19.86 0.48 49.98
N ASN A 52 19.33 1.70 49.89
CA ASN A 52 19.38 2.60 51.04
C ASN A 52 18.51 2.12 52.18
N LEU A 53 17.39 1.44 51.87
CA LEU A 53 16.58 0.89 52.95
C LEU A 53 17.29 -0.29 53.61
N ILE A 54 17.97 -1.12 52.81
CA ILE A 54 18.75 -2.21 53.39
C ILE A 54 19.83 -1.64 54.29
N ARG A 55 20.44 -0.53 53.89
CA ARG A 55 21.49 0.07 54.69
C ARG A 55 20.92 0.66 55.98
N LYS A 56 19.80 1.37 55.88
CA LYS A 56 19.19 1.97 57.06
C LYS A 56 18.75 0.89 58.04
N PHE A 57 18.25 -0.23 57.53
CA PHE A 57 17.90 -1.35 58.39
C PHE A 57 19.14 -1.89 59.11
N ASN A 58 20.28 -1.83 58.45
CA ASN A 58 21.56 -2.16 59.07
C ASN A 58 22.14 -0.90 59.71
N SER A 59 23.37 -0.99 60.20
CA SER A 59 24.02 0.10 60.90
C SER A 59 24.77 1.04 59.98
N LEU A 60 24.50 1.00 58.67
CA LEU A 60 25.25 1.80 57.71
C LEU A 60 24.57 3.13 57.46
N PRO A 61 25.30 4.13 56.96
CA PRO A 61 24.69 5.42 56.65
C PRO A 61 24.20 5.48 55.21
N ILE A 62 23.44 6.53 54.92
CA ILE A 62 22.90 6.75 53.58
C ILE A 62 22.81 8.25 53.31
N PRO A 63 22.55 8.67 52.07
CA PRO A 63 22.30 10.08 51.80
C PRO A 63 21.07 10.58 52.52
N SER A 64 20.86 11.89 52.44
CA SER A 64 19.75 12.54 53.13
C SER A 64 18.46 12.48 52.32
N MET A 65 18.53 12.17 51.02
CA MET A 65 17.33 12.12 50.20
C MET A 65 16.41 10.98 50.63
N TRP A 66 16.99 9.87 51.07
CA TRP A 66 16.22 8.71 51.50
C TRP A 66 16.03 8.63 53.01
N ASP A 67 16.82 9.37 53.78
CA ASP A 67 16.67 9.40 55.23
C ASP A 67 15.52 10.29 55.68
N SER A 68 14.89 11.03 54.77
CA SER A 68 13.82 11.97 55.08
C SER A 68 12.45 11.39 54.77
N LYS A 69 12.29 10.08 54.94
CA LYS A 69 11.09 9.36 54.56
C LYS A 69 10.47 8.68 55.77
N ASN A 70 9.36 7.99 55.53
CA ASN A 70 8.53 7.40 56.58
C ASN A 70 8.71 5.89 56.65
N TRP A 71 9.93 5.42 56.42
CA TRP A 71 10.25 4.00 56.41
C TRP A 71 10.27 3.37 57.80
N ASP A 72 9.88 4.07 58.85
CA ASP A 72 9.91 3.48 60.20
C ASP A 72 9.04 2.23 60.27
N GLY A 73 7.91 2.23 59.57
CA GLY A 73 7.03 1.08 59.63
C GLY A 73 7.62 -0.15 58.95
N VAL A 74 8.27 0.05 57.80
CA VAL A 74 8.90 -1.08 57.11
C VAL A 74 10.03 -1.65 57.94
N LEU A 75 10.79 -0.78 58.62
CA LEU A 75 11.89 -1.27 59.45
C LEU A 75 11.34 -1.99 60.68
N GLU A 76 10.23 -1.50 61.24
CA GLU A 76 9.57 -2.24 62.31
C GLU A 76 9.12 -3.61 61.83
N MET A 77 8.64 -3.69 60.59
CA MET A 77 8.20 -4.97 60.05
C MET A 77 9.38 -5.92 59.86
N LEU A 78 10.49 -5.41 59.36
CA LEU A 78 11.67 -6.26 59.13
C LEU A 78 12.35 -6.64 60.43
N THR A 79 12.20 -5.85 61.48
CA THR A 79 12.73 -6.24 62.79
C THR A 79 11.89 -7.35 63.41
N SER A 80 10.60 -7.38 63.11
CA SER A 80 9.70 -8.40 63.63
C SER A 80 9.72 -9.68 62.82
N CYS A 81 10.68 -9.83 61.90
CA CYS A 81 10.79 -11.03 61.08
C CYS A 81 12.21 -11.55 60.96
N GLN A 82 13.19 -10.91 61.61
CA GLN A 82 14.59 -11.33 61.53
C GLN A 82 15.06 -11.36 60.08
N ALA A 83 15.01 -10.19 59.45
CA ALA A 83 15.28 -10.07 58.04
C ALA A 83 16.78 -10.04 57.76
N ASN A 84 17.14 -10.42 56.53
CA ASN A 84 18.53 -10.46 56.10
C ASN A 84 18.58 -10.41 54.57
N PRO A 85 18.42 -9.23 53.96
CA PRO A 85 18.38 -9.16 52.49
C PRO A 85 19.72 -9.49 51.83
N ILE A 86 19.75 -9.45 50.50
CA ILE A 86 20.85 -10.02 49.73
C ILE A 86 21.53 -8.99 48.84
N SER A 87 21.52 -7.73 49.25
CA SER A 87 22.41 -6.69 48.76
C SER A 87 22.06 -6.17 47.37
N THR A 88 20.96 -6.61 46.77
CA THR A 88 20.36 -6.09 45.55
C THR A 88 21.13 -6.50 44.30
N SER A 89 22.26 -7.20 44.41
CA SER A 89 22.99 -7.69 43.24
C SER A 89 22.65 -9.12 42.90
N GLN A 90 21.91 -9.82 43.75
CA GLN A 90 21.58 -11.23 43.57
C GLN A 90 20.13 -11.47 43.22
N MET A 91 19.32 -10.40 43.10
CA MET A 91 17.89 -10.57 42.86
C MET A 91 17.64 -11.11 41.45
N HIS A 92 18.30 -10.53 40.45
CA HIS A 92 18.22 -11.09 39.11
C HIS A 92 18.72 -12.52 39.07
N LYS A 93 19.78 -12.81 39.84
CA LYS A 93 20.26 -14.17 39.93
C LYS A 93 19.23 -15.09 40.59
N TRP A 94 18.43 -14.55 41.51
CA TRP A 94 17.39 -15.34 42.13
C TRP A 94 16.30 -15.69 41.13
N MET A 95 15.75 -14.68 40.45
CA MET A 95 14.70 -14.96 39.47
C MET A 95 15.22 -15.76 38.30
N GLY A 96 16.53 -15.80 38.08
CA GLY A 96 17.09 -16.74 37.12
C GLY A 96 16.87 -18.19 37.49
N SER A 97 16.62 -18.46 38.77
CA SER A 97 16.36 -19.80 39.27
C SER A 97 14.89 -20.05 39.59
N TRP A 98 14.22 -19.05 40.16
CA TRP A 98 12.82 -19.21 40.54
C TRP A 98 11.94 -19.41 39.32
N LEU A 99 12.26 -18.77 38.21
CA LEU A 99 11.52 -19.01 36.97
C LEU A 99 11.74 -20.45 36.51
N MET A 100 10.68 -21.06 35.99
CA MET A 100 10.74 -22.40 35.44
C MET A 100 11.04 -23.46 36.50
N SER A 101 10.83 -23.15 37.77
CA SER A 101 11.04 -24.11 38.83
C SER A 101 9.81 -24.99 39.02
N ASP A 102 10.04 -26.17 39.60
CA ASP A 102 8.99 -27.13 39.87
C ASP A 102 9.14 -27.70 41.27
N ASN A 103 9.42 -26.82 42.24
CA ASN A 103 9.72 -27.20 43.62
C ASN A 103 8.62 -26.77 44.57
N HIS A 104 7.37 -26.85 44.13
CA HIS A 104 6.24 -26.45 44.96
C HIS A 104 4.98 -27.11 44.39
N ASP A 105 3.84 -26.81 45.03
CA ASP A 105 2.56 -27.43 44.69
C ASP A 105 1.76 -26.47 43.82
N ALA A 106 1.61 -26.81 42.55
CA ALA A 106 0.83 -26.02 41.60
C ALA A 106 -0.63 -26.46 41.53
N SER A 107 -1.32 -26.48 42.67
CA SER A 107 -2.70 -26.94 42.68
C SER A 107 -3.63 -25.88 42.11
N GLN A 108 -3.49 -24.63 42.56
CA GLN A 108 -4.34 -23.56 42.07
C GLN A 108 -4.17 -23.33 40.59
N GLY A 109 -2.97 -23.57 40.06
CA GLY A 109 -2.77 -23.43 38.63
C GLY A 109 -3.58 -24.44 37.83
N TYR A 110 -3.50 -25.71 38.23
CA TYR A 110 -4.32 -26.73 37.58
C TYR A 110 -5.79 -26.40 37.70
N SER A 111 -6.23 -25.96 38.88
CA SER A 111 -7.63 -25.61 39.07
C SER A 111 -8.05 -24.49 38.12
N PHE A 112 -7.26 -23.42 38.05
CA PHE A 112 -7.60 -22.28 37.21
C PHE A 112 -7.65 -22.66 35.74
N LEU A 113 -6.66 -23.45 35.29
CA LEU A 113 -6.64 -23.82 33.88
C LEU A 113 -7.78 -24.76 33.53
N HIS A 114 -8.10 -25.69 34.44
CA HIS A 114 -9.25 -26.57 34.21
C HIS A 114 -10.54 -25.78 34.10
N GLU A 115 -10.74 -24.82 35.02
CA GLU A 115 -11.94 -24.00 34.96
C GLU A 115 -11.97 -23.17 33.68
N VAL A 116 -10.82 -22.68 33.23
CA VAL A 116 -10.75 -21.90 32.01
C VAL A 116 -11.21 -22.75 30.83
N ASP A 117 -10.68 -23.98 30.73
CA ASP A 117 -11.07 -24.86 29.64
C ASP A 117 -12.56 -25.20 29.70
N LYS A 118 -13.06 -25.45 30.91
CA LYS A 118 -14.46 -25.83 31.04
C LYS A 118 -15.39 -24.70 30.63
N GLU A 119 -15.08 -23.48 31.04
CA GLU A 119 -15.93 -22.34 30.69
C GLU A 119 -15.67 -21.82 29.29
N ALA A 120 -14.58 -22.22 28.64
CA ALA A 120 -14.37 -21.87 27.24
C ALA A 120 -15.10 -22.83 26.31
N GLU A 121 -15.15 -24.12 26.68
CA GLU A 121 -15.89 -25.08 25.88
C GLU A 121 -17.37 -24.71 25.81
N ILE A 122 -17.86 -23.99 26.80
CA ILE A 122 -19.27 -23.57 26.80
C ILE A 122 -19.49 -22.50 25.75
N THR A 123 -18.71 -21.43 25.81
CA THR A 123 -18.89 -20.28 24.93
C THR A 123 -18.37 -20.52 23.52
N PHE A 124 -17.61 -21.60 23.30
CA PHE A 124 -17.08 -21.87 21.97
C PHE A 124 -18.16 -22.13 20.92
N ASP A 125 -19.41 -22.34 21.33
CA ASP A 125 -20.46 -22.64 20.37
C ASP A 125 -20.74 -21.45 19.46
N VAL A 126 -20.61 -20.22 19.97
CA VAL A 126 -20.82 -19.04 19.14
C VAL A 126 -19.79 -19.01 18.01
N VAL A 127 -18.52 -19.24 18.34
CA VAL A 127 -17.47 -19.24 17.34
C VAL A 127 -17.69 -20.37 16.34
N GLU A 128 -18.07 -21.55 16.84
CA GLU A 128 -18.34 -22.68 15.96
C GLU A 128 -19.45 -22.35 14.98
N THR A 129 -20.54 -21.76 15.48
CA THR A 129 -21.67 -21.43 14.63
C THR A 129 -21.30 -20.40 13.58
N PHE A 130 -20.62 -19.32 14.01
CA PHE A 130 -20.25 -18.27 13.08
C PHE A 130 -19.32 -18.81 11.98
N ILE A 131 -18.40 -19.70 12.34
CA ILE A 131 -17.48 -20.21 11.34
C ILE A 131 -18.14 -21.24 10.45
N ARG A 132 -19.10 -22.00 10.97
CA ARG A 132 -19.81 -22.94 10.11
C ARG A 132 -20.73 -22.22 9.13
N GLY A 133 -21.29 -21.09 9.54
CA GLY A 133 -22.14 -20.32 8.65
C GLY A 133 -21.35 -19.46 7.68
N TRP A 134 -20.53 -18.56 8.21
CA TRP A 134 -19.74 -17.66 7.37
C TRP A 134 -18.80 -18.46 6.47
N GLY A 135 -17.89 -19.20 7.08
CA GLY A 135 -17.15 -20.22 6.36
C GLY A 135 -17.98 -21.47 6.17
N ASN A 136 -17.32 -22.52 5.73
CA ASN A 136 -17.93 -23.83 5.56
C ASN A 136 -16.99 -24.89 6.12
N LYS A 137 -16.42 -24.60 7.29
CA LYS A 137 -15.39 -25.44 7.90
C LYS A 137 -15.70 -25.62 9.38
N PRO A 138 -16.48 -26.63 9.75
CA PRO A 138 -16.74 -26.87 11.17
C PRO A 138 -15.47 -27.24 11.91
N ILE A 139 -15.42 -26.85 13.19
CA ILE A 139 -14.27 -27.04 14.05
C ILE A 139 -14.76 -27.67 15.36
N GLU A 140 -13.79 -27.95 16.24
CA GLU A 140 -14.09 -28.55 17.53
C GLU A 140 -13.14 -27.96 18.58
N TYR A 141 -13.65 -27.84 19.80
CA TYR A 141 -12.84 -27.35 20.90
C TYR A 141 -11.80 -28.38 21.30
N ILE A 142 -10.63 -27.88 21.70
CA ILE A 142 -9.53 -28.72 22.18
C ILE A 142 -9.07 -28.15 23.51
N LYS A 143 -9.10 -28.98 24.55
CA LYS A 143 -8.59 -28.58 25.84
C LYS A 143 -7.07 -28.46 25.80
N LYS A 144 -6.54 -27.60 26.67
CA LYS A 144 -5.10 -27.46 26.79
C LYS A 144 -4.46 -28.67 27.45
N GLU A 145 -5.25 -29.51 28.14
CA GLU A 145 -4.74 -30.66 28.84
C GLU A 145 -4.39 -31.83 27.92
N ARG A 146 -4.67 -31.71 26.62
CA ARG A 146 -4.34 -32.80 25.70
C ARG A 146 -2.83 -33.02 25.64
N TRP A 147 -2.04 -31.98 25.87
CA TRP A 147 -0.58 -32.05 25.90
C TRP A 147 -0.15 -31.84 27.34
N THR A 148 0.18 -32.93 28.03
CA THR A 148 0.41 -32.87 29.47
C THR A 148 1.79 -32.33 29.81
N ASP A 149 2.80 -32.70 29.01
CA ASP A 149 4.16 -32.25 29.29
C ASP A 149 4.27 -30.74 29.25
N SER A 150 3.44 -30.09 28.44
CA SER A 150 3.37 -28.63 28.42
C SER A 150 2.40 -28.09 29.45
N PHE A 151 1.33 -28.83 29.73
CA PHE A 151 0.31 -28.36 30.67
C PHE A 151 0.85 -28.28 32.09
N LYS A 152 1.78 -29.15 32.45
CA LYS A 152 2.39 -29.08 33.77
C LYS A 152 3.14 -27.76 33.95
N ILE A 153 3.97 -27.41 32.98
CA ILE A 153 4.75 -26.18 33.05
C ILE A 153 3.80 -24.98 33.01
N LEU A 154 2.75 -25.05 32.19
CA LEU A 154 1.76 -23.98 32.18
C LEU A 154 1.10 -23.84 33.55
N ALA A 155 0.86 -24.95 34.23
CA ALA A 155 0.24 -24.89 35.54
C ALA A 155 1.16 -24.24 36.56
N TYR A 156 2.45 -24.55 36.50
CA TYR A 156 3.40 -23.89 37.39
C TYR A 156 3.46 -22.39 37.11
N LEU A 157 3.52 -22.03 35.83
CA LEU A 157 3.56 -20.61 35.46
C LEU A 157 2.30 -19.90 35.92
N CYS A 158 1.14 -20.58 35.86
CA CYS A 158 -0.09 -19.94 36.29
C CYS A 158 -0.16 -19.82 37.80
N GLN A 159 0.38 -20.79 38.53
CA GLN A 159 0.48 -20.66 39.97
C GLN A 159 1.31 -19.44 40.34
N LYS A 160 2.45 -19.27 39.68
CA LYS A 160 3.29 -18.11 39.96
C LYS A 160 2.60 -16.82 39.58
N PHE A 161 1.92 -16.82 38.43
CA PHE A 161 1.16 -15.64 38.00
C PHE A 161 0.12 -15.25 39.04
N LEU A 162 -0.62 -16.23 39.55
CA LEU A 162 -1.67 -15.94 40.51
C LEU A 162 -1.08 -15.44 41.82
N ASP A 163 0.03 -16.02 42.27
CA ASP A 163 0.69 -15.52 43.47
C ASP A 163 1.09 -14.07 43.30
N LEU A 164 1.78 -13.75 42.19
CA LEU A 164 2.23 -12.38 41.97
C LEU A 164 1.06 -11.43 41.82
N HIS A 165 -0.04 -11.88 41.20
CA HIS A 165 -1.21 -11.03 41.02
C HIS A 165 -1.87 -10.72 42.36
N LYS A 166 -2.00 -11.72 43.23
CA LYS A 166 -2.55 -11.49 44.55
C LYS A 166 -1.67 -10.53 45.35
N LEU A 167 -0.35 -10.72 45.28
CA LEU A 167 0.55 -9.81 45.98
C LEU A 167 0.41 -8.38 45.47
N THR A 168 0.35 -8.22 44.14
CA THR A 168 0.22 -6.90 43.56
C THR A 168 -1.10 -6.24 43.97
N LEU A 169 -2.18 -7.01 43.98
CA LEU A 169 -3.44 -6.46 44.45
C LEU A 169 -3.37 -6.06 45.91
N ILE A 170 -2.58 -6.78 46.72
CA ILE A 170 -2.48 -6.45 48.13
C ILE A 170 -1.70 -5.15 48.32
N LEU A 171 -0.54 -5.03 47.68
CA LEU A 171 0.28 -3.84 47.91
C LEU A 171 -0.25 -2.60 47.21
N ASN A 172 -1.26 -2.74 46.34
CA ASN A 172 -1.88 -1.61 45.67
C ASN A 172 -3.23 -1.24 46.27
N ALA A 173 -3.62 -1.85 47.38
CA ALA A 173 -4.85 -1.46 48.06
C ALA A 173 -4.77 -0.01 48.50
N VAL A 174 -5.94 0.62 48.59
CA VAL A 174 -6.04 2.03 48.97
C VAL A 174 -7.02 2.20 50.13
N SER A 175 -7.24 1.14 50.90
CA SER A 175 -8.20 1.20 51.98
C SER A 175 -8.05 -0.05 52.85
N GLU A 176 -8.55 0.04 54.07
CA GLU A 176 -8.50 -1.10 54.98
C GLU A 176 -9.52 -2.17 54.62
N VAL A 177 -10.67 -1.78 54.07
CA VAL A 177 -11.70 -2.77 53.74
C VAL A 177 -11.23 -3.66 52.60
N GLU A 178 -10.56 -3.07 51.60
CA GLU A 178 -10.06 -3.87 50.49
C GLU A 178 -8.94 -4.81 50.96
N LEU A 179 -8.06 -4.31 51.82
CA LEU A 179 -6.99 -5.14 52.35
C LEU A 179 -7.55 -6.31 53.15
N LEU A 180 -8.56 -6.05 53.98
CA LEU A 180 -9.17 -7.11 54.78
C LEU A 180 -9.90 -8.11 53.89
N ASN A 181 -10.58 -7.63 52.85
CA ASN A 181 -11.26 -8.55 51.94
C ASN A 181 -10.25 -9.43 51.21
N LEU A 182 -9.12 -8.86 50.82
CA LEU A 182 -8.08 -9.64 50.16
C LEU A 182 -7.47 -10.66 51.12
N ALA A 183 -7.31 -10.28 52.40
CA ALA A 183 -6.80 -11.22 53.37
C ALA A 183 -7.77 -12.38 53.59
N ARG A 184 -9.07 -12.08 53.62
CA ARG A 184 -10.06 -13.13 53.78
C ARG A 184 -10.17 -14.01 52.55
N THR A 185 -9.95 -13.45 51.37
CA THR A 185 -10.12 -14.21 50.13
C THR A 185 -8.90 -15.05 49.80
N PHE A 186 -7.70 -14.55 50.11
CA PHE A 186 -6.45 -15.23 49.81
C PHE A 186 -5.76 -15.78 51.05
N LYS A 187 -6.49 -15.89 52.16
CA LYS A 187 -5.97 -16.47 53.40
C LYS A 187 -4.73 -15.72 53.89
N GLY A 188 -4.93 -14.43 54.18
CA GLY A 188 -3.92 -13.58 54.75
C GLY A 188 -4.23 -13.20 56.19
N LYS A 189 -3.36 -12.36 56.74
CA LYS A 189 -3.49 -11.92 58.12
C LYS A 189 -2.97 -10.50 58.22
N VAL A 190 -3.83 -9.57 58.61
CA VAL A 190 -3.51 -8.16 58.68
C VAL A 190 -3.22 -7.79 60.13
N ARG A 191 -2.00 -7.33 60.38
CA ARG A 191 -1.59 -6.79 61.68
C ARG A 191 -1.42 -5.29 61.56
N ARG A 192 -1.47 -4.61 62.70
CA ARG A 192 -1.34 -3.16 62.77
C ARG A 192 -0.06 -2.82 63.50
N SER A 193 0.79 -2.02 62.86
CA SER A 193 2.06 -1.62 63.44
C SER A 193 1.84 -0.47 64.42
N SER A 194 2.94 0.13 64.89
CA SER A 194 2.86 1.18 65.89
C SER A 194 2.71 2.57 65.28
N HIS A 195 3.25 2.79 64.09
CA HIS A 195 3.20 4.10 63.45
C HIS A 195 1.96 4.29 62.58
N GLY A 196 0.90 3.52 62.83
CA GLY A 196 -0.30 3.64 62.04
C GLY A 196 -0.16 3.06 60.64
N THR A 197 0.56 1.96 60.51
CA THR A 197 0.80 1.29 59.23
C THR A 197 0.35 -0.16 59.35
N ASN A 198 -0.36 -0.63 58.33
CA ASN A 198 -0.89 -1.99 58.31
C ASN A 198 0.05 -2.91 57.55
N ILE A 199 0.36 -4.06 58.16
CA ILE A 199 1.19 -5.08 57.56
C ILE A 199 0.30 -6.26 57.21
N CYS A 200 0.62 -6.96 56.12
CA CYS A 200 -0.13 -8.13 55.68
C CYS A 200 0.82 -9.30 55.53
N ARG A 201 0.56 -10.38 56.27
CA ARG A 201 1.25 -11.64 56.09
C ARG A 201 0.42 -12.55 55.20
N ILE A 202 1.09 -13.25 54.29
CA ILE A 202 0.41 -14.18 53.40
C ILE A 202 1.41 -15.25 52.99
N ARG A 203 0.98 -16.50 53.02
CA ARG A 203 1.81 -17.64 52.62
C ARG A 203 1.29 -18.15 51.29
N VAL A 204 2.11 -17.99 50.24
CA VAL A 204 1.78 -18.52 48.92
C VAL A 204 2.73 -19.67 48.61
N PRO A 205 2.34 -20.62 47.76
CA PRO A 205 3.20 -21.79 47.54
C PRO A 205 4.53 -21.48 46.88
N SER A 206 4.48 -20.74 45.78
CA SER A 206 5.66 -20.58 44.94
C SER A 206 6.76 -19.73 45.59
N LEU A 207 6.41 -18.93 46.60
CA LEU A 207 7.36 -18.00 47.22
C LEU A 207 7.53 -18.19 48.70
N GLY A 208 6.58 -18.82 49.40
CA GLY A 208 6.67 -19.01 50.82
C GLY A 208 5.86 -17.98 51.57
N PRO A 209 6.26 -17.68 52.80
CA PRO A 209 5.64 -16.56 53.51
C PRO A 209 6.11 -15.23 52.95
N THR A 210 5.27 -14.21 53.14
CA THR A 210 5.52 -12.90 52.57
C THR A 210 4.88 -11.85 53.47
N PHE A 211 5.63 -10.79 53.74
CA PHE A 211 5.16 -9.66 54.54
C PHE A 211 5.14 -8.40 53.68
N ILE A 212 3.98 -7.75 53.62
CA ILE A 212 3.77 -6.62 52.72
C ILE A 212 3.38 -5.40 53.54
N SER A 213 3.97 -4.25 53.19
CA SER A 213 3.64 -2.98 53.82
C SER A 213 4.18 -1.81 53.01
N GLU A 214 3.33 -0.81 52.74
CA GLU A 214 3.73 0.43 52.10
C GLU A 214 4.44 0.19 50.77
N GLY A 215 3.93 -0.75 50.00
CA GLY A 215 4.49 -1.05 48.69
C GLY A 215 5.73 -1.91 48.72
N TRP A 216 6.24 -2.27 49.89
CA TRP A 216 7.38 -3.16 50.03
C TRP A 216 6.92 -4.56 50.37
N ALA A 217 7.66 -5.55 49.88
CA ALA A 217 7.36 -6.96 50.10
C ALA A 217 8.63 -7.70 50.48
N TYR A 218 8.59 -8.41 51.60
CA TYR A 218 9.72 -9.20 52.08
C TYR A 218 9.36 -10.68 52.06
N PHE A 219 10.22 -11.47 51.42
CA PHE A 219 10.14 -12.93 51.43
C PHE A 219 11.20 -13.47 52.37
N LYS A 220 10.77 -14.31 53.31
CA LYS A 220 11.67 -14.80 54.36
C LYS A 220 12.49 -15.99 53.87
N LYS A 221 11.81 -17.05 53.42
CA LYS A 221 12.53 -18.24 52.96
C LYS A 221 13.44 -17.92 51.78
N LEU A 222 13.09 -16.91 51.00
CA LEU A 222 13.95 -16.42 49.93
C LEU A 222 14.93 -15.35 50.40
N ASP A 223 14.63 -14.69 51.52
CA ASP A 223 15.47 -13.62 52.05
C ASP A 223 15.66 -12.52 51.01
N ILE A 224 14.53 -11.96 50.56
CA ILE A 224 14.52 -10.94 49.51
C ILE A 224 13.62 -9.80 49.93
N LEU A 225 14.08 -8.58 49.70
CA LEU A 225 13.26 -7.39 49.77
C LEU A 225 12.94 -6.96 48.35
N MET A 226 11.73 -6.45 48.14
CA MET A 226 11.26 -6.15 46.81
C MET A 226 10.34 -4.94 46.85
N ASP A 227 10.53 -4.05 45.89
CA ASP A 227 9.65 -2.91 45.71
C ASP A 227 8.56 -3.28 44.70
N ARG A 228 7.76 -2.30 44.30
CA ARG A 228 6.64 -2.58 43.40
C ARG A 228 7.13 -2.91 42.01
N ASN A 229 8.08 -2.13 41.48
CA ASN A 229 8.45 -2.24 40.08
C ASN A 229 9.11 -3.58 39.79
N PHE A 230 9.92 -4.10 40.70
CA PHE A 230 10.56 -5.40 40.48
C PHE A 230 9.52 -6.51 40.47
N LEU A 231 8.56 -6.46 41.39
CA LEU A 231 7.47 -7.43 41.41
C LEU A 231 6.69 -7.38 40.10
N LEU A 232 6.41 -6.17 39.62
CA LEU A 232 5.66 -6.03 38.36
C LEU A 232 6.46 -6.53 37.17
N MET A 233 7.78 -6.33 37.19
CA MET A 233 8.62 -6.88 36.13
C MET A 233 8.53 -8.40 36.10
N VAL A 234 8.65 -9.02 37.28
CA VAL A 234 8.59 -10.48 37.34
C VAL A 234 7.21 -10.97 36.88
N LYS A 235 6.15 -10.28 37.31
CA LYS A 235 4.81 -10.64 36.88
C LYS A 235 4.66 -10.54 35.37
N ASP A 236 5.22 -9.50 34.77
CA ASP A 236 5.12 -9.34 33.32
C ASP A 236 5.88 -10.42 32.59
N VAL A 237 7.04 -10.82 33.13
CA VAL A 237 7.79 -11.92 32.53
C VAL A 237 6.96 -13.19 32.55
N ILE A 238 6.37 -13.49 33.70
CA ILE A 238 5.56 -14.70 33.82
C ILE A 238 4.37 -14.65 32.88
N ILE A 239 3.70 -13.49 32.80
CA ILE A 239 2.55 -13.36 31.92
C ILE A 239 2.96 -13.58 30.48
N GLY A 240 4.07 -12.98 30.07
CA GLY A 240 4.52 -13.17 28.70
C GLY A 240 4.78 -14.63 28.38
N ARG A 241 5.54 -15.31 29.25
CA ARG A 241 5.84 -16.72 29.01
C ARG A 241 4.56 -17.56 28.95
N MET A 242 3.67 -17.37 29.92
CA MET A 242 2.47 -18.19 29.99
C MET A 242 1.57 -17.96 28.78
N GLN A 243 1.32 -16.69 28.43
CA GLN A 243 0.47 -16.40 27.30
C GLN A 243 1.09 -16.92 26.01
N THR A 244 2.40 -16.76 25.84
CA THR A 244 3.07 -17.27 24.65
C THR A 244 2.91 -18.78 24.53
N VAL A 245 3.10 -19.50 25.63
CA VAL A 245 3.04 -20.96 25.54
C VAL A 245 1.60 -21.43 25.41
N LEU A 246 0.64 -20.66 25.92
CA LEU A 246 -0.76 -21.03 25.76
C LEU A 246 -1.24 -20.80 24.35
N SER A 247 -0.72 -19.77 23.67
CA SER A 247 -1.13 -19.47 22.31
C SER A 247 -0.48 -20.37 21.27
N MET A 248 0.24 -21.40 21.68
CA MET A 248 0.96 -22.29 20.76
C MET A 248 0.74 -23.74 21.14
N VAL A 249 -0.49 -24.12 21.47
CA VAL A 249 -0.84 -25.50 21.76
C VAL A 249 -2.19 -25.81 21.14
N CYS A 250 -2.23 -26.86 20.31
CA CYS A 250 -3.47 -27.42 19.79
C CYS A 250 -4.27 -26.37 19.01
N ARG A 251 -3.63 -25.86 17.97
CA ARG A 251 -4.25 -24.88 17.08
C ARG A 251 -4.84 -25.58 15.88
N ILE A 252 -5.92 -24.99 15.35
CA ILE A 252 -6.53 -25.49 14.12
C ILE A 252 -5.52 -25.47 12.98
N ASP A 253 -4.61 -24.49 12.99
CA ASP A 253 -3.49 -24.44 12.05
C ASP A 253 -2.30 -25.09 12.76
N ASN A 254 -1.99 -26.33 12.39
CA ASN A 254 -1.03 -27.14 13.12
C ASN A 254 0.39 -26.69 12.76
N LEU A 255 0.73 -25.48 13.22
CA LEU A 255 2.08 -24.97 13.07
C LEU A 255 3.00 -25.54 14.14
N PHE A 256 2.67 -25.29 15.41
CA PHE A 256 3.53 -25.60 16.53
C PHE A 256 3.16 -26.97 17.11
N SER A 257 4.17 -27.80 17.30
CA SER A 257 4.05 -29.06 18.01
C SER A 257 4.59 -28.89 19.43
N GLU A 258 4.64 -29.99 20.17
CA GLU A 258 5.19 -29.94 21.53
C GLU A 258 6.70 -29.82 21.50
N GLN A 259 7.36 -30.34 20.47
CA GLN A 259 8.80 -30.25 20.36
C GLN A 259 9.24 -28.79 20.20
N ASP A 260 8.46 -27.99 19.48
CA ASP A 260 8.77 -26.58 19.34
C ASP A 260 8.67 -25.86 20.68
N ILE A 261 7.67 -26.22 21.49
CA ILE A 261 7.56 -25.61 22.81
C ILE A 261 8.72 -26.05 23.69
N PHE A 262 9.18 -27.29 23.54
CA PHE A 262 10.36 -27.72 24.28
C PHE A 262 11.58 -26.90 23.85
N SER A 263 11.70 -26.60 22.56
CA SER A 263 12.79 -25.76 22.09
C SER A 263 12.72 -24.37 22.72
N LEU A 264 11.53 -23.78 22.73
CA LEU A 264 11.37 -22.45 23.33
C LEU A 264 11.71 -22.48 24.81
N LEU A 265 11.26 -23.50 25.53
CA LEU A 265 11.55 -23.57 26.95
C LEU A 265 13.02 -23.84 27.21
N ASN A 266 13.70 -24.52 26.30
CA ASN A 266 15.14 -24.71 26.44
C ASN A 266 15.88 -23.39 26.25
N ILE A 267 15.42 -22.57 25.29
CA ILE A 267 15.98 -21.24 25.11
C ILE A 267 15.77 -20.42 26.38
N TYR A 268 14.56 -20.47 26.94
CA TYR A 268 14.28 -19.79 28.19
C TYR A 268 15.23 -20.25 29.29
N ARG A 269 15.48 -21.56 29.37
CA ARG A 269 16.34 -22.08 30.43
C ARG A 269 17.78 -21.63 30.23
N ILE A 270 18.26 -21.59 28.99
CA ILE A 270 19.61 -21.10 28.72
C ILE A 270 19.73 -19.65 29.17
N GLY A 271 18.79 -18.81 28.76
CA GLY A 271 18.82 -17.42 29.18
C GLY A 271 18.74 -17.27 30.68
N ASP A 272 17.97 -18.14 31.34
CA ASP A 272 17.84 -18.06 32.78
C ASP A 272 19.12 -18.49 33.48
N LYS A 273 19.84 -19.46 32.93
CA LYS A 273 21.15 -19.80 33.48
C LYS A 273 22.11 -18.64 33.32
N ILE A 274 22.08 -17.97 32.18
CA ILE A 274 22.92 -16.77 32.00
C ILE A 274 22.57 -15.73 33.05
N VAL A 275 21.28 -15.50 33.27
CA VAL A 275 20.85 -14.54 34.28
C VAL A 275 21.20 -15.01 35.70
N GLU A 276 21.37 -16.32 35.89
CA GLU A 276 21.71 -16.83 37.21
C GLU A 276 23.20 -16.64 37.51
N ARG A 277 24.06 -16.85 36.51
CA ARG A 277 25.48 -16.64 36.72
C ARG A 277 25.80 -15.14 36.79
N GLN A 278 25.48 -14.41 35.73
CA GLN A 278 25.59 -12.96 35.68
C GLN A 278 24.22 -12.37 35.93
N GLY A 279 24.18 -11.27 36.67
CA GLY A 279 22.92 -10.68 37.07
C GLY A 279 22.48 -9.55 36.15
N ASN A 280 22.51 -8.31 36.64
CA ASN A 280 22.13 -7.18 35.82
C ASN A 280 23.06 -7.00 34.62
N PHE A 281 24.26 -7.57 34.67
CA PHE A 281 25.20 -7.52 33.57
C PHE A 281 24.97 -8.61 32.53
N SER A 282 23.85 -9.32 32.60
CA SER A 282 23.50 -10.33 31.62
C SER A 282 22.77 -9.78 30.42
N TYR A 283 22.08 -8.63 30.58
CA TYR A 283 21.28 -8.08 29.51
C TYR A 283 22.12 -7.43 28.43
N ASP A 284 23.44 -7.31 28.63
CA ASP A 284 24.33 -6.97 27.53
C ASP A 284 24.47 -8.12 26.55
N LEU A 285 24.09 -9.33 26.94
CA LEU A 285 24.18 -10.52 26.12
C LEU A 285 22.82 -10.96 25.59
N ILE A 286 21.79 -10.96 26.45
CA ILE A 286 20.44 -11.25 26.01
C ILE A 286 20.00 -10.26 24.94
N LYS A 287 20.53 -9.03 25.00
CA LYS A 287 20.26 -8.03 23.99
C LYS A 287 20.59 -8.51 22.58
N MET A 288 21.44 -9.53 22.43
CA MET A 288 21.78 -10.09 21.13
C MET A 288 20.81 -11.18 20.69
N VAL A 289 19.61 -11.23 21.27
CA VAL A 289 18.64 -12.23 20.84
C VAL A 289 17.95 -11.79 19.55
N GLU A 290 17.54 -10.53 19.45
CA GLU A 290 16.80 -10.06 18.28
C GLU A 290 17.71 -10.02 17.06
N PRO A 291 18.97 -9.58 17.16
CA PRO A 291 19.86 -9.69 15.99
C PRO A 291 20.00 -11.11 15.47
N ILE A 292 20.33 -12.06 16.35
CA ILE A 292 20.55 -13.44 15.91
C ILE A 292 19.33 -13.97 15.17
N CYS A 293 18.14 -13.70 15.71
CA CYS A 293 16.91 -14.09 15.04
C CYS A 293 16.89 -13.58 13.61
N ASN A 294 17.19 -12.29 13.42
CA ASN A 294 17.27 -11.75 12.06
C ASN A 294 18.30 -12.51 11.24
N LEU A 295 19.46 -12.80 11.84
CA LEU A 295 20.47 -13.58 11.13
C LEU A 295 19.95 -14.95 10.75
N LYS A 296 19.00 -15.49 11.53
CA LYS A 296 18.41 -16.78 11.20
C LYS A 296 17.32 -16.65 10.14
N LEU A 297 16.72 -15.47 10.00
CA LEU A 297 15.67 -15.31 9.01
C LEU A 297 16.25 -15.18 7.61
N MET A 298 17.27 -14.34 7.46
CA MET A 298 17.92 -14.15 6.16
C MET A 298 18.35 -15.48 5.56
N LYS A 299 19.09 -16.27 6.31
CA LYS A 299 19.56 -17.56 5.81
C LYS A 299 18.40 -18.47 5.48
N LEU A 300 17.26 -18.32 6.18
CA LEU A 300 16.07 -19.06 5.79
C LEU A 300 15.47 -18.49 4.51
N ALA A 301 15.40 -17.17 4.42
CA ALA A 301 14.92 -16.53 3.20
C ALA A 301 15.84 -16.80 2.01
N ARG A 302 17.12 -17.04 2.27
CA ARG A 302 18.09 -17.24 1.21
C ARG A 302 18.02 -18.64 0.60
N GLU A 303 17.31 -19.58 1.22
CA GLU A 303 17.26 -20.94 0.69
C GLU A 303 16.56 -20.99 -0.65
N SER A 304 15.45 -20.26 -0.80
CA SER A 304 14.70 -20.31 -2.04
C SER A 304 15.47 -19.68 -3.20
N ARG A 305 16.36 -18.74 -2.90
CA ARG A 305 17.17 -18.04 -3.89
C ARG A 305 18.61 -18.02 -3.42
N PRO A 306 19.29 -19.18 -3.48
CA PRO A 306 20.60 -19.31 -2.82
C PRO A 306 21.80 -18.87 -3.64
N LEU A 307 21.64 -18.62 -4.94
CA LEU A 307 22.78 -18.23 -5.76
C LEU A 307 23.26 -16.81 -5.49
N VAL A 308 22.56 -16.05 -4.65
CA VAL A 308 23.00 -14.68 -4.36
C VAL A 308 24.24 -14.74 -3.48
N PRO A 309 25.24 -13.88 -3.68
CA PRO A 309 26.38 -13.86 -2.77
C PRO A 309 25.96 -13.49 -1.35
N GLN A 310 26.77 -13.93 -0.39
CA GLN A 310 26.49 -13.67 1.00
C GLN A 310 26.78 -12.21 1.34
N PHE A 311 26.20 -11.76 2.45
CA PHE A 311 26.42 -10.43 3.02
C PHE A 311 27.07 -10.65 4.39
N PRO A 312 28.36 -10.97 4.43
CA PRO A 312 28.97 -11.51 5.65
C PRO A 312 29.23 -10.51 6.74
N HIS A 313 28.91 -9.22 6.55
CA HIS A 313 29.21 -8.23 7.57
C HIS A 313 28.43 -8.50 8.85
N PHE A 314 27.10 -8.63 8.74
CA PHE A 314 26.29 -8.86 9.92
C PHE A 314 26.61 -10.20 10.57
N GLU A 315 26.86 -11.23 9.75
CA GLU A 315 27.22 -12.54 10.28
C GLU A 315 28.52 -12.46 11.07
N ASN A 316 29.53 -11.80 10.52
CA ASN A 316 30.81 -11.67 11.21
C ASN A 316 30.68 -10.82 12.47
N HIS A 317 29.83 -9.80 12.44
CA HIS A 317 29.62 -8.99 13.63
C HIS A 317 28.99 -9.81 14.75
N ILE A 318 27.98 -10.61 14.41
CA ILE A 318 27.35 -11.45 15.41
C ILE A 318 28.34 -12.48 15.94
N LYS A 319 29.14 -13.06 15.04
CA LYS A 319 30.14 -14.04 15.45
C LYS A 319 31.14 -13.42 16.42
N THR A 320 31.65 -12.24 16.08
CA THR A 320 32.62 -11.56 16.95
C THR A 320 32.00 -11.21 18.29
N SER A 321 30.77 -10.68 18.30
CA SER A 321 30.15 -10.31 19.55
C SER A 321 29.89 -11.52 20.42
N VAL A 322 29.52 -12.65 19.80
CA VAL A 322 29.29 -13.87 20.56
C VAL A 322 30.60 -14.41 21.12
N ASP A 323 31.67 -14.36 20.33
CA ASP A 323 32.96 -14.83 20.83
C ASP A 323 33.46 -13.95 21.96
N GLU A 324 33.15 -12.65 21.93
CA GLU A 324 33.56 -11.78 23.03
C GLU A 324 32.71 -12.03 24.27
N GLY A 325 31.39 -12.16 24.11
CA GLY A 325 30.55 -12.43 25.25
C GLY A 325 30.81 -13.77 25.89
N ALA A 326 31.26 -14.75 25.10
CA ALA A 326 31.57 -16.06 25.65
C ALA A 326 32.74 -16.01 26.62
N LYS A 327 33.61 -15.01 26.49
CA LYS A 327 34.66 -14.79 27.48
C LYS A 327 34.11 -14.31 28.82
N ILE A 328 32.82 -13.97 28.88
CA ILE A 328 32.15 -13.57 30.11
C ILE A 328 31.23 -14.68 30.60
N ASP A 329 30.31 -15.12 29.75
CA ASP A 329 29.39 -16.20 30.07
C ASP A 329 29.22 -17.06 28.84
N ARG A 330 29.60 -18.34 28.95
CA ARG A 330 29.51 -19.27 27.84
C ARG A 330 28.07 -19.53 27.40
N GLY A 331 27.09 -19.20 28.24
CA GLY A 331 25.71 -19.57 27.95
C GLY A 331 25.23 -19.06 26.61
N ILE A 332 25.65 -17.85 26.24
CA ILE A 332 25.18 -17.26 24.99
C ILE A 332 25.67 -18.07 23.80
N ARG A 333 26.85 -18.70 23.92
CA ARG A 333 27.32 -19.57 22.84
C ARG A 333 26.33 -20.68 22.56
N PHE A 334 25.61 -21.13 23.58
CA PHE A 334 24.52 -22.07 23.36
C PHE A 334 23.28 -21.37 22.83
N LEU A 335 22.98 -20.19 23.38
CA LEU A 335 21.81 -19.44 22.94
C LEU A 335 21.88 -19.10 21.46
N HIS A 336 23.08 -18.96 20.92
CA HIS A 336 23.24 -18.70 19.49
C HIS A 336 23.15 -19.98 18.67
N ASP A 337 23.49 -21.12 19.25
CA ASP A 337 23.49 -22.37 18.52
C ASP A 337 22.12 -23.05 18.47
N GLN A 338 21.25 -22.78 19.44
CA GLN A 338 19.92 -23.38 19.44
C GLN A 338 18.94 -22.58 18.59
N ILE A 339 19.17 -21.28 18.44
CA ILE A 339 18.29 -20.48 17.59
C ILE A 339 18.55 -20.80 16.12
N MET A 340 19.79 -21.16 15.77
CA MET A 340 20.09 -21.57 14.41
C MET A 340 19.58 -22.97 14.12
N SER A 341 19.31 -23.77 15.16
CA SER A 341 18.80 -25.13 14.96
C SER A 341 17.32 -25.16 14.65
N VAL A 342 16.61 -24.04 14.75
CA VAL A 342 15.19 -24.02 14.42
C VAL A 342 15.02 -24.16 12.91
N LYS A 343 14.07 -24.97 12.50
CA LYS A 343 13.84 -25.27 11.09
C LYS A 343 12.70 -24.47 10.48
N THR A 344 11.88 -23.80 11.28
CA THR A 344 10.73 -23.06 10.80
C THR A 344 10.89 -21.58 11.11
N VAL A 345 10.05 -20.78 10.44
CA VAL A 345 10.07 -19.34 10.64
C VAL A 345 9.17 -18.91 11.78
N ASP A 346 8.09 -19.65 12.05
CA ASP A 346 7.15 -19.24 13.09
C ASP A 346 7.81 -19.29 14.47
N LEU A 347 8.64 -20.31 14.71
CA LEU A 347 9.36 -20.37 15.98
C LEU A 347 10.36 -19.23 16.09
N THR A 348 11.01 -18.89 14.98
CA THR A 348 11.94 -17.77 14.99
C THR A 348 11.23 -16.47 15.32
N LEU A 349 10.00 -16.31 14.82
CA LEU A 349 9.22 -15.13 15.18
C LEU A 349 8.80 -15.16 16.64
N VAL A 350 8.44 -16.34 17.15
CA VAL A 350 8.07 -16.47 18.55
C VAL A 350 9.24 -16.09 19.44
N ILE A 351 10.47 -16.36 18.98
CA ILE A 351 11.64 -15.96 19.76
C ILE A 351 11.93 -14.47 19.58
N TYR A 352 11.75 -13.97 18.35
CA TYR A 352 11.99 -12.55 18.09
C TYR A 352 11.08 -11.68 18.93
N GLY A 353 9.85 -12.13 19.18
CA GLY A 353 8.93 -11.39 20.01
C GLY A 353 9.02 -11.79 21.47
N SER A 354 10.17 -12.33 21.89
CA SER A 354 10.37 -12.81 23.25
C SER A 354 11.64 -12.27 23.87
N PHE A 355 12.22 -11.20 23.31
CA PHE A 355 13.39 -10.59 23.90
C PHE A 355 13.09 -10.04 25.29
N ARG A 356 11.85 -9.63 25.53
CA ARG A 356 11.44 -9.07 26.80
C ARG A 356 11.07 -10.13 27.83
N HIS A 357 11.18 -11.42 27.48
CA HIS A 357 10.75 -12.51 28.34
C HIS A 357 11.88 -13.04 29.23
N TRP A 358 12.86 -12.19 29.53
CA TRP A 358 13.90 -12.52 30.49
C TRP A 358 14.09 -11.46 31.56
N GLY A 359 13.34 -10.38 31.51
CA GLY A 359 13.35 -9.35 32.53
C GLY A 359 14.00 -8.07 32.02
N HIS A 360 14.18 -7.14 32.95
CA HIS A 360 14.82 -5.87 32.71
C HIS A 360 15.84 -5.60 33.80
N PRO A 361 16.86 -4.80 33.53
CA PRO A 361 17.90 -4.54 34.54
C PRO A 361 17.59 -3.31 35.38
N PHE A 362 18.43 -3.12 36.40
CA PHE A 362 18.49 -1.87 37.15
C PHE A 362 19.42 -0.94 36.39
N ILE A 363 18.85 0.12 35.82
CA ILE A 363 19.66 1.04 35.00
C ILE A 363 20.62 1.80 35.89
N ASP A 364 21.84 1.98 35.40
CA ASP A 364 22.85 2.81 36.06
C ASP A 364 22.88 4.13 35.29
N TYR A 365 22.03 5.06 35.72
CA TYR A 365 21.87 6.32 35.00
C TYR A 365 23.16 7.14 34.97
N TYR A 366 24.09 6.90 35.89
CA TYR A 366 25.36 7.62 35.87
C TYR A 366 26.09 7.38 34.54
N THR A 367 26.28 6.10 34.19
CA THR A 367 26.97 5.78 32.96
C THR A 367 26.21 6.28 31.74
N GLY A 368 24.88 6.25 31.81
CA GLY A 368 24.09 6.74 30.68
C GLY A 368 24.27 8.23 30.46
N LEU A 369 24.19 9.01 31.54
CA LEU A 369 24.41 10.45 31.43
C LEU A 369 25.83 10.76 30.97
N GLU A 370 26.81 10.00 31.46
CA GLU A 370 28.18 10.22 31.05
C GLU A 370 28.35 9.97 29.55
N LYS A 371 27.80 8.85 29.06
CA LYS A 371 27.91 8.53 27.65
C LYS A 371 27.13 9.52 26.79
N LEU A 372 26.02 10.05 27.31
CA LEU A 372 25.27 11.06 26.58
C LEU A 372 26.08 12.33 26.43
N HIS A 373 26.63 12.83 27.54
CA HIS A 373 27.50 14.01 27.48
C HIS A 373 28.70 13.76 26.58
N SER A 374 29.20 12.52 26.54
CA SER A 374 30.35 12.21 25.70
C SER A 374 30.00 12.29 24.23
N GLN A 375 29.02 11.48 23.80
CA GLN A 375 28.68 11.41 22.39
C GLN A 375 28.03 12.69 21.88
N VAL A 376 27.49 13.52 22.76
CA VAL A 376 26.92 14.78 22.32
C VAL A 376 28.00 15.80 22.01
N THR A 377 28.91 16.03 22.95
CA THR A 377 29.92 17.07 22.82
C THR A 377 31.11 16.65 21.97
N MET A 378 31.01 15.55 21.23
CA MET A 378 32.09 15.16 20.34
C MET A 378 32.31 16.24 19.29
N LYS A 379 33.57 16.52 19.00
CA LYS A 379 33.91 17.51 17.99
C LYS A 379 33.85 16.87 16.61
N LYS A 380 33.20 17.55 15.68
CA LYS A 380 32.92 17.01 14.35
C LYS A 380 33.65 17.82 13.29
N ASP A 381 34.02 17.14 12.21
CA ASP A 381 34.55 17.76 11.00
C ASP A 381 33.47 17.68 9.93
N ILE A 382 33.07 18.83 9.40
CA ILE A 382 31.91 18.95 8.53
C ILE A 382 32.29 19.72 7.27
N ASP A 383 31.75 19.29 6.13
CA ASP A 383 31.89 19.99 4.86
C ASP A 383 30.62 20.79 4.64
N VAL A 384 30.69 22.09 4.86
CA VAL A 384 29.51 22.95 4.82
C VAL A 384 28.94 23.02 3.41
N SER A 385 29.79 22.89 2.38
CA SER A 385 29.31 22.95 1.01
C SER A 385 28.29 21.85 0.73
N TYR A 386 28.45 20.69 1.36
CA TYR A 386 27.47 19.63 1.18
C TYR A 386 26.12 20.03 1.75
N ALA A 387 26.10 20.66 2.92
CA ALA A 387 24.85 21.14 3.49
C ALA A 387 24.22 22.20 2.61
N LYS A 388 25.05 23.09 2.04
CA LYS A 388 24.53 24.08 1.11
C LYS A 388 23.89 23.42 -0.09
N ALA A 389 24.51 22.35 -0.59
CA ALA A 389 23.95 21.63 -1.73
C ALA A 389 22.61 21.01 -1.37
N LEU A 390 22.52 20.38 -0.21
CA LEU A 390 21.25 19.78 0.21
C LEU A 390 20.16 20.84 0.37
N ALA A 391 20.53 22.01 0.88
CA ALA A 391 19.56 23.09 1.00
C ALA A 391 19.10 23.57 -0.37
N SER A 392 20.01 23.64 -1.34
CA SER A 392 19.61 24.00 -2.69
C SER A 392 18.68 22.97 -3.28
N ASP A 393 18.94 21.69 -3.00
CA ASP A 393 18.06 20.62 -3.49
C ASP A 393 16.66 20.75 -2.89
N LEU A 394 16.59 21.04 -1.59
CA LEU A 394 15.28 21.23 -0.96
C LEU A 394 14.55 22.42 -1.58
N ALA A 395 15.27 23.51 -1.83
CA ALA A 395 14.65 24.68 -2.43
C ALA A 395 14.13 24.37 -3.82
N ARG A 396 14.93 23.67 -4.63
CA ARG A 396 14.50 23.27 -5.96
C ARG A 396 13.23 22.43 -5.89
N ILE A 397 13.21 21.45 -4.98
CA ILE A 397 12.04 20.58 -4.86
C ILE A 397 10.80 21.40 -4.51
N VAL A 398 10.92 22.28 -3.51
CA VAL A 398 9.76 23.05 -3.06
C VAL A 398 9.26 23.95 -4.18
N LEU A 399 10.19 24.64 -4.86
CA LEU A 399 9.78 25.56 -5.91
C LEU A 399 9.13 24.83 -7.06
N PHE A 400 9.68 23.67 -7.44
CA PHE A 400 9.11 22.91 -8.54
C PHE A 400 7.71 22.44 -8.20
N GLN A 401 7.50 21.92 -6.99
CA GLN A 401 6.16 21.48 -6.61
C GLN A 401 5.18 22.64 -6.59
N GLN A 402 5.56 23.73 -5.94
CA GLN A 402 4.64 24.85 -5.82
C GLN A 402 4.37 25.52 -7.17
N PHE A 403 5.30 25.41 -8.12
CA PHE A 403 5.04 25.93 -9.45
C PHE A 403 4.11 25.02 -10.23
N ASN A 404 4.34 23.71 -10.15
CA ASN A 404 3.43 22.76 -10.78
C ASN A 404 2.01 22.95 -10.26
N ASP A 405 1.86 23.25 -8.97
CA ASP A 405 0.53 23.38 -8.38
C ASP A 405 -0.08 24.75 -8.68
N HIS A 406 0.64 25.83 -8.33
CA HIS A 406 0.10 27.18 -8.40
C HIS A 406 0.52 27.94 -9.65
N LYS A 407 1.50 27.44 -10.39
CA LYS A 407 2.01 28.13 -11.58
C LYS A 407 2.49 29.54 -11.23
N LYS A 408 3.49 29.57 -10.35
CA LYS A 408 3.99 30.82 -9.79
C LYS A 408 5.28 30.53 -9.04
N TRP A 409 6.22 31.47 -9.14
CA TRP A 409 7.46 31.41 -8.37
C TRP A 409 7.26 32.13 -7.05
N PHE A 410 7.85 31.55 -6.00
CA PHE A 410 7.80 32.11 -4.65
C PHE A 410 9.12 32.76 -4.28
N VAL A 411 9.76 33.38 -5.26
CA VAL A 411 10.92 34.24 -5.04
C VAL A 411 10.54 35.63 -5.53
N ASN A 412 11.44 36.59 -5.36
CA ASN A 412 11.21 37.99 -5.72
C ASN A 412 12.11 38.35 -6.89
N GLY A 413 11.49 38.81 -7.98
CA GLY A 413 12.26 39.26 -9.13
C GLY A 413 12.81 40.66 -9.00
N ASP A 414 12.23 41.47 -8.13
CA ASP A 414 12.74 42.83 -7.92
C ASP A 414 14.11 42.80 -7.25
N LEU A 415 14.24 42.02 -6.17
CA LEU A 415 15.53 41.87 -5.52
C LEU A 415 16.53 41.17 -6.41
N LEU A 416 16.05 40.30 -7.29
CA LEU A 416 16.94 39.50 -8.11
C LEU A 416 17.68 40.38 -9.10
N PRO A 417 18.95 40.08 -9.42
CA PRO A 417 19.67 40.89 -10.40
C PRO A 417 19.02 40.84 -11.77
N HIS A 418 19.45 41.76 -12.63
CA HIS A 418 18.93 41.83 -14.00
C HIS A 418 19.63 40.88 -14.95
N ASP A 419 20.83 40.41 -14.60
CA ASP A 419 21.57 39.46 -15.42
C ASP A 419 21.36 38.02 -14.97
N HIS A 420 20.35 37.77 -14.13
CA HIS A 420 20.12 36.44 -13.61
C HIS A 420 19.34 35.60 -14.61
N PRO A 421 19.67 34.31 -14.80
CA PRO A 421 18.93 33.50 -15.78
C PRO A 421 17.50 33.19 -15.37
N PHE A 422 17.10 33.47 -14.13
CA PHE A 422 15.77 33.18 -13.62
C PHE A 422 15.01 34.46 -13.30
N LYS A 423 15.18 35.48 -14.14
CA LYS A 423 14.40 36.71 -14.07
C LYS A 423 13.25 36.72 -15.04
N SER A 424 13.44 36.16 -16.24
CA SER A 424 12.37 36.07 -17.21
C SER A 424 11.35 35.01 -16.79
N HIS A 425 11.84 33.85 -16.36
CA HIS A 425 10.95 32.76 -15.95
C HIS A 425 10.09 33.15 -14.76
N VAL A 426 10.51 34.11 -13.95
CA VAL A 426 9.77 34.50 -12.76
C VAL A 426 8.69 35.53 -13.10
N LYS A 427 9.04 36.56 -13.88
CA LYS A 427 8.06 37.58 -14.23
C LYS A 427 6.91 36.96 -15.04
N GLU A 428 7.23 36.40 -16.20
CA GLU A 428 6.28 35.57 -16.94
C GLU A 428 6.40 34.14 -16.42
N ASN A 429 5.30 33.60 -15.92
CA ASN A 429 5.33 32.31 -15.24
C ASN A 429 5.83 31.22 -16.18
N THR A 430 6.99 30.66 -15.86
CA THR A 430 7.65 29.66 -16.70
C THR A 430 8.58 28.85 -15.80
N TRP A 431 9.06 27.73 -16.34
CA TRP A 431 10.07 26.93 -15.69
C TRP A 431 11.25 26.73 -16.64
N PRO A 432 12.49 26.72 -16.14
CA PRO A 432 13.64 26.57 -17.05
C PRO A 432 13.67 25.18 -17.69
N THR A 433 14.51 25.08 -18.71
CA THR A 433 14.79 23.79 -19.32
C THR A 433 15.78 23.00 -18.47
N ALA A 434 15.72 21.67 -18.58
CA ALA A 434 16.62 20.83 -17.80
C ALA A 434 18.07 21.08 -18.15
N ALA A 435 18.34 21.54 -19.38
CA ALA A 435 19.70 21.94 -19.74
C ALA A 435 20.06 23.30 -19.17
N GLN A 436 19.05 24.15 -18.94
CA GLN A 436 19.28 25.47 -18.36
C GLN A 436 19.47 25.41 -16.84
N VAL A 437 19.00 24.34 -16.20
CA VAL A 437 19.16 24.23 -14.75
C VAL A 437 20.53 23.69 -14.37
N GLN A 438 21.13 22.86 -15.22
CA GLN A 438 22.45 22.32 -14.92
C GLN A 438 23.52 23.41 -14.88
N ASP A 439 23.29 24.53 -15.54
CA ASP A 439 24.20 25.66 -15.49
C ASP A 439 23.98 26.55 -14.26
N PHE A 440 23.11 26.13 -13.35
CA PHE A 440 22.79 26.86 -12.13
C PHE A 440 22.83 25.91 -10.94
N GLY A 441 23.87 25.09 -10.89
CA GLY A 441 23.92 24.02 -9.90
C GLY A 441 24.24 24.54 -8.51
N ASP A 442 23.42 24.14 -7.54
CA ASP A 442 23.69 24.36 -6.12
C ASP A 442 23.75 25.85 -5.79
N LYS A 443 22.72 26.57 -6.21
CA LYS A 443 22.54 27.96 -5.83
C LYS A 443 21.09 28.30 -5.48
N TRP A 444 20.18 27.33 -5.46
CA TRP A 444 18.78 27.62 -5.23
C TRP A 444 18.51 28.17 -3.84
N HIS A 445 19.39 27.90 -2.88
CA HIS A 445 19.22 28.43 -1.53
C HIS A 445 19.60 29.90 -1.43
N GLU A 446 20.43 30.40 -2.33
CA GLU A 446 20.82 31.80 -2.31
C GLU A 446 19.77 32.73 -2.90
N LEU A 447 18.73 32.18 -3.52
CA LEU A 447 17.68 33.01 -4.09
C LEU A 447 16.91 33.72 -2.98
N PRO A 448 16.15 34.77 -3.32
CA PRO A 448 15.32 35.47 -2.34
C PRO A 448 13.94 34.81 -2.15
N LEU A 449 13.95 33.68 -1.45
CA LEU A 449 12.72 32.93 -1.25
C LEU A 449 11.80 33.67 -0.29
N ILE A 450 10.49 33.43 -0.44
CA ILE A 450 9.47 34.06 0.38
C ILE A 450 8.46 33.00 0.82
N LYS A 451 7.45 33.46 1.55
CA LYS A 451 6.45 32.57 2.12
C LYS A 451 5.66 31.84 1.04
N CYS A 452 5.44 30.54 1.26
CA CYS A 452 4.60 29.73 0.40
C CYS A 452 3.64 28.85 1.16
N PHE A 453 3.62 28.92 2.49
CA PHE A 453 2.79 28.06 3.32
C PHE A 453 2.18 28.90 4.44
N GLU A 454 0.88 28.70 4.68
CA GLU A 454 0.13 29.48 5.64
C GLU A 454 -0.07 28.65 6.90
N ILE A 455 0.38 29.19 8.03
CA ILE A 455 0.19 28.48 9.30
C ILE A 455 -1.30 28.39 9.61
N PRO A 456 -1.82 27.22 10.04
CA PRO A 456 -3.26 27.16 10.32
C PRO A 456 -3.65 27.97 11.55
N ASP A 457 -4.95 27.97 11.86
CA ASP A 457 -5.49 28.69 13.01
C ASP A 457 -5.67 27.69 14.14
N LEU A 458 -4.79 27.78 15.15
CA LEU A 458 -4.76 26.81 16.24
C LEU A 458 -5.70 27.24 17.37
N LEU A 459 -6.95 27.47 17.00
CA LEU A 459 -7.97 27.82 17.99
C LEU A 459 -8.27 26.64 18.91
N ASP A 460 -8.54 25.49 18.32
CA ASP A 460 -8.89 24.33 19.12
C ASP A 460 -7.62 23.68 19.66
N PRO A 461 -7.63 23.18 20.91
CA PRO A 461 -6.54 22.31 21.35
C PRO A 461 -6.69 20.93 20.73
N SER A 462 -5.81 19.99 21.11
CA SER A 462 -5.64 18.68 20.50
C SER A 462 -4.86 18.76 19.21
N ILE A 463 -4.37 19.94 18.81
CA ILE A 463 -3.45 20.07 17.69
C ILE A 463 -2.06 20.33 18.24
N ILE A 464 -1.99 20.95 19.42
CA ILE A 464 -0.74 21.28 20.08
C ILE A 464 -0.65 20.64 21.46
N TYR A 465 -1.66 20.86 22.29
CA TYR A 465 -1.61 20.47 23.70
C TYR A 465 -2.16 19.06 23.89
N SER A 466 -1.56 18.35 24.84
CA SER A 466 -2.00 17.01 25.20
C SER A 466 -1.71 16.79 26.68
N ASP A 467 -2.00 15.58 27.15
CA ASP A 467 -1.78 15.22 28.55
C ASP A 467 -0.38 14.63 28.69
N LYS A 468 0.59 15.51 28.98
CA LYS A 468 1.98 15.11 29.15
C LYS A 468 2.60 15.98 30.24
N SER A 469 3.84 15.67 30.58
CA SER A 469 4.59 16.39 31.59
C SER A 469 5.72 17.16 30.92
N HIS A 470 6.02 18.34 31.46
CA HIS A 470 7.11 19.17 30.97
C HIS A 470 7.91 19.71 32.15
N SER A 471 8.93 20.50 31.85
CA SER A 471 9.81 21.06 32.86
C SER A 471 9.25 22.37 33.38
N MET A 472 10.04 23.07 34.19
CA MET A 472 9.69 24.37 34.72
C MET A 472 10.86 25.32 34.48
N ASN A 473 10.59 26.61 34.64
CA ASN A 473 11.58 27.63 34.32
C ASN A 473 12.80 27.48 35.23
N ARG A 474 13.95 27.94 34.72
CA ARG A 474 15.23 27.72 35.40
C ARG A 474 15.23 28.31 36.80
N SER A 475 14.60 29.47 36.98
CA SER A 475 14.61 30.13 38.28
C SER A 475 13.97 29.25 39.35
N GLU A 476 12.79 28.72 39.05
CA GLU A 476 12.11 27.87 40.02
C GLU A 476 12.88 26.57 40.25
N VAL A 477 13.57 26.07 39.23
CA VAL A 477 14.42 24.89 39.42
C VAL A 477 15.50 25.17 40.45
N LEU A 478 16.22 26.28 40.27
CA LEU A 478 17.28 26.63 41.22
C LEU A 478 16.71 26.89 42.61
N LYS A 479 15.53 27.51 42.67
CA LYS A 479 14.87 27.73 43.95
C LYS A 479 14.58 26.42 44.66
N HIS A 480 14.05 25.44 43.92
CA HIS A 480 13.75 24.14 44.52
C HIS A 480 15.01 23.41 44.92
N VAL A 481 16.09 23.56 44.16
CA VAL A 481 17.34 22.89 44.51
C VAL A 481 17.91 23.47 45.80
N ARG A 482 17.89 24.80 45.94
CA ARG A 482 18.40 25.40 47.16
C ARG A 482 17.51 25.08 48.35
N MET A 483 16.20 25.31 48.22
CA MET A 483 15.30 25.11 49.34
C MET A 483 15.07 23.63 49.62
N ASN A 484 14.84 22.84 48.58
CA ASN A 484 14.50 21.42 48.70
C ASN A 484 15.53 20.57 47.98
N PRO A 485 16.75 20.47 48.52
CA PRO A 485 17.78 19.65 47.88
C PRO A 485 17.63 18.15 48.09
N ASN A 486 16.62 17.71 48.84
CA ASN A 486 16.44 16.30 49.19
C ASN A 486 15.10 15.77 48.69
N THR A 487 14.66 16.25 47.53
CA THR A 487 13.49 15.72 46.85
C THR A 487 13.75 15.86 45.36
N PRO A 488 13.28 14.92 44.54
CA PRO A 488 13.51 15.04 43.10
C PRO A 488 12.76 16.22 42.52
N ILE A 489 13.36 16.85 41.53
CA ILE A 489 12.80 18.06 40.93
C ILE A 489 11.54 17.66 40.16
N PRO A 490 10.36 18.17 40.51
CA PRO A 490 9.14 17.67 39.87
C PRO A 490 9.01 18.18 38.43
N SER A 491 8.00 17.66 37.75
CA SER A 491 7.68 18.02 36.39
C SER A 491 6.22 18.44 36.32
N LYS A 492 5.96 19.58 35.71
CA LYS A 492 4.61 20.11 35.63
C LYS A 492 3.85 19.48 34.47
N LYS A 493 2.53 19.58 34.54
CA LYS A 493 1.65 19.07 33.50
C LYS A 493 1.34 20.17 32.49
N VAL A 494 1.05 19.75 31.25
CA VAL A 494 0.85 20.71 30.18
C VAL A 494 -0.49 21.43 30.33
N LEU A 495 -1.54 20.70 30.68
CA LEU A 495 -2.87 21.29 30.72
C LEU A 495 -2.99 22.32 31.84
N GLN A 496 -2.45 22.01 33.02
CA GLN A 496 -2.50 22.96 34.13
C GLN A 496 -1.73 24.23 33.78
N THR A 497 -0.55 24.08 33.17
CA THR A 497 0.22 25.25 32.78
C THR A 497 -0.53 26.08 31.75
N MET A 498 -1.21 25.42 30.81
CA MET A 498 -1.99 26.16 29.82
C MET A 498 -3.10 26.94 30.48
N LEU A 499 -3.87 26.29 31.36
CA LEU A 499 -4.96 26.97 32.04
C LEU A 499 -4.46 28.05 33.00
N ASP A 500 -3.20 28.00 33.41
CA ASP A 500 -2.65 28.97 34.36
C ASP A 500 -1.88 30.10 33.70
N THR A 501 -1.30 29.85 32.53
CA THR A 501 -0.49 30.84 31.84
C THR A 501 -1.30 31.54 30.75
N LYS A 502 -0.71 32.61 30.22
CA LYS A 502 -1.38 33.39 29.19
C LYS A 502 -1.52 32.57 27.91
N ALA A 503 -2.37 33.06 27.01
CA ALA A 503 -2.53 32.45 25.70
C ALA A 503 -1.41 32.92 24.79
N THR A 504 -0.68 31.97 24.21
CA THR A 504 0.50 32.28 23.42
C THR A 504 0.08 32.71 22.03
N ASN A 505 0.30 33.98 21.70
CA ASN A 505 0.06 34.46 20.34
C ASN A 505 1.14 33.92 19.43
N TRP A 506 0.76 33.01 18.53
CA TRP A 506 1.76 32.31 17.73
C TRP A 506 2.47 33.24 16.77
N LYS A 507 1.78 34.26 16.26
CA LYS A 507 2.41 35.19 15.33
C LYS A 507 3.55 35.93 16.00
N GLU A 508 3.26 36.65 17.08
CA GLU A 508 4.32 37.40 17.77
C GLU A 508 5.32 36.45 18.42
N PHE A 509 4.87 35.27 18.85
CA PHE A 509 5.79 34.28 19.41
C PHE A 509 6.85 33.91 18.40
N LEU A 510 6.43 33.48 17.21
CA LEU A 510 7.39 33.15 16.16
C LEU A 510 8.19 34.38 15.72
N LYS A 511 7.58 35.57 15.76
CA LYS A 511 8.30 36.78 15.39
C LYS A 511 9.49 37.01 16.33
N GLU A 512 9.24 36.93 17.64
CA GLU A 512 10.33 37.10 18.59
C GLU A 512 11.33 35.95 18.51
N ILE A 513 10.85 34.72 18.30
CA ILE A 513 11.75 33.58 18.15
C ILE A 513 12.67 33.81 16.96
N ASP A 514 12.17 34.45 15.92
CA ASP A 514 12.94 34.67 14.71
C ASP A 514 13.92 35.83 14.87
N GLU A 515 13.50 36.88 15.58
CA GLU A 515 14.34 38.07 15.66
C GLU A 515 15.41 37.96 16.74
N LYS A 516 15.05 37.43 17.92
CA LYS A 516 15.96 37.41 19.06
C LYS A 516 15.96 36.10 19.82
N GLY A 517 15.33 35.04 19.30
CA GLY A 517 15.35 33.77 20.00
C GLY A 517 14.61 33.83 21.32
N LEU A 518 15.12 33.10 22.30
CA LEU A 518 14.55 33.01 23.64
C LEU A 518 15.56 33.46 24.68
N ASP A 519 15.07 33.64 25.90
CA ASP A 519 15.89 34.02 27.03
C ASP A 519 16.52 32.77 27.66
N ASP A 520 17.38 32.99 28.65
CA ASP A 520 18.04 31.90 29.35
C ASP A 520 17.18 31.30 30.46
N ASP A 521 16.01 31.88 30.74
CA ASP A 521 15.13 31.32 31.75
C ASP A 521 14.28 30.18 31.20
N ASP A 522 13.93 30.23 29.92
CA ASP A 522 13.14 29.19 29.29
C ASP A 522 13.98 28.08 28.67
N LEU A 523 15.30 28.21 28.68
CA LEU A 523 16.20 27.22 28.10
C LEU A 523 16.65 26.25 29.20
N ILE A 524 15.77 25.30 29.50
CA ILE A 524 16.00 24.33 30.57
C ILE A 524 15.36 23.02 30.16
N ILE A 525 16.14 21.95 30.17
CA ILE A 525 15.70 20.63 29.71
C ILE A 525 15.99 19.61 30.80
N GLY A 526 14.95 18.91 31.25
CA GLY A 526 15.10 17.83 32.20
C GLY A 526 15.35 16.50 31.52
N LEU A 527 15.44 15.45 32.34
CA LEU A 527 15.68 14.11 31.84
C LEU A 527 15.06 13.08 32.78
N LYS A 528 14.57 12.00 32.20
CA LYS A 528 14.00 10.89 32.95
C LYS A 528 14.20 9.61 32.16
N GLY A 529 14.59 8.54 32.84
CA GLY A 529 14.91 7.30 32.15
C GLY A 529 13.71 6.71 31.43
N LYS A 530 14.01 5.81 30.52
CA LYS A 530 13.00 5.10 29.73
C LYS A 530 12.66 3.76 30.36
N GLU A 531 11.47 3.27 30.04
CA GLU A 531 10.93 2.05 30.60
C GLU A 531 11.10 0.88 29.64
N ARG A 532 11.22 -0.32 30.21
CA ARG A 532 11.23 -1.55 29.44
C ARG A 532 12.35 -1.55 28.40
N GLU A 533 13.54 -1.16 28.84
CA GLU A 533 14.74 -1.14 28.01
C GLU A 533 15.74 -2.14 28.57
N LEU A 534 16.40 -2.86 27.66
CA LEU A 534 17.36 -3.91 28.03
C LEU A 534 18.80 -3.39 28.08
N LYS A 535 18.98 -2.09 28.32
CA LYS A 535 20.30 -1.47 28.35
C LYS A 535 20.62 -1.00 29.76
N LEU A 536 21.88 -1.17 30.15
CA LEU A 536 22.32 -0.73 31.46
C LEU A 536 22.63 0.76 31.49
N ALA A 537 23.17 1.29 30.39
CA ALA A 537 23.51 2.71 30.33
C ALA A 537 22.28 3.57 30.62
N GLY A 538 21.26 3.45 29.78
CA GLY A 538 19.99 4.13 30.00
C GLY A 538 19.72 5.23 29.00
N ARG A 539 18.59 5.13 28.32
CA ARG A 539 18.08 6.19 27.47
C ARG A 539 17.01 6.97 28.23
N PHE A 540 16.93 8.26 27.95
CA PHE A 540 16.16 9.19 28.77
C PHE A 540 15.07 9.87 27.96
N PHE A 541 14.17 10.52 28.69
CA PHE A 541 13.13 11.36 28.10
C PHE A 541 13.70 12.76 27.88
N SER A 542 12.84 13.71 27.53
CA SER A 542 13.26 15.07 27.26
C SER A 542 12.13 15.99 27.71
N LEU A 543 12.27 16.56 28.91
CA LEU A 543 11.27 17.46 29.48
C LEU A 543 11.69 18.89 29.15
N MET A 544 11.17 19.40 28.04
CA MET A 544 11.43 20.77 27.63
C MET A 544 10.63 21.72 28.50
N SER A 545 10.97 23.01 28.42
CA SER A 545 10.21 24.03 29.09
C SER A 545 8.97 24.39 28.25
N TRP A 546 8.12 25.25 28.82
CA TRP A 546 6.88 25.62 28.15
C TRP A 546 7.15 26.23 26.77
N LYS A 547 8.00 27.25 26.72
CA LYS A 547 8.28 27.92 25.46
C LYS A 547 8.94 26.97 24.48
N LEU A 548 9.94 26.22 24.92
CA LEU A 548 10.61 25.27 24.05
C LEU A 548 9.66 24.19 23.58
N ARG A 549 8.79 23.71 24.47
CA ARG A 549 7.82 22.69 24.08
C ARG A 549 6.90 23.21 22.98
N GLU A 550 6.34 24.40 23.18
CA GLU A 550 5.45 24.97 22.17
C GLU A 550 6.18 25.17 20.85
N TYR A 551 7.42 25.70 20.92
CA TYR A 551 8.20 25.93 19.71
C TYR A 551 8.42 24.64 18.93
N PHE A 552 8.97 23.63 19.60
CA PHE A 552 9.24 22.36 18.94
C PHE A 552 7.96 21.75 18.38
N VAL A 553 6.87 21.78 19.15
CA VAL A 553 5.65 21.14 18.72
C VAL A 553 5.08 21.81 17.48
N ILE A 554 4.93 23.14 17.52
CA ILE A 554 4.34 23.81 16.37
C ILE A 554 5.25 23.72 15.15
N THR A 555 6.57 23.76 15.34
CA THR A 555 7.47 23.67 14.20
C THR A 555 7.41 22.29 13.58
N GLU A 556 7.37 21.23 14.40
CA GLU A 556 7.21 19.89 13.86
C GLU A 556 5.87 19.72 13.18
N TYR A 557 4.83 20.40 13.68
CA TYR A 557 3.53 20.34 13.02
C TYR A 557 3.62 20.96 11.62
N LEU A 558 4.28 22.12 11.52
CA LEU A 558 4.44 22.75 10.22
C LEU A 558 5.23 21.86 9.27
N ILE A 559 6.33 21.28 9.75
CA ILE A 559 7.14 20.40 8.92
C ILE A 559 6.30 19.21 8.44
N LYS A 560 5.53 18.63 9.35
CA LYS A 560 4.72 17.46 9.01
C LYS A 560 3.64 17.82 8.00
N THR A 561 3.07 19.02 8.11
CA THR A 561 1.96 19.40 7.25
C THR A 561 2.43 19.79 5.86
N HIS A 562 3.62 20.38 5.73
CA HIS A 562 4.05 20.98 4.47
C HIS A 562 5.20 20.24 3.80
N PHE A 563 6.31 19.99 4.50
CA PHE A 563 7.50 19.48 3.84
C PHE A 563 7.56 17.96 3.75
N VAL A 564 6.94 17.25 4.70
CA VAL A 564 7.01 15.79 4.73
C VAL A 564 6.32 15.17 3.52
N PRO A 565 5.15 15.64 3.10
CA PRO A 565 4.52 15.05 1.89
C PRO A 565 5.39 15.09 0.65
N MET A 566 6.32 16.02 0.55
CA MET A 566 7.16 16.10 -0.63
C MET A 566 8.09 14.89 -0.75
N PHE A 567 8.40 14.25 0.37
CA PHE A 567 9.35 13.15 0.42
C PHE A 567 8.62 11.84 0.64
N LYS A 568 8.89 10.87 -0.23
CA LYS A 568 8.37 9.53 -0.07
C LYS A 568 9.33 8.74 0.82
N GLY A 569 8.81 8.21 1.92
CA GLY A 569 9.60 7.47 2.88
C GLY A 569 9.32 7.86 4.31
N LEU A 570 8.95 9.12 4.53
CA LEU A 570 8.60 9.59 5.87
C LEU A 570 7.22 9.06 6.20
N THR A 571 7.18 7.95 6.93
CA THR A 571 5.93 7.30 7.30
C THR A 571 5.36 7.87 8.59
N MET A 572 5.18 9.19 8.62
CA MET A 572 4.69 9.88 9.81
C MET A 572 3.23 10.31 9.66
N ALA A 573 2.90 11.01 8.58
CA ALA A 573 1.52 11.32 8.28
C ALA A 573 0.74 10.12 7.77
N ASP A 574 1.43 9.04 7.42
CA ASP A 574 0.77 7.88 6.85
C ASP A 574 -0.09 7.17 7.89
N ASP A 575 -0.87 6.21 7.42
CA ASP A 575 -1.65 5.33 8.28
C ASP A 575 -1.34 3.88 7.90
N LEU A 576 -2.06 2.93 8.49
CA LEU A 576 -1.69 1.53 8.37
C LEU A 576 -1.69 1.06 6.93
N THR A 577 -2.74 1.43 6.19
CA THR A 577 -2.85 0.99 4.80
C THR A 577 -1.75 1.58 3.93
N ALA A 578 -1.41 2.86 4.18
CA ALA A 578 -0.33 3.48 3.43
C ALA A 578 1.01 2.84 3.76
N VAL A 579 1.24 2.50 5.02
CA VAL A 579 2.47 1.82 5.39
C VAL A 579 2.55 0.46 4.69
N ILE A 580 1.41 -0.23 4.60
CA ILE A 580 1.39 -1.52 3.94
C ILE A 580 1.70 -1.36 2.46
N LYS A 581 1.11 -0.35 1.82
CA LYS A 581 1.38 -0.08 0.41
C LYS A 581 2.87 0.19 0.20
N LYS A 582 3.47 1.01 1.05
CA LYS A 582 4.87 1.35 0.88
C LYS A 582 5.77 0.14 1.11
N MET A 583 5.47 -0.67 2.13
CA MET A 583 6.28 -1.84 2.41
C MET A 583 6.11 -2.90 1.32
N LEU A 584 4.96 -2.90 0.64
CA LEU A 584 4.79 -3.79 -0.50
C LEU A 584 5.57 -3.31 -1.71
N ASP A 585 5.56 -2.00 -1.97
CA ASP A 585 6.35 -1.45 -3.07
C ASP A 585 7.83 -1.72 -2.85
N SER A 586 8.32 -1.45 -1.65
CA SER A 586 9.74 -1.62 -1.37
C SER A 586 10.14 -3.10 -1.35
N SER A 587 9.24 -3.98 -0.91
CA SER A 587 9.54 -5.39 -0.80
C SER A 587 9.46 -6.13 -2.14
N SER A 588 9.25 -5.43 -3.24
CA SER A 588 9.13 -6.10 -4.53
C SER A 588 10.46 -6.75 -4.90
N GLY A 589 10.39 -7.73 -5.80
CA GLY A 589 11.57 -8.49 -6.16
C GLY A 589 12.03 -9.45 -5.10
N GLN A 590 11.17 -9.80 -4.15
CA GLN A 590 11.49 -10.72 -3.07
C GLN A 590 10.55 -11.91 -3.12
N GLY A 591 11.11 -13.11 -3.01
CA GLY A 591 10.31 -14.31 -3.05
C GLY A 591 9.60 -14.51 -4.37
N LEU A 592 10.38 -14.70 -5.44
CA LEU A 592 9.83 -14.88 -6.78
C LEU A 592 10.40 -16.07 -7.53
N LYS A 593 11.38 -16.79 -6.98
CA LYS A 593 11.97 -17.95 -7.63
C LYS A 593 12.57 -17.59 -8.99
N SER A 594 13.05 -16.36 -9.12
CA SER A 594 13.63 -15.88 -10.36
C SER A 594 14.61 -14.76 -10.05
N TYR A 595 15.61 -14.63 -10.92
CA TYR A 595 16.65 -13.63 -10.77
C TYR A 595 16.51 -12.46 -11.72
N GLU A 596 15.45 -12.43 -12.54
CA GLU A 596 15.24 -11.35 -13.48
C GLU A 596 14.77 -10.07 -12.80
N ALA A 597 14.46 -10.10 -11.50
CA ALA A 597 14.05 -8.92 -10.76
C ALA A 597 14.42 -9.14 -9.31
N ILE A 598 15.38 -8.36 -8.81
CA ILE A 598 15.94 -8.54 -7.48
C ILE A 598 15.98 -7.20 -6.77
N CYS A 599 15.45 -7.18 -5.55
CA CYS A 599 15.65 -6.09 -4.62
C CYS A 599 16.70 -6.51 -3.59
N ILE A 600 17.38 -5.51 -3.04
CA ILE A 600 18.38 -5.72 -2.00
C ILE A 600 18.16 -4.63 -0.96
N ALA A 601 17.68 -5.01 0.21
CA ALA A 601 17.45 -4.05 1.27
C ALA A 601 18.76 -3.71 1.97
N ASN A 602 18.77 -2.55 2.63
CA ASN A 602 19.92 -2.07 3.37
C ASN A 602 19.40 -1.42 4.65
N HIS A 603 19.36 -2.19 5.72
CA HIS A 603 18.96 -1.66 7.03
C HIS A 603 20.18 -1.04 7.68
N ILE A 604 20.10 0.25 7.95
CA ILE A 604 21.24 1.05 8.37
C ILE A 604 21.16 1.29 9.87
N ASP A 605 22.29 1.13 10.55
CA ASP A 605 22.41 1.41 11.97
C ASP A 605 23.26 2.66 12.14
N TYR A 606 22.66 3.70 12.69
CA TYR A 606 23.34 4.98 12.93
C TYR A 606 23.82 5.02 14.37
N GLU A 607 25.11 5.31 14.54
CA GLU A 607 25.70 5.43 15.87
C GLU A 607 25.26 6.76 16.48
N LYS A 608 24.22 6.71 17.32
CA LYS A 608 23.70 7.89 18.01
C LYS A 608 23.27 8.96 17.00
N TRP A 609 22.29 8.58 16.19
CA TRP A 609 21.76 9.47 15.16
C TRP A 609 21.25 10.77 15.76
N ASN A 610 20.68 10.71 16.96
CA ASN A 610 20.04 11.86 17.57
C ASN A 610 21.01 12.78 18.30
N ASN A 611 22.20 12.29 18.64
CA ASN A 611 23.19 13.07 19.37
C ASN A 611 24.23 13.70 18.45
N HIS A 612 24.55 13.06 17.33
CA HIS A 612 25.59 13.52 16.43
C HIS A 612 25.13 14.60 15.46
N GLN A 613 23.98 15.22 15.72
CA GLN A 613 23.50 16.31 14.89
C GLN A 613 24.18 17.61 15.31
N ARG A 614 24.52 18.44 14.32
CA ARG A 614 25.26 19.67 14.55
C ARG A 614 24.66 20.79 13.72
N LYS A 615 24.80 22.01 14.23
CA LYS A 615 24.22 23.17 13.57
C LYS A 615 24.82 23.40 12.19
N LEU A 616 26.12 23.11 12.04
CA LEU A 616 26.78 23.33 10.77
C LEU A 616 26.35 22.36 9.69
N SER A 617 25.65 21.28 10.05
CA SER A 617 25.18 20.29 9.09
C SER A 617 23.73 20.47 8.69
N ASN A 618 22.95 21.23 9.46
CA ASN A 618 21.54 21.46 9.15
C ASN A 618 21.16 22.92 9.36
N GLY A 619 22.10 23.84 9.19
CA GLY A 619 21.81 25.25 9.24
C GLY A 619 21.00 25.73 8.06
N PRO A 620 21.58 25.67 6.85
CA PRO A 620 20.86 26.19 5.68
C PRO A 620 19.64 25.37 5.32
N VAL A 621 19.65 24.07 5.59
CA VAL A 621 18.50 23.24 5.25
C VAL A 621 17.29 23.64 6.09
N PHE A 622 17.52 24.16 7.30
CA PHE A 622 16.45 24.69 8.12
C PHE A 622 16.16 26.15 7.82
N ARG A 623 17.16 26.90 7.37
CA ARG A 623 16.92 28.29 6.97
C ARG A 623 15.99 28.33 5.76
N VAL A 624 16.12 27.36 4.86
CA VAL A 624 15.21 27.26 3.72
C VAL A 624 13.78 27.07 4.21
N MET A 625 13.60 26.17 5.18
CA MET A 625 12.28 25.95 5.77
C MET A 625 11.73 27.23 6.37
N GLY A 626 12.57 27.95 7.12
CA GLY A 626 12.12 29.19 7.71
C GLY A 626 11.74 30.22 6.67
N GLN A 627 12.48 30.27 5.56
CA GLN A 627 12.13 31.15 4.46
C GLN A 627 10.75 30.80 3.91
N PHE A 628 10.54 29.52 3.61
CA PHE A 628 9.27 29.07 3.05
C PHE A 628 8.12 29.16 4.03
N LEU A 629 8.38 29.45 5.31
CA LEU A 629 7.34 29.64 6.30
C LEU A 629 7.16 31.10 6.71
N GLY A 630 7.93 32.01 6.12
CA GLY A 630 7.83 33.41 6.48
C GLY A 630 8.59 33.80 7.73
N TYR A 631 9.54 32.98 8.15
CA TYR A 631 10.30 33.22 9.38
C TYR A 631 11.72 32.70 9.19
N PRO A 632 12.52 33.39 8.37
CA PRO A 632 13.91 32.95 8.17
C PRO A 632 14.71 33.11 9.44
N SER A 633 15.56 32.12 9.71
CA SER A 633 16.23 31.97 11.01
C SER A 633 15.20 31.70 12.11
N LEU A 634 14.36 30.69 11.88
CA LEU A 634 13.43 30.16 12.87
C LEU A 634 13.78 28.75 13.28
N ILE A 635 13.98 27.86 12.32
CA ILE A 635 14.18 26.44 12.61
C ILE A 635 15.66 26.10 12.79
N GLU A 636 16.57 26.88 12.23
CA GLU A 636 17.99 26.64 12.44
C GLU A 636 18.43 26.98 13.87
N ARG A 637 17.59 27.65 14.65
CA ARG A 637 17.92 28.03 16.01
C ARG A 637 17.87 26.86 17.00
N THR A 638 17.54 25.66 16.54
CA THR A 638 17.40 24.52 17.46
C THR A 638 18.67 24.31 18.27
N HIS A 639 19.81 24.25 17.59
CA HIS A 639 21.07 24.07 18.28
C HIS A 639 21.56 25.35 18.93
N GLU A 640 21.00 26.50 18.56
CA GLU A 640 21.20 27.70 19.36
C GLU A 640 20.48 27.59 20.69
N PHE A 641 19.40 26.81 20.75
CA PHE A 641 18.70 26.57 22.01
C PHE A 641 19.38 25.46 22.80
N PHE A 642 19.89 24.43 22.13
CA PHE A 642 20.61 23.38 22.83
C PHE A 642 21.94 23.89 23.38
N GLU A 643 22.65 24.71 22.61
CA GLU A 643 23.94 25.22 23.05
C GLU A 643 23.80 26.22 24.20
N LYS A 644 22.61 26.81 24.37
CA LYS A 644 22.38 27.81 25.41
C LYS A 644 21.54 27.29 26.57
N SER A 645 21.16 26.02 26.56
CA SER A 645 20.26 25.46 27.55
C SER A 645 21.02 24.64 28.58
N LEU A 646 20.30 24.26 29.64
CA LEU A 646 20.84 23.55 30.78
C LEU A 646 20.22 22.16 30.83
N ILE A 647 21.05 21.13 30.77
CA ILE A 647 20.61 19.75 30.87
C ILE A 647 20.79 19.30 32.31
N TYR A 648 19.77 18.66 32.88
CA TYR A 648 19.83 18.17 34.25
C TYR A 648 18.94 16.96 34.39
N TYR A 649 19.40 15.99 35.19
CA TYR A 649 18.62 14.80 35.53
C TYR A 649 17.86 15.06 36.83
N ASN A 650 16.53 15.02 36.77
CA ASN A 650 15.71 15.34 37.93
C ASN A 650 15.39 14.11 38.76
N GLY A 651 16.43 13.37 39.15
CA GLY A 651 16.31 12.37 40.18
C GLY A 651 17.26 12.60 41.33
N ARG A 652 18.35 13.32 41.05
CA ARG A 652 19.45 13.50 41.99
C ARG A 652 19.85 14.96 42.05
N PRO A 653 19.06 15.81 42.70
CA PRO A 653 19.52 17.17 43.01
C PRO A 653 20.54 17.24 44.13
N ASP A 654 20.86 16.11 44.77
CA ASP A 654 21.86 16.10 45.82
C ASP A 654 23.24 16.45 45.28
N LEU A 655 23.50 16.18 44.01
CA LEU A 655 24.83 16.32 43.43
C LEU A 655 25.08 17.71 42.87
N MET A 656 24.02 18.40 42.45
CA MET A 656 24.16 19.68 41.77
C MET A 656 24.14 20.83 42.76
N ARG A 657 24.76 21.95 42.37
CA ARG A 657 24.77 23.16 43.16
C ARG A 657 24.66 24.37 42.25
N VAL A 658 24.05 25.42 42.76
CA VAL A 658 23.81 26.62 41.98
C VAL A 658 25.10 27.42 41.87
N HIS A 659 25.38 27.92 40.67
CA HIS A 659 26.56 28.75 40.45
C HIS A 659 26.26 29.69 39.29
N ASN A 660 25.93 30.95 39.61
CA ASN A 660 25.76 32.01 38.63
C ASN A 660 24.70 31.64 37.58
N ASN A 661 23.48 31.42 38.06
CA ASN A 661 22.33 31.16 37.20
C ASN A 661 22.52 29.89 36.37
N THR A 662 23.21 28.90 36.93
CA THR A 662 23.34 27.61 36.29
C THR A 662 23.84 26.61 37.34
N LEU A 663 23.76 25.34 36.99
CA LEU A 663 24.08 24.24 37.90
C LEU A 663 25.45 23.67 37.57
N ILE A 664 26.14 23.20 38.61
CA ILE A 664 27.42 22.53 38.46
C ILE A 664 27.43 21.29 39.34
N ASN A 665 28.18 20.29 38.92
CA ASN A 665 28.30 19.04 39.65
C ASN A 665 29.33 19.17 40.76
N SER A 666 29.08 18.45 41.87
CA SER A 666 29.95 18.47 43.02
C SER A 666 30.28 17.06 43.52
N THR A 667 30.13 16.05 42.66
CA THR A 667 30.38 14.66 43.05
C THR A 667 31.14 13.88 41.98
N SER A 668 31.58 14.53 40.90
CA SER A 668 32.30 13.86 39.82
C SER A 668 31.45 12.74 39.21
N GLN A 669 30.18 13.06 38.96
CA GLN A 669 29.24 12.14 38.32
C GLN A 669 28.61 12.68 37.05
N ARG A 670 28.61 14.00 36.85
CA ARG A 670 28.15 14.62 35.61
C ARG A 670 26.70 14.23 35.31
N VAL A 671 25.82 14.63 36.25
CA VAL A 671 24.38 14.49 36.05
C VAL A 671 23.77 15.72 35.40
N CYS A 672 24.48 16.83 35.31
CA CYS A 672 23.98 18.04 34.69
C CYS A 672 25.12 18.75 33.98
N TRP A 673 24.76 19.60 33.02
CA TRP A 673 25.74 20.43 32.34
C TRP A 673 25.03 21.59 31.67
N GLN A 674 25.83 22.54 31.18
CA GLN A 674 25.35 23.77 30.59
C GLN A 674 25.65 23.74 29.10
N GLY A 675 24.59 23.68 28.30
CA GLY A 675 24.72 23.81 26.86
C GLY A 675 25.27 22.57 26.20
N GLN A 676 24.86 22.32 24.96
CA GLN A 676 25.41 21.23 24.18
C GLN A 676 25.03 21.44 22.72
N GLU A 677 25.71 20.70 21.85
CA GLU A 677 25.53 20.80 20.41
C GLU A 677 25.00 19.49 19.83
N GLY A 678 24.06 18.89 20.54
CA GLY A 678 23.47 17.64 20.10
C GLY A 678 22.00 17.57 20.45
N GLY A 679 21.30 16.70 19.74
CA GLY A 679 19.86 16.60 19.86
C GLY A 679 19.43 15.51 20.83
N LEU A 680 18.15 15.59 21.20
CA LEU A 680 17.51 14.66 22.12
C LEU A 680 16.37 13.94 21.43
N GLU A 681 15.92 12.85 22.05
CA GLU A 681 14.92 12.00 21.43
C GLU A 681 13.57 12.69 21.35
N GLY A 682 12.95 12.62 20.17
CA GLY A 682 11.62 13.14 19.95
C GLY A 682 11.56 14.55 19.42
N LEU A 683 12.71 15.18 19.18
CA LEU A 683 12.78 16.59 18.79
C LEU A 683 13.47 16.69 17.43
N ARG A 684 12.81 17.37 16.49
CA ARG A 684 13.35 17.59 15.14
C ARG A 684 13.71 16.27 14.46
N GLN A 685 13.00 15.19 14.78
CA GLN A 685 13.18 13.96 14.03
C GLN A 685 12.87 14.17 12.56
N LYS A 686 11.86 14.99 12.26
CA LYS A 686 11.42 15.16 10.89
C LYS A 686 12.43 15.94 10.07
N GLY A 687 13.00 17.01 10.63
CA GLY A 687 14.01 17.77 9.91
C GLY A 687 15.25 16.95 9.61
N TRP A 688 15.73 16.20 10.60
CA TRP A 688 16.92 15.37 10.39
C TRP A 688 16.64 14.24 9.41
N THR A 689 15.43 13.67 9.45
CA THR A 689 15.08 12.65 8.47
C THR A 689 15.03 13.24 7.07
N ILE A 690 14.51 14.47 6.94
CA ILE A 690 14.51 15.14 5.65
C ILE A 690 15.94 15.34 5.16
N LEU A 691 16.84 15.72 6.07
CA LEU A 691 18.24 15.89 5.70
C LEU A 691 18.84 14.58 5.19
N ASN A 692 18.61 13.49 5.91
CA ASN A 692 19.11 12.20 5.48
C ASN A 692 18.55 11.80 4.12
N LEU A 693 17.27 12.10 3.88
CA LEU A 693 16.68 11.76 2.60
C LEU A 693 17.26 12.60 1.47
N LEU A 694 17.55 13.87 1.74
CA LEU A 694 18.22 14.69 0.74
C LEU A 694 19.58 14.10 0.40
N VAL A 695 20.32 13.66 1.41
CA VAL A 695 21.60 13.00 1.18
C VAL A 695 21.41 11.79 0.28
N ILE A 696 20.41 10.96 0.61
CA ILE A 696 20.20 9.72 -0.12
C ILE A 696 19.83 10.00 -1.57
N GLN A 697 18.92 10.95 -1.79
CA GLN A 697 18.52 11.30 -3.14
C GLN A 697 19.70 11.82 -3.95
N ARG A 698 20.50 12.70 -3.35
CA ARG A 698 21.64 13.26 -4.05
C ARG A 698 22.62 12.17 -4.46
N GLU A 699 22.98 11.31 -3.52
CA GLU A 699 23.97 10.27 -3.83
C GLU A 699 23.40 9.24 -4.81
N ALA A 700 22.11 8.98 -4.75
CA ALA A 700 21.50 8.05 -5.69
C ALA A 700 21.49 8.62 -7.10
N LYS A 701 21.17 9.92 -7.24
CA LYS A 701 21.21 10.53 -8.55
C LYS A 701 22.63 10.61 -9.09
N ILE A 702 23.61 10.83 -8.21
CA ILE A 702 25.01 10.83 -8.65
C ILE A 702 25.40 9.44 -9.14
N ARG A 703 25.07 8.41 -8.37
CA ARG A 703 25.30 7.04 -8.83
C ARG A 703 24.39 6.65 -9.98
N ASN A 704 23.31 7.40 -10.21
CA ASN A 704 22.34 7.07 -11.25
C ASN A 704 21.68 5.72 -10.96
N THR A 705 21.33 5.51 -9.69
CA THR A 705 20.82 4.24 -9.20
C THR A 705 19.39 4.42 -8.70
N ALA A 706 18.55 3.44 -8.97
CA ALA A 706 17.18 3.44 -8.49
C ALA A 706 17.11 2.89 -7.08
N VAL A 707 16.37 3.58 -6.20
CA VAL A 707 16.30 3.22 -4.79
C VAL A 707 14.91 3.54 -4.27
N LYS A 708 14.33 2.59 -3.55
CA LYS A 708 13.19 2.84 -2.69
C LYS A 708 13.69 3.14 -1.29
N VAL A 709 12.91 3.90 -0.53
CA VAL A 709 13.34 4.38 0.78
C VAL A 709 12.18 4.29 1.76
N LEU A 710 12.48 3.79 2.96
CA LEU A 710 11.57 3.82 4.09
C LEU A 710 12.32 4.39 5.28
N ALA A 711 11.68 5.28 6.03
CA ALA A 711 12.38 5.99 7.10
C ALA A 711 11.39 6.56 8.09
N GLN A 712 11.74 6.43 9.37
CA GLN A 712 11.07 7.13 10.46
C GLN A 712 12.05 7.92 11.32
N GLY A 713 13.31 8.04 10.89
CA GLY A 713 14.36 8.60 11.72
C GLY A 713 15.62 7.77 11.70
N ASP A 714 16.03 7.30 12.88
CA ASP A 714 17.27 6.55 12.97
C ASP A 714 17.22 5.23 12.21
N ASN A 715 16.02 4.64 12.07
CA ASN A 715 15.85 3.38 11.37
C ASN A 715 15.42 3.66 9.95
N GLN A 716 16.23 3.23 8.99
CA GLN A 716 16.02 3.52 7.59
C GLN A 716 16.37 2.30 6.75
N VAL A 717 15.54 2.03 5.74
CA VAL A 717 15.75 0.94 4.81
C VAL A 717 15.87 1.53 3.41
N ILE A 718 16.99 1.25 2.74
CA ILE A 718 17.28 1.76 1.41
C ILE A 718 17.37 0.55 0.50
N CYS A 719 16.32 0.33 -0.29
CA CYS A 719 16.18 -0.86 -1.11
C CYS A 719 16.64 -0.55 -2.53
N THR A 720 17.71 -1.21 -2.96
CA THR A 720 18.23 -1.05 -4.31
C THR A 720 17.63 -2.11 -5.21
N GLN A 721 17.13 -1.70 -6.36
CA GLN A 721 16.35 -2.55 -7.24
C GLN A 721 17.08 -2.76 -8.56
N TYR A 722 17.00 -3.99 -9.07
CA TYR A 722 17.69 -4.38 -10.30
C TYR A 722 16.83 -5.36 -11.06
N LYS A 723 17.04 -5.41 -12.38
CA LYS A 723 16.39 -6.39 -13.23
C LYS A 723 17.31 -6.72 -14.38
N THR A 724 17.20 -7.96 -14.86
CA THR A 724 18.09 -8.48 -15.89
C THR A 724 17.25 -9.34 -16.84
N LYS A 725 17.93 -10.08 -17.71
CA LYS A 725 17.32 -10.87 -18.76
C LYS A 725 17.54 -12.35 -18.47
N LYS A 726 17.07 -13.19 -19.40
CA LYS A 726 17.26 -14.62 -19.26
C LYS A 726 18.71 -15.00 -19.52
N SER A 727 19.29 -15.74 -18.59
CA SER A 727 20.70 -16.10 -18.66
C SER A 727 20.91 -17.35 -19.50
N ARG A 728 22.10 -17.45 -20.09
CA ARG A 728 22.49 -18.62 -20.87
C ARG A 728 23.10 -19.73 -20.01
N ASN A 729 23.53 -19.41 -18.80
CA ASN A 729 24.17 -20.37 -17.92
C ASN A 729 24.19 -19.78 -16.51
N VAL A 730 24.73 -20.55 -15.57
CA VAL A 730 24.74 -20.12 -14.18
C VAL A 730 25.92 -19.19 -13.90
N VAL A 731 27.00 -19.32 -14.66
CA VAL A 731 28.17 -18.46 -14.45
C VAL A 731 27.82 -17.01 -14.71
N GLU A 732 27.14 -16.74 -15.82
CA GLU A 732 26.75 -15.37 -16.13
C GLU A 732 25.80 -14.81 -15.09
N LEU A 733 24.88 -15.64 -14.60
CA LEU A 733 23.96 -15.19 -13.56
C LEU A 733 24.71 -14.83 -12.28
N GLN A 734 25.65 -15.67 -11.87
CA GLN A 734 26.42 -15.38 -10.66
C GLN A 734 27.26 -14.12 -10.84
N GLY A 735 27.81 -13.91 -12.04
CA GLY A 735 28.54 -12.68 -12.29
C GLY A 735 27.64 -11.46 -12.22
N ALA A 736 26.43 -11.57 -12.77
CA ALA A 736 25.47 -10.49 -12.68
C ALA A 736 25.13 -10.16 -11.24
N LEU A 737 24.97 -11.19 -10.41
CA LEU A 737 24.69 -10.95 -9.00
C LEU A 737 25.88 -10.31 -8.29
N ASN A 738 27.10 -10.72 -8.67
CA ASN A 738 28.29 -10.06 -8.14
C ASN A 738 28.27 -8.57 -8.47
N GLN A 739 27.94 -8.23 -9.72
CA GLN A 739 27.87 -6.82 -10.10
C GLN A 739 26.75 -6.09 -9.37
N MET A 740 25.63 -6.77 -9.14
CA MET A 740 24.54 -6.17 -8.36
C MET A 740 25.03 -5.77 -6.98
N VAL A 741 25.65 -6.72 -6.26
CA VAL A 741 26.10 -6.41 -4.90
C VAL A 741 27.22 -5.37 -4.93
N SER A 742 28.02 -5.36 -5.99
CA SER A 742 29.06 -4.34 -6.12
C SER A 742 28.44 -2.95 -6.23
N ASN A 743 27.45 -2.79 -7.10
CA ASN A 743 26.79 -1.49 -7.23
C ASN A 743 26.10 -1.09 -5.94
N ASN A 744 25.51 -2.07 -5.25
CA ASN A 744 24.85 -1.79 -3.97
C ASN A 744 25.84 -1.26 -2.95
N GLU A 745 26.97 -1.94 -2.78
CA GLU A 745 27.96 -1.46 -1.82
C GLU A 745 28.57 -0.14 -2.27
N LYS A 746 28.62 0.12 -3.57
CA LYS A 746 29.08 1.43 -4.05
C LYS A 746 28.17 2.54 -3.57
N ILE A 747 26.86 2.39 -3.79
CA ILE A 747 25.93 3.44 -3.35
C ILE A 747 25.94 3.54 -1.83
N MET A 748 26.09 2.42 -1.12
CA MET A 748 26.10 2.50 0.33
C MET A 748 27.36 3.20 0.84
N THR A 749 28.50 2.98 0.18
CA THR A 749 29.71 3.72 0.50
C THR A 749 29.52 5.20 0.25
N ALA A 750 28.87 5.56 -0.85
CA ALA A 750 28.60 6.97 -1.13
C ALA A 750 27.74 7.59 -0.04
N ILE A 751 26.71 6.87 0.41
CA ILE A 751 25.84 7.39 1.46
C ILE A 751 26.60 7.51 2.77
N LYS A 752 27.50 6.54 3.04
CA LYS A 752 28.35 6.62 4.22
C LYS A 752 29.21 7.87 4.18
N ILE A 753 29.84 8.14 3.03
CA ILE A 753 30.69 9.33 2.90
C ILE A 753 29.85 10.59 3.09
N GLY A 754 28.63 10.59 2.56
CA GLY A 754 27.78 11.76 2.73
C GLY A 754 27.45 12.01 4.18
N THR A 755 27.03 10.97 4.89
CA THR A 755 26.71 11.12 6.31
C THR A 755 27.94 11.49 7.12
N GLY A 756 29.12 11.05 6.68
CA GLY A 756 30.34 11.46 7.35
C GLY A 756 30.66 12.93 7.13
N LYS A 757 30.45 13.40 5.91
CA LYS A 757 30.58 14.84 5.66
C LYS A 757 29.58 15.63 6.49
N LEU A 758 28.42 15.05 6.78
CA LEU A 758 27.43 15.71 7.62
C LEU A 758 27.68 15.50 9.10
N GLY A 759 28.55 14.57 9.48
CA GLY A 759 28.82 14.31 10.88
C GLY A 759 27.93 13.24 11.48
N LEU A 760 27.66 12.20 10.69
CA LEU A 760 26.84 11.07 11.13
C LEU A 760 27.50 9.78 10.67
N LEU A 761 27.53 8.79 11.55
CA LEU A 761 28.22 7.54 11.28
C LEU A 761 27.24 6.45 10.87
N ILE A 762 27.75 5.49 10.11
CA ILE A 762 26.98 4.34 9.63
C ILE A 762 27.87 3.12 9.82
N ASN A 763 27.56 2.32 10.84
CA ASN A 763 28.34 1.14 11.16
C ASN A 763 28.12 0.09 10.08
N ASP A 764 29.12 -0.08 9.21
CA ASP A 764 29.00 -1.03 8.11
C ASP A 764 29.05 -2.47 8.58
N ASP A 765 29.55 -2.73 9.79
CA ASP A 765 29.55 -4.09 10.33
C ASP A 765 28.21 -4.48 10.93
N GLU A 766 27.29 -3.52 11.11
CA GLU A 766 25.96 -3.80 11.62
C GLU A 766 24.87 -3.60 10.59
N THR A 767 25.19 -3.09 9.41
CA THR A 767 24.19 -2.93 8.36
C THR A 767 23.69 -4.30 7.91
N MET A 768 22.38 -4.41 7.72
CA MET A 768 21.75 -5.67 7.35
C MET A 768 21.40 -5.64 5.88
N GLN A 769 21.88 -6.63 5.14
CA GLN A 769 21.68 -6.72 3.70
C GLN A 769 21.06 -8.07 3.37
N SER A 770 20.02 -8.06 2.55
CA SER A 770 19.32 -9.26 2.16
C SER A 770 18.45 -8.96 0.96
N ALA A 771 18.30 -9.96 0.08
CA ALA A 771 17.47 -9.85 -1.11
C ALA A 771 16.16 -10.58 -1.00
N ASP A 772 15.87 -11.23 0.14
CA ASP A 772 14.60 -11.92 0.34
C ASP A 772 14.02 -11.68 1.72
N TYR A 773 14.45 -10.63 2.41
CA TYR A 773 13.96 -10.34 3.75
C TYR A 773 14.07 -8.85 4.00
N LEU A 774 13.10 -8.29 4.70
CA LEU A 774 13.10 -6.88 5.05
C LEU A 774 12.57 -6.72 6.47
N ASN A 775 12.90 -5.60 7.08
CA ASN A 775 12.50 -5.33 8.46
C ASN A 775 12.37 -3.83 8.64
N TYR A 776 11.21 -3.40 9.13
CA TYR A 776 10.92 -1.97 9.26
C TYR A 776 9.92 -1.80 10.39
N GLY A 777 10.36 -1.17 11.47
CA GLY A 777 9.48 -0.94 12.60
C GLY A 777 9.18 -2.20 13.40
N LYS A 778 10.16 -3.09 13.52
CA LYS A 778 9.98 -4.36 14.22
C LYS A 778 8.86 -5.18 13.58
N ILE A 779 8.80 -5.14 12.25
CA ILE A 779 7.77 -5.85 11.48
C ILE A 779 8.47 -6.62 10.37
N PRO A 780 8.71 -7.93 10.53
CA PRO A 780 9.41 -8.67 9.48
C PRO A 780 8.60 -8.77 8.20
N ILE A 781 9.33 -8.90 7.09
CA ILE A 781 8.77 -9.14 5.77
C ILE A 781 9.58 -10.23 5.13
N PHE A 782 9.04 -11.45 5.13
CA PHE A 782 9.77 -12.65 4.75
C PHE A 782 9.32 -13.04 3.34
N ARG A 783 10.24 -12.94 2.39
CA ARG A 783 9.95 -13.25 0.98
C ARG A 783 8.78 -12.41 0.46
N GLY A 784 8.74 -11.15 0.88
CA GLY A 784 7.73 -10.23 0.42
C GLY A 784 6.45 -10.25 1.22
N VAL A 785 6.20 -11.30 1.97
CA VAL A 785 4.96 -11.44 2.75
C VAL A 785 5.17 -10.78 4.10
N ILE A 786 4.20 -9.97 4.51
CA ILE A 786 4.24 -9.31 5.81
C ILE A 786 3.79 -10.30 6.87
N ARG A 787 4.44 -10.26 8.02
CA ARG A 787 4.18 -11.17 9.12
C ARG A 787 4.08 -10.40 10.42
N GLY A 788 3.14 -10.80 11.27
CA GLY A 788 2.89 -10.13 12.54
C GLY A 788 3.34 -11.00 13.69
N LEU A 789 3.98 -10.38 14.67
CA LEU A 789 4.47 -11.07 15.86
C LEU A 789 3.28 -11.27 16.79
N GLU A 790 2.70 -12.47 16.77
CA GLU A 790 1.49 -12.73 17.53
C GLU A 790 1.77 -12.78 19.03
N THR A 791 2.90 -13.37 19.42
CA THR A 791 3.16 -13.59 20.84
C THR A 791 3.31 -12.29 21.61
N LYS A 792 3.88 -11.26 20.99
CA LYS A 792 3.98 -9.96 21.65
C LYS A 792 2.61 -9.40 21.98
N ARG A 793 1.58 -9.81 21.24
CA ARG A 793 0.25 -9.28 21.44
C ARG A 793 -0.48 -10.04 22.54
N TRP A 794 -0.37 -11.37 22.54
CA TRP A 794 -0.97 -12.15 23.60
C TRP A 794 -0.26 -11.99 24.93
N SER A 795 1.02 -11.59 24.91
CA SER A 795 1.75 -11.35 26.14
C SER A 795 1.23 -10.15 26.91
N ARG A 796 0.41 -9.30 26.28
CA ARG A 796 -0.15 -8.11 26.91
C ARG A 796 -1.58 -8.33 27.38
N VAL A 797 -1.98 -9.58 27.57
CA VAL A 797 -3.33 -9.88 28.06
C VAL A 797 -3.35 -9.68 29.57
N THR A 798 -4.31 -8.88 30.03
CA THR A 798 -4.49 -8.44 31.41
C THR A 798 -3.50 -7.33 31.78
N CYS A 799 -2.62 -6.92 30.88
CA CYS A 799 -1.63 -5.88 31.16
C CYS A 799 -2.25 -4.54 30.77
N VAL A 800 -2.80 -3.83 31.76
CA VAL A 800 -3.44 -2.55 31.55
C VAL A 800 -2.38 -1.49 31.29
N THR A 801 -2.80 -0.34 30.79
CA THR A 801 -1.90 0.73 30.40
C THR A 801 -1.70 1.69 31.57
N ASN A 802 -1.01 2.81 31.32
CA ASN A 802 -0.69 3.77 32.36
C ASN A 802 -1.97 4.41 32.90
N ASP A 803 -2.07 4.48 34.23
CA ASP A 803 -3.21 5.07 34.91
C ASP A 803 -4.51 4.42 34.45
N GLN A 804 -4.60 3.12 34.69
CA GLN A 804 -5.76 2.33 34.27
C GLN A 804 -5.88 1.16 35.22
N ILE A 805 -7.02 1.09 35.92
CA ILE A 805 -7.25 0.07 36.94
C ILE A 805 -7.78 -1.18 36.24
N PRO A 806 -7.46 -2.39 36.72
CA PRO A 806 -8.14 -3.58 36.18
C PRO A 806 -9.64 -3.47 36.39
N THR A 807 -10.37 -3.56 35.29
CA THR A 807 -11.80 -3.27 35.30
C THR A 807 -12.48 -4.15 34.25
N CYS A 808 -13.81 -4.26 34.37
CA CYS A 808 -14.57 -5.05 33.42
C CYS A 808 -14.36 -4.54 32.00
N ALA A 809 -14.25 -3.24 31.82
CA ALA A 809 -14.08 -2.64 30.51
C ALA A 809 -12.62 -2.57 30.07
N ASN A 810 -11.69 -2.46 31.01
CA ASN A 810 -10.29 -2.26 30.68
C ASN A 810 -9.55 -3.56 30.44
N ILE A 811 -9.84 -4.59 31.25
CA ILE A 811 -9.10 -5.84 31.12
C ILE A 811 -9.47 -6.56 29.84
N MET A 812 -10.68 -6.35 29.32
CA MET A 812 -11.10 -7.01 28.10
C MET A 812 -10.57 -6.32 26.86
N SER A 813 -10.30 -5.01 26.94
CA SER A 813 -9.65 -4.32 25.83
C SER A 813 -8.28 -4.92 25.56
N SER A 814 -7.59 -5.37 26.61
CA SER A 814 -6.26 -5.94 26.47
C SER A 814 -6.25 -7.15 25.53
N VAL A 815 -7.37 -7.85 25.43
CA VAL A 815 -7.48 -9.03 24.58
C VAL A 815 -8.14 -8.63 23.27
N SER A 816 -9.09 -7.70 23.32
CA SER A 816 -9.80 -7.30 22.11
C SER A 816 -8.86 -6.63 21.11
N THR A 817 -8.13 -5.60 21.56
CA THR A 817 -7.23 -4.89 20.66
C THR A 817 -6.16 -5.82 20.11
N ASN A 818 -5.63 -6.71 20.95
CA ASN A 818 -4.56 -7.59 20.52
C ASN A 818 -5.08 -8.65 19.55
N ALA A 819 -6.31 -9.13 19.74
CA ALA A 819 -6.86 -10.09 18.79
C ALA A 819 -7.13 -9.42 17.45
N LEU A 820 -7.65 -8.19 17.46
CA LEU A 820 -7.83 -7.47 16.21
C LEU A 820 -6.50 -7.25 15.51
N THR A 821 -5.47 -6.88 16.27
CA THR A 821 -4.15 -6.67 15.68
C THR A 821 -3.59 -7.98 15.11
N VAL A 822 -3.83 -9.09 15.79
CA VAL A 822 -3.36 -10.39 15.30
C VAL A 822 -4.08 -10.76 14.02
N ALA A 823 -5.37 -10.42 13.93
CA ALA A 823 -6.14 -10.74 12.74
C ALA A 823 -5.75 -9.86 11.57
N HIS A 824 -5.39 -8.60 11.83
CA HIS A 824 -5.03 -7.70 10.74
C HIS A 824 -3.81 -8.20 9.98
N PHE A 825 -2.80 -8.68 10.70
CA PHE A 825 -1.55 -9.15 10.11
C PHE A 825 -1.53 -10.66 9.95
N ALA A 826 -2.68 -11.29 9.72
CA ALA A 826 -2.74 -12.73 9.58
C ALA A 826 -3.90 -13.12 8.67
N GLU A 827 -3.68 -14.17 7.90
CA GLU A 827 -4.71 -14.72 7.02
C GLU A 827 -5.62 -15.65 7.80
N ASN A 828 -6.85 -15.82 7.28
CA ASN A 828 -7.83 -16.72 7.87
C ASN A 828 -8.01 -16.45 9.36
N PRO A 829 -8.64 -15.33 9.74
CA PRO A 829 -8.69 -14.96 11.16
C PRO A 829 -9.61 -15.86 11.98
N ILE A 830 -9.25 -17.13 12.05
CA ILE A 830 -9.99 -18.13 12.80
C ILE A 830 -9.33 -18.41 14.14
N ASN A 831 -8.00 -18.48 14.16
CA ASN A 831 -7.27 -18.65 15.42
C ASN A 831 -7.48 -17.45 16.33
N ALA A 832 -7.58 -16.26 15.76
CA ALA A 832 -7.79 -15.06 16.56
C ALA A 832 -9.08 -15.14 17.36
N MET A 833 -10.16 -15.66 16.76
CA MET A 833 -11.42 -15.80 17.46
C MET A 833 -11.31 -16.79 18.62
N ILE A 834 -10.68 -17.92 18.37
CA ILE A 834 -10.58 -18.97 19.38
C ILE A 834 -9.76 -18.47 20.56
N GLN A 835 -8.60 -17.89 20.29
CA GLN A 835 -7.77 -17.38 21.36
C GLN A 835 -8.40 -16.17 22.03
N TYR A 836 -9.21 -15.39 21.30
CA TYR A 836 -9.97 -14.32 21.92
C TYR A 836 -10.93 -14.88 22.96
N ASN A 837 -11.67 -15.94 22.60
CA ASN A 837 -12.57 -16.56 23.55
C ASN A 837 -11.82 -17.10 24.76
N TYR A 838 -10.72 -17.80 24.52
CA TYR A 838 -9.96 -18.41 25.59
C TYR A 838 -9.43 -17.36 26.57
N PHE A 839 -8.66 -16.39 26.05
CA PHE A 839 -8.11 -15.36 26.90
C PHE A 839 -9.19 -14.45 27.48
N GLY A 840 -10.35 -14.37 26.84
CA GLY A 840 -11.43 -13.59 27.41
C GLY A 840 -12.02 -14.24 28.65
N THR A 841 -12.26 -15.55 28.59
CA THR A 841 -12.72 -16.23 29.81
C THR A 841 -11.60 -16.28 30.85
N PHE A 842 -10.34 -16.34 30.41
CA PHE A 842 -9.21 -16.18 31.31
C PHE A 842 -9.33 -14.88 32.11
N ALA A 843 -9.46 -13.77 31.40
CA ALA A 843 -9.56 -12.47 32.08
C ALA A 843 -10.83 -12.39 32.91
N ARG A 844 -11.92 -13.01 32.45
CA ARG A 844 -13.16 -12.96 33.22
C ARG A 844 -13.00 -13.67 34.56
N LEU A 845 -12.33 -14.83 34.56
CA LEU A 845 -12.10 -15.52 35.83
C LEU A 845 -11.12 -14.76 36.70
N LEU A 846 -10.09 -14.17 36.09
CA LEU A 846 -9.13 -13.39 36.86
C LEU A 846 -9.79 -12.18 37.51
N LEU A 847 -10.79 -11.61 36.85
CA LEU A 847 -11.53 -10.48 37.41
C LEU A 847 -12.50 -10.94 38.49
N MET A 848 -13.22 -12.04 38.23
CA MET A 848 -14.13 -12.59 39.23
C MET A 848 -13.39 -13.00 40.49
N MET A 849 -12.10 -13.30 40.37
CA MET A 849 -11.27 -13.51 41.56
C MET A 849 -11.30 -12.28 42.46
N HIS A 850 -11.07 -11.10 41.88
CA HIS A 850 -11.13 -9.85 42.63
C HIS A 850 -11.23 -8.66 41.68
N ASP A 851 -12.23 -7.80 41.88
CA ASP A 851 -12.37 -6.59 41.08
C ASP A 851 -11.81 -5.41 41.88
N PRO A 852 -10.72 -4.78 41.45
CA PRO A 852 -10.19 -3.65 42.23
C PRO A 852 -11.16 -2.49 42.34
N ALA A 853 -12.01 -2.28 41.33
CA ALA A 853 -12.93 -1.15 41.39
C ALA A 853 -13.99 -1.37 42.48
N LEU A 854 -14.54 -2.57 42.56
CA LEU A 854 -15.50 -2.88 43.61
C LEU A 854 -14.85 -3.13 44.96
N ARG A 855 -13.53 -3.35 44.98
CA ARG A 855 -12.79 -3.57 46.22
C ARG A 855 -13.19 -4.87 46.90
N GLN A 856 -13.69 -5.84 46.14
CA GLN A 856 -14.03 -7.16 46.68
C GLN A 856 -14.25 -8.10 45.51
N SER A 857 -14.47 -9.38 45.84
CA SER A 857 -14.66 -10.40 44.83
C SER A 857 -16.09 -10.39 44.30
N LEU A 858 -16.25 -10.93 43.09
CA LEU A 858 -17.56 -11.02 42.48
C LEU A 858 -18.34 -12.25 42.94
N TYR A 859 -17.64 -13.30 43.38
CA TYR A 859 -18.33 -14.46 43.93
C TYR A 859 -19.02 -14.12 45.24
N GLU A 860 -18.53 -13.12 45.97
CA GLU A 860 -19.04 -12.76 47.28
C GLU A 860 -20.17 -11.75 47.21
N VAL A 861 -20.81 -11.59 46.05
CA VAL A 861 -21.97 -10.73 45.90
C VAL A 861 -23.00 -11.47 45.06
N GLN A 862 -24.18 -11.71 45.64
CA GLN A 862 -25.29 -12.32 44.91
C GLN A 862 -26.61 -11.64 45.24
N ASP A 863 -26.59 -10.53 45.99
CA ASP A 863 -27.79 -9.80 46.35
C ASP A 863 -27.80 -8.37 45.85
N LYS A 864 -26.63 -7.80 45.53
CA LYS A 864 -26.54 -6.49 44.89
C LYS A 864 -26.48 -6.63 43.38
N ILE A 865 -25.58 -7.47 42.89
CA ILE A 865 -25.51 -7.84 41.48
C ILE A 865 -25.86 -9.32 41.39
N PRO A 866 -27.15 -9.68 41.37
CA PRO A 866 -27.51 -11.09 41.52
C PRO A 866 -27.46 -11.90 40.23
N GLY A 867 -27.19 -11.28 39.09
CA GLY A 867 -27.28 -11.98 37.82
C GLY A 867 -26.04 -12.71 37.37
N LEU A 868 -24.94 -12.60 38.10
CA LEU A 868 -23.73 -13.30 37.74
C LEU A 868 -23.92 -14.81 37.95
N HIS A 869 -22.89 -15.58 37.59
CA HIS A 869 -22.94 -17.04 37.64
C HIS A 869 -23.96 -17.59 36.64
N SER A 870 -24.20 -16.85 35.56
CA SER A 870 -25.11 -17.23 34.51
C SER A 870 -24.37 -17.30 33.18
N SER A 871 -24.96 -18.04 32.24
CA SER A 871 -24.34 -18.18 30.93
C SER A 871 -24.44 -16.88 30.13
N THR A 872 -25.60 -16.24 30.18
CA THR A 872 -25.81 -15.01 29.41
C THR A 872 -24.80 -13.94 29.78
N PHE A 873 -24.43 -13.88 31.07
CA PHE A 873 -23.35 -12.98 31.48
C PHE A 873 -22.06 -13.33 30.77
N LYS A 874 -21.76 -14.62 30.67
CA LYS A 874 -20.51 -15.06 30.07
C LYS A 874 -20.49 -14.77 28.57
N TYR A 875 -21.64 -14.77 27.93
CA TYR A 875 -21.69 -14.43 26.50
C TYR A 875 -21.66 -12.92 26.29
N ALA A 876 -22.29 -12.16 27.19
CA ALA A 876 -22.35 -10.71 27.04
C ALA A 876 -21.01 -10.06 27.38
N MET A 877 -20.28 -10.63 28.33
CA MET A 877 -18.97 -10.09 28.69
C MET A 877 -17.93 -10.27 27.60
N LEU A 878 -18.24 -11.04 26.55
CA LEU A 878 -17.26 -11.44 25.56
C LEU A 878 -17.69 -11.22 24.11
N TYR A 879 -18.99 -11.09 23.83
CA TYR A 879 -19.47 -10.98 22.45
C TYR A 879 -20.51 -9.89 22.24
N LEU A 880 -20.92 -9.16 23.28
CA LEU A 880 -21.94 -8.13 23.16
C LEU A 880 -21.26 -6.78 22.91
N ASP A 881 -21.34 -6.29 21.68
CA ASP A 881 -20.70 -5.04 21.33
C ASP A 881 -21.27 -3.91 22.19
N PRO A 882 -20.46 -2.93 22.62
CA PRO A 882 -21.01 -1.85 23.46
C PRO A 882 -22.05 -0.99 22.77
N SER A 883 -22.20 -1.09 21.46
CA SER A 883 -23.20 -0.27 20.77
C SER A 883 -24.61 -0.68 21.18
N ILE A 884 -24.91 -1.97 21.12
CA ILE A 884 -26.23 -2.49 21.49
C ILE A 884 -26.15 -2.94 22.93
N GLY A 885 -26.44 -2.02 23.85
CA GLY A 885 -26.61 -2.33 25.26
C GLY A 885 -25.47 -3.11 25.90
N GLY A 886 -24.26 -2.98 25.36
CA GLY A 886 -23.11 -3.70 25.85
C GLY A 886 -22.23 -2.87 26.77
N VAL A 887 -21.16 -3.51 27.23
CA VAL A 887 -20.14 -2.87 28.04
C VAL A 887 -18.79 -3.06 27.36
N SER A 888 -18.45 -4.31 27.08
CA SER A 888 -17.20 -4.69 26.46
C SER A 888 -17.46 -5.94 25.64
N GLY A 889 -16.41 -6.63 25.21
CA GLY A 889 -16.61 -7.87 24.50
C GLY A 889 -17.20 -7.70 23.12
N MET A 890 -16.44 -7.08 22.22
CA MET A 890 -16.87 -6.83 20.86
C MET A 890 -17.30 -8.11 20.16
N SER A 891 -18.06 -7.97 19.08
CA SER A 891 -18.55 -9.11 18.30
C SER A 891 -17.53 -9.53 17.26
N LEU A 892 -17.75 -10.72 16.69
CA LEU A 892 -16.83 -11.28 15.70
C LEU A 892 -16.92 -10.60 14.35
N SER A 893 -18.02 -9.93 14.04
CA SER A 893 -18.16 -9.28 12.74
C SER A 893 -17.12 -8.19 12.54
N ARG A 894 -16.51 -7.69 13.61
CA ARG A 894 -15.44 -6.71 13.47
C ARG A 894 -14.14 -7.30 12.95
N PHE A 895 -14.06 -8.62 12.81
CA PHE A 895 -12.89 -9.24 12.22
C PHE A 895 -12.91 -9.22 10.70
N LEU A 896 -13.98 -8.71 10.09
CA LEU A 896 -14.15 -8.71 8.64
C LEU A 896 -13.77 -7.36 8.02
N ILE A 897 -14.40 -6.29 8.49
CA ILE A 897 -14.08 -4.93 8.07
C ILE A 897 -13.46 -4.22 9.26
N ARG A 898 -12.42 -3.43 9.01
CA ARG A 898 -11.63 -2.86 10.09
C ARG A 898 -12.32 -1.64 10.71
N ALA A 899 -12.81 -0.73 9.88
CA ALA A 899 -13.31 0.57 10.31
C ALA A 899 -14.72 0.81 9.81
N PHE A 900 -15.58 -0.18 9.95
CA PHE A 900 -16.92 -0.07 9.42
C PHE A 900 -17.69 1.04 10.14
N PRO A 901 -18.48 1.88 9.42
CA PRO A 901 -19.11 3.02 10.08
C PRO A 901 -20.13 2.66 11.14
N ASP A 902 -21.06 1.76 10.81
CA ASP A 902 -22.21 1.48 11.67
C ASP A 902 -21.97 0.21 12.45
N PRO A 903 -21.66 0.27 13.75
CA PRO A 903 -21.54 -0.97 14.53
C PRO A 903 -22.90 -1.54 14.94
N VAL A 904 -23.90 -0.67 15.02
CA VAL A 904 -25.23 -1.09 15.42
C VAL A 904 -25.79 -2.11 14.44
N THR A 905 -25.40 -2.02 13.18
CA THR A 905 -25.81 -3.00 12.18
C THR A 905 -24.86 -4.18 12.13
N GLU A 906 -23.58 -3.98 12.42
CA GLU A 906 -22.64 -5.09 12.54
C GLU A 906 -23.14 -6.11 13.55
N SER A 907 -23.40 -5.64 14.78
CA SER A 907 -23.79 -6.55 15.85
C SER A 907 -25.11 -7.25 15.52
N LEU A 908 -26.07 -6.51 14.97
CA LEU A 908 -27.37 -7.10 14.67
C LEU A 908 -27.26 -8.15 13.57
N SER A 909 -26.48 -7.85 12.51
CA SER A 909 -26.26 -8.84 11.48
C SER A 909 -25.58 -10.08 12.04
N PHE A 910 -24.63 -9.88 12.96
CA PHE A 910 -23.93 -11.00 13.56
C PHE A 910 -24.90 -11.88 14.35
N TRP A 911 -25.72 -11.27 15.21
CA TRP A 911 -26.63 -12.05 16.03
C TRP A 911 -27.72 -12.71 15.19
N ARG A 912 -28.17 -12.07 14.12
CA ARG A 912 -29.12 -12.73 13.24
C ARG A 912 -28.47 -13.90 12.53
N PHE A 913 -27.23 -13.75 12.09
CA PHE A 913 -26.50 -14.86 11.49
C PHE A 913 -26.42 -16.03 12.45
N ILE A 914 -26.15 -15.75 13.73
CA ILE A 914 -26.06 -16.81 14.73
C ILE A 914 -27.42 -17.48 14.90
N HIS A 915 -28.47 -16.68 15.08
CA HIS A 915 -29.81 -17.23 15.27
C HIS A 915 -30.24 -18.08 14.10
N VAL A 916 -29.81 -17.73 12.88
CA VAL A 916 -30.20 -18.49 11.70
C VAL A 916 -29.41 -19.79 11.60
N HIS A 917 -28.10 -19.74 11.85
CA HIS A 917 -27.24 -20.89 11.70
C HIS A 917 -26.99 -21.61 13.02
N ALA A 918 -27.78 -21.34 14.05
CA ALA A 918 -27.62 -22.00 15.32
C ALA A 918 -28.23 -23.41 15.28
N ARG A 919 -27.89 -24.20 16.31
CA ARG A 919 -28.41 -25.56 16.46
C ARG A 919 -28.94 -25.79 17.87
N SER A 920 -29.27 -24.73 18.60
CA SER A 920 -29.79 -24.86 19.95
C SER A 920 -30.63 -23.64 20.29
N GLU A 921 -31.53 -23.81 21.25
CA GLU A 921 -32.48 -22.75 21.58
C GLU A 921 -31.87 -21.70 22.48
N HIS A 922 -30.87 -22.06 23.28
CA HIS A 922 -30.26 -21.09 24.19
C HIS A 922 -29.53 -20.00 23.42
N LEU A 923 -29.06 -20.31 22.21
CA LEU A 923 -28.43 -19.29 21.37
C LEU A 923 -29.48 -18.42 20.69
N LYS A 924 -30.60 -19.00 20.29
CA LYS A 924 -31.64 -18.23 19.61
C LYS A 924 -32.29 -17.25 20.58
N GLU A 925 -32.70 -17.74 21.75
CA GLU A 925 -33.31 -16.87 22.76
C GLU A 925 -32.37 -15.77 23.22
N MET A 926 -31.06 -15.92 23.00
CA MET A 926 -30.07 -14.96 23.42
C MET A 926 -29.76 -13.96 22.31
N SER A 927 -29.65 -14.44 21.08
CA SER A 927 -29.46 -13.56 19.93
C SER A 927 -30.67 -12.68 19.69
N ALA A 928 -31.85 -13.17 20.02
CA ALA A 928 -33.06 -12.36 19.94
C ALA A 928 -33.22 -11.42 21.13
N VAL A 929 -32.26 -11.42 22.06
CA VAL A 929 -32.30 -10.55 23.23
C VAL A 929 -31.21 -9.49 23.17
N PHE A 930 -30.03 -9.85 22.70
CA PHE A 930 -28.97 -8.85 22.57
C PHE A 930 -29.32 -7.78 21.55
N GLY A 931 -30.09 -8.13 20.52
CA GLY A 931 -30.52 -7.18 19.52
C GLY A 931 -31.77 -6.41 19.88
N ASN A 932 -32.43 -6.77 20.98
CA ASN A 932 -33.66 -6.12 21.44
C ASN A 932 -33.45 -5.61 22.85
N PRO A 933 -32.64 -4.57 23.03
CA PRO A 933 -32.39 -4.03 24.36
C PRO A 933 -33.54 -3.15 24.84
N GLU A 934 -33.46 -2.78 26.12
CA GLU A 934 -34.40 -1.83 26.69
C GLU A 934 -33.97 -0.42 26.34
N ILE A 935 -34.96 0.48 26.24
CA ILE A 935 -34.73 1.86 25.84
C ILE A 935 -35.43 2.78 26.83
N ALA A 936 -34.78 3.89 27.15
CA ALA A 936 -35.29 4.84 28.13
C ALA A 936 -36.10 5.93 27.43
N LYS A 937 -37.04 6.50 28.17
CA LYS A 937 -37.84 7.58 27.64
C LYS A 937 -36.97 8.80 27.36
N PHE A 938 -37.20 9.43 26.22
CA PHE A 938 -36.33 10.49 25.75
C PHE A 938 -36.42 11.71 26.66
N ARG A 939 -35.27 12.35 26.86
CA ARG A 939 -35.19 13.63 27.56
C ARG A 939 -34.21 14.53 26.81
N ILE A 940 -34.03 15.74 27.33
CA ILE A 940 -33.25 16.74 26.60
C ILE A 940 -31.75 16.57 26.85
N THR A 941 -31.36 15.92 27.94
CA THR A 941 -29.95 15.74 28.26
C THR A 941 -29.28 14.63 27.45
N HIS A 942 -29.99 14.00 26.52
CA HIS A 942 -29.46 12.88 25.76
C HIS A 942 -28.96 13.26 24.38
N ILE A 943 -29.44 14.37 23.83
CA ILE A 943 -29.06 14.76 22.47
C ILE A 943 -27.55 14.93 22.37
N ASP A 944 -26.91 15.35 23.47
CA ASP A 944 -25.46 15.49 23.49
C ASP A 944 -24.78 14.20 23.05
N LYS A 945 -25.25 13.06 23.55
CA LYS A 945 -24.74 11.77 23.10
C LYS A 945 -24.87 11.64 21.59
N LEU A 946 -26.06 11.91 21.06
CA LEU A 946 -26.27 11.84 19.62
C LEU A 946 -25.38 12.81 18.87
N VAL A 947 -24.93 13.88 19.52
CA VAL A 947 -24.00 14.81 18.91
C VAL A 947 -22.55 14.38 19.15
N GLU A 948 -22.28 13.70 20.26
CA GLU A 948 -20.93 13.23 20.54
C GLU A 948 -20.62 11.95 19.78
N ASP A 949 -21.45 10.93 19.95
CA ASP A 949 -21.30 9.64 19.29
C ASP A 949 -22.55 9.36 18.46
N PRO A 950 -22.61 9.80 17.20
CA PRO A 950 -23.73 9.40 16.34
C PRO A 950 -23.70 7.90 16.05
N THR A 951 -24.70 7.40 15.34
CA THR A 951 -24.88 5.97 15.15
C THR A 951 -25.16 5.25 16.47
N SER A 952 -25.64 5.99 17.47
CA SER A 952 -25.83 5.50 18.82
C SER A 952 -27.31 5.47 19.18
N LEU A 953 -27.59 4.89 20.35
CA LEU A 953 -28.92 4.74 20.89
C LEU A 953 -29.00 5.44 22.23
N ASN A 954 -30.21 5.50 22.79
CA ASN A 954 -30.46 6.07 24.11
C ASN A 954 -30.99 4.93 24.97
N ILE A 955 -30.08 4.22 25.60
CA ILE A 955 -30.38 3.02 26.37
C ILE A 955 -30.46 3.38 27.84
N ALA A 956 -31.31 2.66 28.56
CA ALA A 956 -31.49 2.88 29.99
C ALA A 956 -30.28 2.46 30.82
N MET A 957 -29.26 1.86 30.22
CA MET A 957 -28.10 1.44 30.98
C MET A 957 -27.34 2.65 31.53
N GLY A 958 -26.35 2.36 32.36
CA GLY A 958 -25.49 3.40 32.89
C GLY A 958 -24.69 4.08 31.80
N MET A 959 -24.04 5.17 32.19
CA MET A 959 -23.16 5.92 31.31
C MET A 959 -21.71 5.52 31.56
N SER A 960 -20.97 5.35 30.47
CA SER A 960 -19.59 4.85 30.50
C SER A 960 -18.70 5.71 31.40
N PRO A 961 -17.58 5.16 31.89
CA PRO A 961 -16.68 5.98 32.72
C PRO A 961 -16.14 7.19 31.99
N ALA A 962 -15.86 7.05 30.68
CA ALA A 962 -15.27 8.15 29.93
C ALA A 962 -16.23 9.34 29.88
N ASN A 963 -17.51 9.09 29.60
CA ASN A 963 -18.47 10.18 29.53
C ASN A 963 -18.72 10.79 30.90
N LEU A 964 -18.70 10.00 31.97
CA LEU A 964 -18.87 10.54 33.30
C LEU A 964 -17.70 11.46 33.66
N LEU A 965 -16.47 11.01 33.40
CA LEU A 965 -15.30 11.85 33.63
C LEU A 965 -15.37 13.11 32.78
N LYS A 966 -15.85 12.99 31.55
CA LYS A 966 -16.01 14.15 30.68
C LYS A 966 -16.99 15.15 31.29
N THR A 967 -18.12 14.67 31.79
CA THR A 967 -19.10 15.56 32.40
C THR A 967 -18.54 16.24 33.64
N GLU A 968 -17.80 15.49 34.46
CA GLU A 968 -17.21 16.08 35.66
C GLU A 968 -16.18 17.14 35.31
N VAL A 969 -15.36 16.89 34.28
CA VAL A 969 -14.40 17.89 33.83
C VAL A 969 -15.13 19.12 33.31
N LYS A 970 -16.23 18.92 32.60
CA LYS A 970 -17.01 20.04 32.11
C LYS A 970 -17.55 20.87 33.27
N LYS A 971 -18.05 20.22 34.31
CA LYS A 971 -18.57 20.94 35.46
C LYS A 971 -17.46 21.70 36.16
N CYS A 972 -16.29 21.08 36.31
CA CYS A 972 -15.17 21.76 36.94
C CYS A 972 -14.75 23.00 36.15
N LEU A 973 -14.70 22.88 34.83
CA LEU A 973 -14.35 24.03 34.01
C LEU A 973 -15.41 25.12 34.09
N ILE A 974 -16.69 24.73 34.15
CA ILE A 974 -17.76 25.72 34.19
C ILE A 974 -17.77 26.46 35.53
N GLU A 975 -17.47 25.74 36.62
CA GLU A 975 -17.47 26.38 37.93
C GLU A 975 -16.30 27.35 38.06
N SER A 976 -15.08 26.85 37.83
CA SER A 976 -13.87 27.67 37.90
C SER A 976 -13.57 28.21 36.50
N ARG A 977 -14.34 29.22 36.11
CA ARG A 977 -14.20 29.89 34.82
C ARG A 977 -13.81 31.35 34.98
N GLN A 978 -13.33 31.74 36.17
CA GLN A 978 -12.86 33.08 36.44
C GLN A 978 -11.44 33.11 36.98
N THR A 979 -11.04 32.12 37.77
CA THR A 979 -9.65 32.01 38.21
C THR A 979 -8.71 31.71 37.04
N ILE A 980 -9.24 31.17 35.94
CA ILE A 980 -8.40 30.79 34.81
C ILE A 980 -7.76 32.05 34.21
N ARG A 981 -6.45 32.02 34.09
CA ARG A 981 -5.70 33.11 33.44
C ARG A 981 -5.44 32.79 31.97
N ASN A 982 -6.52 32.68 31.21
CA ASN A 982 -6.43 32.50 29.76
C ASN A 982 -7.71 33.02 29.14
N GLN A 983 -7.63 34.15 28.45
CA GLN A 983 -8.85 34.75 27.89
C GLN A 983 -9.47 33.87 26.82
N VAL A 984 -8.68 33.06 26.14
CA VAL A 984 -9.23 32.19 25.09
C VAL A 984 -10.13 31.13 25.71
N ILE A 985 -9.57 30.31 26.59
CA ILE A 985 -10.36 29.26 27.23
C ILE A 985 -11.45 29.87 28.10
N LYS A 986 -11.18 31.03 28.71
CA LYS A 986 -12.19 31.70 29.51
C LYS A 986 -13.40 32.08 28.66
N ASP A 987 -13.15 32.71 27.52
CA ASP A 987 -14.24 33.07 26.61
C ASP A 987 -14.95 31.83 26.10
N ALA A 988 -14.20 30.77 25.84
CA ALA A 988 -14.80 29.55 25.31
C ALA A 988 -15.75 28.92 26.32
N THR A 989 -15.32 28.81 27.58
CA THR A 989 -16.18 28.22 28.59
C THR A 989 -17.33 29.14 28.95
N ILE A 990 -17.14 30.46 28.84
CA ILE A 990 -18.26 31.38 29.06
C ILE A 990 -19.33 31.18 27.99
N TYR A 991 -18.89 31.12 26.72
CA TYR A 991 -19.83 30.85 25.64
C TYR A 991 -20.53 29.50 25.83
N LEU A 992 -19.78 28.50 26.30
CA LEU A 992 -20.37 27.21 26.63
C LEU A 992 -21.49 27.37 27.65
N TYR A 993 -21.17 28.00 28.79
CA TYR A 993 -22.14 28.16 29.87
C TYR A 993 -23.36 28.96 29.43
N HIS A 994 -23.19 29.84 28.44
CA HIS A 994 -24.27 30.72 28.02
C HIS A 994 -24.96 30.29 26.72
N GLU A 995 -24.27 29.57 25.85
CA GLU A 995 -24.75 29.30 24.50
C GLU A 995 -24.63 27.81 24.17
N GLU A 996 -25.06 26.97 25.11
CA GLU A 996 -25.14 25.52 24.91
C GLU A 996 -26.57 25.01 24.89
N ASP A 997 -27.45 25.57 25.71
CA ASP A 997 -28.83 25.12 25.75
C ASP A 997 -29.67 25.71 24.63
N ARG A 998 -29.21 26.78 23.98
CA ARG A 998 -29.90 27.31 22.82
C ARG A 998 -29.52 26.55 21.56
N LEU A 999 -28.23 26.24 21.39
CA LEU A 999 -27.81 25.46 20.24
C LEU A 999 -28.40 24.06 20.28
N ARG A 1000 -28.55 23.48 21.47
CA ARG A 1000 -29.15 22.16 21.56
C ARG A 1000 -30.57 22.18 21.03
N SER A 1001 -31.35 23.20 21.41
CA SER A 1001 -32.72 23.31 20.91
C SER A 1001 -32.74 23.57 19.42
N PHE A 1002 -31.84 24.43 18.92
CA PHE A 1002 -31.79 24.69 17.49
C PHE A 1002 -31.44 23.44 16.70
N LEU A 1003 -30.59 22.57 17.26
CA LEU A 1003 -30.22 21.34 16.58
C LEU A 1003 -31.35 20.32 16.64
N TRP A 1004 -32.07 20.27 17.76
CA TRP A 1004 -33.20 19.36 17.89
C TRP A 1004 -34.47 19.89 17.23
N SER A 1005 -34.48 21.16 16.80
CA SER A 1005 -35.65 21.71 16.14
C SER A 1005 -35.78 21.25 14.70
N ILE A 1006 -34.69 20.84 14.06
CA ILE A 1006 -34.74 20.39 12.68
C ILE A 1006 -35.56 19.11 12.60
N ASN A 1007 -36.49 19.06 11.64
CA ASN A 1007 -37.45 17.95 11.61
C ASN A 1007 -36.80 16.67 11.11
N PRO A 1008 -36.16 16.65 9.92
CA PRO A 1008 -35.45 15.44 9.50
C PRO A 1008 -34.12 15.31 10.22
N LEU A 1009 -34.05 14.35 11.14
CA LEU A 1009 -32.91 14.24 12.02
C LEU A 1009 -31.71 13.67 11.27
N PHE A 1010 -30.68 14.50 11.08
CA PHE A 1010 -29.42 14.11 10.46
C PHE A 1010 -28.35 14.29 11.53
N PRO A 1011 -28.08 13.26 12.33
CA PRO A 1011 -27.16 13.46 13.47
C PRO A 1011 -25.75 13.87 13.08
N ARG A 1012 -25.22 13.34 11.97
CA ARG A 1012 -23.85 13.69 11.60
C ARG A 1012 -23.74 15.16 11.25
N PHE A 1013 -24.78 15.73 10.65
CA PHE A 1013 -24.78 17.17 10.38
C PHE A 1013 -24.73 17.95 11.68
N LEU A 1014 -25.49 17.50 12.69
CA LEU A 1014 -25.46 18.17 13.99
C LEU A 1014 -24.07 18.08 14.61
N SER A 1015 -23.42 16.92 14.49
CA SER A 1015 -22.09 16.76 15.05
C SER A 1015 -21.09 17.70 14.37
N GLU A 1016 -21.12 17.76 13.03
CA GLU A 1016 -20.18 18.60 12.32
C GLU A 1016 -20.47 20.08 12.54
N PHE A 1017 -21.72 20.44 12.78
CA PHE A 1017 -22.04 21.82 13.11
C PHE A 1017 -21.55 22.18 14.51
N LYS A 1018 -21.79 21.29 15.48
CA LYS A 1018 -21.27 21.49 16.82
C LYS A 1018 -19.75 21.57 16.82
N SER A 1019 -19.09 20.85 15.92
CA SER A 1019 -17.63 20.86 15.84
C SER A 1019 -17.09 21.98 14.97
N GLY A 1020 -17.92 22.56 14.11
CA GLY A 1020 -17.50 23.65 13.25
C GLY A 1020 -17.94 25.01 13.75
N THR A 1021 -17.96 25.17 15.07
CA THR A 1021 -18.36 26.43 15.69
C THR A 1021 -17.44 26.68 16.90
N PHE A 1022 -17.82 27.66 17.71
CA PHE A 1022 -16.94 28.10 18.80
C PHE A 1022 -16.92 27.12 19.96
N LEU A 1023 -18.04 26.41 20.19
CA LEU A 1023 -18.07 25.41 21.25
C LEU A 1023 -17.01 24.33 21.03
N GLY A 1024 -16.66 24.06 19.78
CA GLY A 1024 -15.61 23.10 19.49
C GLY A 1024 -14.27 23.45 20.13
N VAL A 1025 -14.06 24.72 20.48
CA VAL A 1025 -12.84 25.09 21.16
C VAL A 1025 -12.79 24.48 22.56
N ALA A 1026 -13.94 24.30 23.18
CA ALA A 1026 -13.99 23.77 24.54
C ALA A 1026 -14.01 22.24 24.55
N ASP A 1027 -14.78 21.62 23.65
CA ASP A 1027 -14.84 20.16 23.59
C ASP A 1027 -13.44 19.57 23.40
N GLY A 1028 -12.68 20.12 22.45
CA GLY A 1028 -11.32 19.66 22.25
C GLY A 1028 -10.47 19.76 23.50
N LEU A 1029 -10.77 20.73 24.36
CA LEU A 1029 -10.06 20.82 25.64
C LEU A 1029 -10.58 19.77 26.62
N ILE A 1030 -11.89 19.54 26.63
CA ILE A 1030 -12.47 18.60 27.58
C ILE A 1030 -12.18 17.16 27.19
N SER A 1031 -11.89 16.90 25.91
CA SER A 1031 -11.55 15.57 25.45
C SER A 1031 -10.07 15.24 25.63
N LEU A 1032 -9.34 16.01 26.43
CA LEU A 1032 -7.93 15.77 26.70
C LEU A 1032 -7.66 15.31 28.13
N PHE A 1033 -8.46 15.75 29.09
CA PHE A 1033 -8.28 15.34 30.49
C PHE A 1033 -8.71 13.89 30.62
N GLN A 1034 -7.73 12.99 30.66
CA GLN A 1034 -7.95 11.57 30.86
C GLN A 1034 -7.29 11.05 32.14
N ASN A 1035 -6.08 11.51 32.44
CA ASN A 1035 -5.42 11.13 33.68
C ASN A 1035 -6.14 11.77 34.86
N SER A 1036 -6.07 11.10 36.00
CA SER A 1036 -6.68 11.60 37.22
C SER A 1036 -5.76 12.57 37.96
N ARG A 1037 -4.45 12.33 37.92
CA ARG A 1037 -3.51 13.21 38.60
C ARG A 1037 -3.59 14.63 38.04
N THR A 1038 -3.59 14.76 36.71
CA THR A 1038 -3.71 16.07 36.09
C THR A 1038 -5.05 16.72 36.39
N ILE A 1039 -6.08 15.93 36.68
CA ILE A 1039 -7.36 16.49 37.06
C ILE A 1039 -7.38 16.85 38.54
N ARG A 1040 -6.80 15.98 39.38
CA ARG A 1040 -6.79 16.24 40.81
C ARG A 1040 -5.99 17.48 41.15
N ASN A 1041 -4.80 17.63 40.56
CA ASN A 1041 -3.95 18.76 40.89
C ASN A 1041 -4.43 20.06 40.23
N SER A 1042 -5.11 19.95 39.09
CA SER A 1042 -5.61 21.13 38.39
C SER A 1042 -6.88 21.71 39.00
N PHE A 1043 -7.47 21.04 39.99
CA PHE A 1043 -8.72 21.47 40.58
C PHE A 1043 -8.63 21.26 42.10
N LYS A 1044 -9.75 21.43 42.78
CA LYS A 1044 -9.78 21.46 44.24
C LYS A 1044 -9.79 20.05 44.81
N LYS A 1045 -9.91 19.95 46.13
CA LYS A 1045 -9.75 18.69 46.84
C LYS A 1045 -11.02 17.86 46.89
N LYS A 1046 -12.17 18.48 47.15
CA LYS A 1046 -13.41 17.71 47.27
C LYS A 1046 -13.78 17.02 45.97
N TYR A 1047 -13.33 17.56 44.84
CA TYR A 1047 -13.61 16.94 43.56
C TYR A 1047 -12.89 15.62 43.39
N HIS A 1048 -11.92 15.32 44.24
CA HIS A 1048 -11.31 13.99 44.21
C HIS A 1048 -12.31 12.95 44.69
N ARG A 1049 -13.14 13.31 45.67
CA ARG A 1049 -13.99 12.30 46.28
C ARG A 1049 -15.22 11.99 45.43
N GLU A 1050 -15.56 12.88 44.50
CA GLU A 1050 -16.55 12.59 43.47
C GLU A 1050 -15.94 11.91 42.26
N LEU A 1051 -14.72 11.40 42.35
CA LEU A 1051 -14.10 10.63 41.27
C LEU A 1051 -13.97 9.16 41.57
N ASP A 1052 -13.51 8.79 42.76
CA ASP A 1052 -13.29 7.38 43.04
C ASP A 1052 -14.60 6.62 43.01
N ASP A 1053 -15.65 7.19 43.61
CA ASP A 1053 -16.95 6.54 43.58
C ASP A 1053 -17.45 6.39 42.16
N LEU A 1054 -17.15 7.37 41.30
CA LEU A 1054 -17.49 7.26 39.87
C LEU A 1054 -16.93 5.93 39.36
N ILE A 1055 -15.63 5.71 39.56
CA ILE A 1055 -15.00 4.49 39.08
C ILE A 1055 -15.74 3.25 39.57
N VAL A 1056 -16.32 3.31 40.76
CA VAL A 1056 -17.07 2.16 41.25
C VAL A 1056 -18.47 2.12 40.66
N ARG A 1057 -19.12 3.29 40.54
CA ARG A 1057 -20.54 3.29 40.19
C ARG A 1057 -20.76 2.68 38.81
N SER A 1058 -19.97 3.11 37.82
CA SER A 1058 -20.10 2.56 36.48
C SER A 1058 -20.00 1.04 36.53
N GLU A 1059 -19.09 0.53 37.35
CA GLU A 1059 -18.88 -0.91 37.41
C GLU A 1059 -20.18 -1.61 37.81
N VAL A 1060 -20.80 -1.16 38.90
CA VAL A 1060 -22.06 -1.81 39.30
C VAL A 1060 -23.10 -1.58 38.22
N SER A 1061 -23.13 -0.36 37.66
CA SER A 1061 -24.12 -0.05 36.65
C SER A 1061 -23.90 -0.90 35.41
N SER A 1062 -22.66 -1.31 35.17
CA SER A 1062 -22.41 -2.25 34.08
C SER A 1062 -22.86 -3.64 34.47
N LEU A 1063 -22.41 -4.13 35.64
CA LEU A 1063 -22.51 -5.57 35.89
C LEU A 1063 -23.96 -5.98 36.07
N THR A 1064 -24.75 -5.15 36.76
CA THR A 1064 -26.15 -5.46 36.94
C THR A 1064 -26.85 -5.56 35.60
N HIS A 1065 -26.48 -4.69 34.66
CA HIS A 1065 -27.05 -4.77 33.32
C HIS A 1065 -26.76 -6.13 32.72
N LEU A 1066 -25.50 -6.57 32.78
CA LEU A 1066 -25.14 -7.86 32.23
C LEU A 1066 -25.83 -9.00 32.94
N GLY A 1067 -26.32 -8.78 34.16
CA GLY A 1067 -27.10 -9.78 34.85
C GLY A 1067 -28.54 -9.76 34.42
N LYS A 1068 -29.10 -8.55 34.25
CA LYS A 1068 -30.51 -8.43 33.93
C LYS A 1068 -30.85 -9.10 32.60
N LEU A 1069 -29.87 -9.22 31.70
CA LEU A 1069 -30.09 -9.90 30.44
C LEU A 1069 -30.57 -11.33 30.61
N HIS A 1070 -30.26 -11.97 31.74
CA HIS A 1070 -30.58 -13.38 31.87
C HIS A 1070 -32.08 -13.61 32.11
N LEU A 1071 -32.74 -12.65 32.74
CA LEU A 1071 -34.16 -12.83 33.05
C LEU A 1071 -35.02 -12.70 31.80
N ARG A 1072 -34.79 -11.66 31.00
CA ARG A 1072 -35.55 -11.42 29.78
C ARG A 1072 -34.98 -12.22 28.62
N ARG A 1073 -34.88 -13.53 28.83
CA ARG A 1073 -34.28 -14.43 27.85
C ARG A 1073 -35.32 -14.91 26.83
N GLY A 1074 -36.38 -15.53 27.31
CA GLY A 1074 -37.40 -16.09 26.44
C GLY A 1074 -38.61 -15.21 26.25
N SER A 1075 -38.41 -13.89 26.30
CA SER A 1075 -39.49 -12.93 26.11
C SER A 1075 -39.04 -11.81 25.18
N CYS A 1076 -38.31 -12.17 24.12
CA CYS A 1076 -37.88 -11.21 23.11
C CYS A 1076 -37.94 -11.89 21.75
N LYS A 1077 -38.44 -11.15 20.77
CA LYS A 1077 -38.70 -11.68 19.44
C LYS A 1077 -37.56 -11.31 18.49
N MET A 1078 -37.52 -12.03 17.36
CA MET A 1078 -36.47 -11.88 16.37
C MET A 1078 -36.91 -10.96 15.25
N TRP A 1079 -35.94 -10.29 14.65
CA TRP A 1079 -36.16 -9.36 13.56
C TRP A 1079 -35.75 -9.97 12.24
N THR A 1080 -36.38 -9.51 11.15
CA THR A 1080 -36.09 -10.05 9.83
C THR A 1080 -34.84 -9.41 9.23
N CYS A 1081 -34.86 -8.09 9.06
CA CYS A 1081 -33.75 -7.34 8.49
C CYS A 1081 -33.07 -6.54 9.58
N SER A 1082 -31.73 -6.54 9.56
CA SER A 1082 -30.98 -5.82 10.58
C SER A 1082 -31.01 -4.31 10.34
N ALA A 1083 -31.05 -3.89 9.07
CA ALA A 1083 -31.08 -2.47 8.77
C ALA A 1083 -32.41 -1.85 9.20
N THR A 1084 -33.52 -2.50 8.86
CA THR A 1084 -34.83 -2.01 9.28
C THR A 1084 -34.94 -2.01 10.80
N HIS A 1085 -34.41 -3.04 11.44
CA HIS A 1085 -34.47 -3.10 12.90
C HIS A 1085 -33.66 -1.97 13.51
N ALA A 1086 -32.49 -1.68 12.95
CA ALA A 1086 -31.69 -0.56 13.44
C ALA A 1086 -32.43 0.76 13.24
N ASP A 1087 -33.08 0.92 12.09
CA ASP A 1087 -33.82 2.15 11.83
C ASP A 1087 -34.94 2.34 12.84
N THR A 1088 -35.77 1.32 13.05
CA THR A 1088 -36.88 1.46 13.98
C THR A 1088 -36.40 1.56 15.41
N LEU A 1089 -35.24 0.98 15.73
CA LEU A 1089 -34.70 1.12 17.08
C LEU A 1089 -34.21 2.53 17.33
N ARG A 1090 -33.55 3.15 16.35
CA ARG A 1090 -33.19 4.55 16.47
C ARG A 1090 -34.44 5.42 16.55
N TYR A 1091 -35.50 5.04 15.83
CA TYR A 1091 -36.75 5.76 15.91
C TYR A 1091 -37.31 5.71 17.32
N LYS A 1092 -37.33 4.52 17.93
CA LYS A 1092 -37.81 4.40 19.30
C LYS A 1092 -36.92 5.13 20.28
N SER A 1093 -35.62 5.22 19.97
CA SER A 1093 -34.67 5.84 20.90
C SER A 1093 -34.80 7.36 20.89
N TRP A 1094 -34.65 7.97 19.72
CA TRP A 1094 -34.64 9.41 19.59
C TRP A 1094 -36.02 10.01 19.32
N GLY A 1095 -37.07 9.19 19.33
CA GLY A 1095 -38.42 9.69 19.17
C GLY A 1095 -38.85 9.99 17.76
N ARG A 1096 -37.93 10.02 16.81
CA ARG A 1096 -38.28 10.29 15.42
C ARG A 1096 -37.18 9.77 14.52
N THR A 1097 -37.54 9.47 13.28
CA THR A 1097 -36.65 8.77 12.37
C THR A 1097 -35.40 9.59 12.08
N VAL A 1098 -34.35 8.89 11.68
CA VAL A 1098 -33.07 9.49 11.36
C VAL A 1098 -32.73 9.14 9.91
N ILE A 1099 -31.62 9.70 9.44
CA ILE A 1099 -31.16 9.50 8.07
C ILE A 1099 -29.65 9.67 8.04
N GLY A 1100 -29.02 9.07 7.03
CA GLY A 1100 -27.59 9.20 6.85
C GLY A 1100 -26.76 8.60 7.96
N THR A 1101 -27.33 7.70 8.76
CA THR A 1101 -26.61 6.99 9.81
C THR A 1101 -26.56 5.49 9.54
N THR A 1102 -27.71 4.87 9.27
CA THR A 1102 -27.76 3.43 9.10
C THR A 1102 -27.06 3.01 7.83
N VAL A 1103 -26.31 1.90 7.92
CA VAL A 1103 -25.60 1.33 6.78
C VAL A 1103 -25.75 -0.19 6.85
N PRO A 1104 -26.24 -0.86 5.80
CA PRO A 1104 -26.38 -2.31 5.87
C PRO A 1104 -25.04 -3.02 5.76
N HIS A 1105 -24.88 -4.06 6.57
CA HIS A 1105 -23.63 -4.82 6.61
C HIS A 1105 -23.66 -5.94 5.59
N PRO A 1106 -22.53 -6.35 5.01
CA PRO A 1106 -22.57 -7.43 4.00
C PRO A 1106 -22.77 -8.82 4.56
N LEU A 1107 -22.99 -8.99 5.86
CA LEU A 1107 -23.08 -10.32 6.43
C LEU A 1107 -24.42 -10.98 6.13
N GLU A 1108 -25.50 -10.19 6.05
CA GLU A 1108 -26.80 -10.68 5.62
C GLU A 1108 -27.19 -10.17 4.24
N MET A 1109 -26.72 -8.99 3.85
CA MET A 1109 -27.00 -8.47 2.53
C MET A 1109 -26.44 -9.39 1.45
N LEU A 1110 -25.26 -9.96 1.67
CA LEU A 1110 -24.66 -10.91 0.76
C LEU A 1110 -24.75 -12.35 1.26
N GLY A 1111 -24.45 -12.58 2.54
CA GLY A 1111 -24.59 -13.89 3.12
C GLY A 1111 -23.41 -14.77 2.80
N PRO A 1112 -23.55 -16.08 3.01
CA PRO A 1112 -22.46 -17.01 2.68
C PRO A 1112 -22.25 -17.07 1.18
N GLN A 1113 -21.17 -17.73 0.80
CA GLN A 1113 -20.75 -17.78 -0.59
C GLN A 1113 -21.44 -18.92 -1.33
N HIS A 1114 -21.43 -18.82 -2.65
CA HIS A 1114 -22.03 -19.81 -3.55
C HIS A 1114 -20.97 -20.16 -4.59
N ARG A 1115 -20.35 -21.33 -4.42
CA ARG A 1115 -19.28 -21.73 -5.33
C ARG A 1115 -19.82 -22.05 -6.71
N LYS A 1116 -18.97 -21.85 -7.71
CA LYS A 1116 -19.40 -21.93 -9.10
C LYS A 1116 -19.45 -23.37 -9.60
N GLU A 1117 -18.62 -24.26 -9.07
CA GLU A 1117 -18.70 -25.67 -9.45
C GLU A 1117 -20.06 -26.25 -9.10
N THR A 1118 -20.61 -25.86 -7.96
CA THR A 1118 -22.01 -26.11 -7.68
C THR A 1118 -22.85 -25.35 -8.71
N PRO A 1119 -24.04 -25.85 -9.08
CA PRO A 1119 -24.83 -25.16 -10.10
C PRO A 1119 -25.13 -23.69 -9.81
N CYS A 1120 -24.94 -23.23 -8.57
CA CYS A 1120 -25.09 -21.80 -8.24
C CYS A 1120 -26.49 -21.30 -8.59
N ALA A 1121 -27.47 -21.92 -7.91
CA ALA A 1121 -28.90 -21.66 -8.13
C ALA A 1121 -29.28 -20.21 -8.36
N PRO A 1122 -28.84 -19.23 -7.54
CA PRO A 1122 -29.29 -17.85 -7.76
C PRO A 1122 -28.79 -17.19 -9.03
N CYS A 1123 -28.01 -17.88 -9.86
CA CYS A 1123 -27.63 -17.35 -11.17
C CYS A 1123 -28.70 -17.56 -12.23
N ASN A 1124 -29.80 -18.22 -11.89
CA ASN A 1124 -30.93 -18.41 -12.80
C ASN A 1124 -32.09 -17.46 -12.51
N THR A 1125 -32.38 -17.22 -11.23
CA THR A 1125 -33.47 -16.33 -10.87
C THR A 1125 -33.16 -14.86 -11.11
N SER A 1126 -31.90 -14.50 -11.33
CA SER A 1126 -31.50 -13.11 -11.49
C SER A 1126 -30.28 -13.04 -12.39
N GLY A 1127 -29.76 -11.83 -12.56
CA GLY A 1127 -28.63 -11.58 -13.43
C GLY A 1127 -27.45 -10.97 -12.71
N PHE A 1128 -26.93 -9.88 -13.25
CA PHE A 1128 -25.73 -9.25 -12.71
C PHE A 1128 -26.10 -8.46 -11.46
N ASN A 1129 -26.07 -9.15 -10.32
CA ASN A 1129 -26.30 -8.52 -9.03
C ASN A 1129 -25.32 -9.00 -7.98
N TYR A 1130 -24.16 -9.51 -8.38
CA TYR A 1130 -23.30 -10.29 -7.51
C TYR A 1130 -21.85 -9.81 -7.61
N VAL A 1131 -21.03 -10.36 -6.70
CA VAL A 1131 -19.59 -10.14 -6.68
C VAL A 1131 -18.93 -11.48 -6.91
N SER A 1132 -18.07 -11.55 -7.91
CA SER A 1132 -17.32 -12.76 -8.23
C SER A 1132 -15.90 -12.65 -7.69
N VAL A 1133 -15.34 -13.79 -7.29
CA VAL A 1133 -13.97 -13.88 -6.78
C VAL A 1133 -13.32 -15.10 -7.39
N HIS A 1134 -12.27 -14.90 -8.17
CA HIS A 1134 -11.56 -15.97 -8.87
C HIS A 1134 -10.18 -16.16 -8.26
N CYS A 1135 -9.76 -17.41 -8.18
CA CYS A 1135 -8.47 -17.79 -7.59
C CYS A 1135 -7.84 -18.84 -8.50
N PRO A 1136 -6.94 -18.46 -9.42
CA PRO A 1136 -6.41 -19.43 -10.39
C PRO A 1136 -5.47 -20.46 -9.79
N ASP A 1137 -5.00 -20.26 -8.56
CA ASP A 1137 -4.07 -21.22 -7.95
C ASP A 1137 -4.41 -21.49 -6.49
N GLY A 1138 -5.67 -21.30 -6.08
CA GLY A 1138 -6.07 -21.63 -4.73
C GLY A 1138 -5.39 -20.78 -3.67
N ILE A 1139 -5.50 -21.26 -2.43
CA ILE A 1139 -5.01 -20.55 -1.25
C ILE A 1139 -3.98 -21.42 -0.54
N HIS A 1140 -3.26 -22.25 -1.30
CA HIS A 1140 -2.33 -23.20 -0.72
C HIS A 1140 -0.92 -22.66 -0.68
N ASP A 1141 -0.14 -23.16 0.28
CA ASP A 1141 1.27 -22.81 0.42
C ASP A 1141 1.47 -21.31 0.57
N VAL A 1142 0.62 -20.69 1.39
CA VAL A 1142 0.78 -19.29 1.69
C VAL A 1142 2.05 -19.07 2.51
N PHE A 1143 2.58 -17.86 2.42
CA PHE A 1143 3.81 -17.37 3.07
C PHE A 1143 5.07 -17.86 2.37
N SER A 1144 4.98 -18.65 1.31
CA SER A 1144 6.14 -19.07 0.54
C SER A 1144 6.50 -18.10 -0.58
N SER A 1145 5.65 -17.12 -0.86
CA SER A 1145 5.90 -16.17 -1.94
C SER A 1145 4.88 -15.04 -1.82
N ARG A 1146 5.04 -14.03 -2.68
CA ARG A 1146 4.13 -12.90 -2.68
C ARG A 1146 2.79 -13.28 -3.27
N GLY A 1147 2.79 -13.78 -4.51
CA GLY A 1147 1.58 -14.01 -5.26
C GLY A 1147 1.55 -13.11 -6.47
N PRO A 1148 0.93 -13.56 -7.57
CA PRO A 1148 1.02 -12.80 -8.83
C PRO A 1148 0.04 -11.65 -8.93
N LEU A 1149 -1.07 -11.70 -8.20
CA LEU A 1149 -2.13 -10.73 -8.41
C LEU A 1149 -1.98 -9.53 -7.48
N PRO A 1150 -2.49 -8.35 -7.87
CA PRO A 1150 -2.46 -7.21 -6.94
C PRO A 1150 -3.40 -7.42 -5.76
N ALA A 1151 -3.43 -6.45 -4.85
CA ALA A 1151 -4.19 -6.54 -3.62
C ALA A 1151 -5.07 -5.32 -3.47
N TYR A 1152 -6.36 -5.54 -3.22
CA TYR A 1152 -7.30 -4.47 -2.94
C TYR A 1152 -7.37 -4.29 -1.42
N LEU A 1153 -6.85 -3.17 -0.93
CA LEU A 1153 -6.74 -2.93 0.49
C LEU A 1153 -7.99 -2.27 1.07
N GLY A 1154 -8.58 -1.33 0.34
CA GLY A 1154 -9.79 -0.69 0.80
C GLY A 1154 -10.00 0.69 0.22
N SER A 1155 -10.30 1.66 1.08
CA SER A 1155 -10.66 3.00 0.66
C SER A 1155 -9.45 3.91 0.67
N LYS A 1156 -9.46 4.89 -0.25
CA LYS A 1156 -8.38 5.88 -0.30
C LYS A 1156 -8.39 6.80 0.90
N THR A 1157 -9.48 6.85 1.64
CA THR A 1157 -9.57 7.71 2.82
C THR A 1157 -8.50 7.34 3.83
N SER A 1158 -8.00 8.36 4.52
CA SER A 1158 -7.05 8.19 5.61
C SER A 1158 -7.78 8.00 6.93
N GLU A 1159 -7.09 7.38 7.89
CA GLU A 1159 -7.68 7.04 9.18
C GLU A 1159 -7.42 8.08 10.25
N SER A 1160 -6.39 8.91 10.09
CA SER A 1160 -5.98 9.89 11.10
C SER A 1160 -5.47 9.24 12.37
N THR A 1161 -5.06 7.97 12.31
CA THR A 1161 -4.59 7.25 13.48
C THR A 1161 -3.91 5.97 13.01
N SER A 1162 -2.83 5.60 13.69
CA SER A 1162 -2.07 4.41 13.31
C SER A 1162 -1.50 3.77 14.56
N ILE A 1163 -1.68 2.45 14.67
CA ILE A 1163 -1.09 1.72 15.79
C ILE A 1163 0.43 1.78 15.72
N LEU A 1164 0.99 1.94 14.53
CA LEU A 1164 2.44 2.03 14.36
C LEU A 1164 3.02 3.33 14.90
N GLN A 1165 2.19 4.34 15.16
CA GLN A 1165 2.64 5.60 15.77
C GLN A 1165 1.62 6.02 16.83
N PRO A 1166 1.62 5.36 17.98
CA PRO A 1166 0.70 5.80 19.05
C PRO A 1166 1.11 7.12 19.69
N TRP A 1167 2.41 7.39 19.77
CA TRP A 1167 2.87 8.64 20.37
C TRP A 1167 2.31 9.85 19.64
N GLU A 1168 2.09 9.75 18.33
CA GLU A 1168 1.49 10.85 17.59
C GLU A 1168 0.08 11.14 18.11
N ARG A 1169 -0.43 12.31 17.76
CA ARG A 1169 -1.75 12.74 18.15
C ARG A 1169 -2.74 12.58 17.00
N GLU A 1170 -4.01 12.68 17.34
CA GLU A 1170 -5.07 12.59 16.34
C GLU A 1170 -5.03 13.81 15.43
N SER A 1171 -4.98 13.58 14.12
CA SER A 1171 -4.99 14.67 13.15
C SER A 1171 -6.35 15.35 13.15
N LYS A 1172 -6.40 16.57 13.65
CA LYS A 1172 -7.63 17.36 13.71
C LYS A 1172 -7.68 18.34 12.54
N VAL A 1173 -8.75 19.13 12.51
CA VAL A 1173 -8.98 20.11 11.46
C VAL A 1173 -9.33 21.44 12.12
N PRO A 1174 -8.80 22.58 11.66
CA PRO A 1174 -9.13 23.84 12.30
C PRO A 1174 -10.59 24.23 12.09
N LEU A 1175 -11.13 24.97 13.07
CA LEU A 1175 -12.53 25.36 13.05
C LEU A 1175 -12.90 26.13 11.78
N ILE A 1176 -11.95 26.85 11.19
CA ILE A 1176 -12.27 27.65 10.02
C ILE A 1176 -12.49 26.74 8.82
N LYS A 1177 -11.78 25.63 8.76
CA LYS A 1177 -11.91 24.68 7.67
C LYS A 1177 -13.03 23.68 7.92
N ARG A 1178 -13.39 23.46 9.18
CA ARG A 1178 -14.59 22.67 9.47
C ARG A 1178 -15.86 23.48 9.26
N ALA A 1179 -15.78 24.81 9.40
CA ALA A 1179 -16.95 25.65 9.18
C ALA A 1179 -17.14 26.02 7.71
N THR A 1180 -16.03 26.23 6.99
CA THR A 1180 -16.15 26.56 5.57
C THR A 1180 -16.44 25.35 4.70
N ARG A 1181 -16.25 24.14 5.23
CA ARG A 1181 -16.64 22.93 4.49
C ARG A 1181 -18.13 22.64 4.58
N LEU A 1182 -18.84 23.26 5.54
CA LEU A 1182 -20.28 23.12 5.59
C LEU A 1182 -20.98 23.72 4.38
N ARG A 1183 -20.33 24.68 3.71
CA ARG A 1183 -20.89 25.22 2.47
C ARG A 1183 -20.98 24.16 1.38
N ASP A 1184 -20.24 23.05 1.51
CA ASP A 1184 -20.43 21.93 0.60
C ASP A 1184 -21.88 21.44 0.62
N ALA A 1185 -22.54 21.54 1.77
CA ALA A 1185 -23.94 21.15 1.92
C ALA A 1185 -24.90 22.30 1.71
N ILE A 1186 -24.48 23.34 0.99
CA ILE A 1186 -25.32 24.55 0.90
C ILE A 1186 -26.50 24.32 -0.02
N SER A 1187 -26.35 23.48 -1.05
CA SER A 1187 -27.48 23.07 -1.88
C SER A 1187 -27.43 21.57 -2.14
N TRP A 1188 -27.09 20.79 -1.11
CA TRP A 1188 -27.06 19.34 -1.18
C TRP A 1188 -28.22 18.71 -0.43
N PHE A 1189 -28.42 19.09 0.83
CA PHE A 1189 -29.59 18.69 1.59
C PHE A 1189 -30.15 19.86 2.39
N VAL A 1190 -29.88 21.08 1.95
CA VAL A 1190 -30.46 22.30 2.50
C VAL A 1190 -30.88 23.19 1.34
N GLU A 1191 -31.40 24.37 1.65
CA GLU A 1191 -31.83 25.33 0.65
C GLU A 1191 -31.20 26.69 0.95
N PRO A 1192 -30.70 27.40 -0.07
CA PRO A 1192 -30.12 28.73 0.22
C PRO A 1192 -31.12 29.70 0.81
N ASP A 1193 -32.28 29.86 0.17
CA ASP A 1193 -33.33 30.74 0.67
C ASP A 1193 -34.04 30.04 1.83
N SER A 1194 -33.31 29.91 2.93
CA SER A 1194 -33.80 29.21 4.11
C SER A 1194 -33.17 29.83 5.35
N LYS A 1195 -33.68 29.41 6.51
CA LYS A 1195 -33.22 29.91 7.79
C LYS A 1195 -32.03 29.13 8.33
N LEU A 1196 -31.62 28.05 7.66
CA LEU A 1196 -30.49 27.25 8.10
C LEU A 1196 -29.18 27.72 7.50
N ALA A 1197 -29.13 27.85 6.17
CA ALA A 1197 -27.93 28.35 5.50
C ALA A 1197 -27.57 29.74 6.00
N MET A 1198 -28.58 30.56 6.29
CA MET A 1198 -28.32 31.86 6.90
C MET A 1198 -27.54 31.70 8.20
N THR A 1199 -27.90 30.70 9.00
CA THR A 1199 -27.15 30.45 10.24
C THR A 1199 -25.76 29.91 9.94
N ILE A 1200 -25.62 29.11 8.89
CA ILE A 1200 -24.30 28.60 8.52
C ILE A 1200 -23.35 29.74 8.19
N LEU A 1201 -23.85 30.74 7.47
CA LEU A 1201 -23.02 31.91 7.18
C LEU A 1201 -22.87 32.81 8.39
N SER A 1202 -23.89 32.87 9.26
CA SER A 1202 -23.77 33.65 10.49
C SER A 1202 -22.68 33.12 11.39
N ASN A 1203 -22.46 31.80 11.37
CA ASN A 1203 -21.38 31.24 12.17
C ASN A 1203 -20.03 31.76 11.71
N ILE A 1204 -19.79 31.74 10.40
CA ILE A 1204 -18.53 32.23 9.85
C ILE A 1204 -18.37 33.72 10.12
N HIS A 1205 -19.45 34.49 9.92
CA HIS A 1205 -19.40 35.91 10.25
C HIS A 1205 -19.17 36.14 11.73
N SER A 1206 -19.55 35.18 12.57
CA SER A 1206 -19.33 35.30 14.01
C SER A 1206 -17.88 35.09 14.37
N LEU A 1207 -17.33 33.92 14.04
CA LEU A 1207 -15.96 33.64 14.42
C LEU A 1207 -14.94 34.36 13.54
N THR A 1208 -15.38 35.02 12.47
CA THR A 1208 -14.50 35.82 11.63
C THR A 1208 -15.31 36.95 11.03
N GLY A 1209 -14.70 38.13 10.94
CA GLY A 1209 -15.40 39.29 10.36
C GLY A 1209 -15.71 39.14 8.88
N GLU A 1210 -15.16 38.13 8.22
CA GLU A 1210 -15.42 37.91 6.80
C GLU A 1210 -16.90 37.62 6.56
N GLU A 1211 -17.59 38.53 5.89
CA GLU A 1211 -18.99 38.33 5.54
C GLU A 1211 -19.14 37.46 4.30
N HIS A 1217 -25.48 30.90 -0.62
CA HIS A 1217 -25.61 30.89 -2.08
C HIS A 1217 -24.33 30.37 -2.72
N GLY A 1218 -24.43 29.21 -3.37
CA GLY A 1218 -23.29 28.57 -4.00
C GLY A 1218 -23.70 27.70 -5.14
N PHE A 1219 -23.07 26.53 -5.24
CA PHE A 1219 -23.29 25.60 -6.34
C PHE A 1219 -24.41 24.62 -5.98
N LYS A 1220 -24.58 23.58 -6.79
CA LYS A 1220 -25.64 22.60 -6.64
C LYS A 1220 -25.05 21.20 -6.47
N ARG A 1221 -25.67 20.41 -5.58
CA ARG A 1221 -25.29 19.03 -5.35
C ARG A 1221 -26.55 18.19 -5.23
N THR A 1222 -26.55 17.04 -5.89
CA THR A 1222 -27.69 16.13 -5.87
C THR A 1222 -27.26 14.79 -6.44
N GLY A 1223 -27.75 13.71 -5.84
CA GLY A 1223 -27.45 12.38 -6.29
C GLY A 1223 -26.34 11.68 -5.54
N SER A 1224 -26.12 12.02 -4.27
CA SER A 1224 -25.07 11.42 -3.46
C SER A 1224 -25.66 10.97 -2.13
N ALA A 1225 -24.92 10.11 -1.44
CA ALA A 1225 -25.38 9.57 -0.17
C ALA A 1225 -25.22 10.60 0.94
N LEU A 1226 -25.89 10.33 2.07
CA LEU A 1226 -25.87 11.25 3.21
C LEU A 1226 -24.77 10.88 4.21
N HIS A 1227 -24.58 9.59 4.47
CA HIS A 1227 -23.54 9.18 5.40
C HIS A 1227 -22.14 9.37 4.84
N ARG A 1228 -22.00 9.70 3.56
CA ARG A 1228 -20.71 10.09 2.97
C ARG A 1228 -20.58 11.61 2.97
N PHE A 1229 -20.53 12.17 4.17
CA PHE A 1229 -20.42 13.61 4.38
C PHE A 1229 -19.74 13.84 5.70
N SER A 1230 -18.65 14.61 5.70
CA SER A 1230 -17.89 14.84 6.92
C SER A 1230 -16.98 16.03 6.74
N THR A 1231 -16.84 16.80 7.81
CA THR A 1231 -15.91 17.92 7.88
C THR A 1231 -14.78 17.68 8.87
N SER A 1232 -15.12 17.25 10.10
CA SER A 1232 -14.10 16.97 11.10
C SER A 1232 -13.20 15.81 10.71
N ARG A 1233 -13.65 14.96 9.80
CA ARG A 1233 -12.87 13.83 9.34
C ARG A 1233 -13.30 13.52 7.91
N MET A 1234 -12.85 12.38 7.39
CA MET A 1234 -13.19 11.91 6.06
C MET A 1234 -13.87 10.56 6.16
N SER A 1235 -14.96 10.39 5.42
CA SER A 1235 -15.70 9.14 5.44
C SER A 1235 -14.82 7.99 4.98
N HIS A 1236 -14.74 6.94 5.80
CA HIS A 1236 -13.80 5.85 5.53
C HIS A 1236 -14.33 4.91 4.47
N GLY A 1237 -15.49 4.31 4.71
CA GLY A 1237 -16.07 3.33 3.81
C GLY A 1237 -15.72 1.90 4.19
N GLY A 1238 -14.49 1.68 4.64
CA GLY A 1238 -14.05 0.37 5.08
C GLY A 1238 -12.62 0.06 4.66
N PHE A 1239 -11.86 -0.52 5.58
CA PHE A 1239 -10.50 -0.96 5.32
C PHE A 1239 -10.40 -2.46 5.59
N ALA A 1240 -9.30 -3.04 5.11
CA ALA A 1240 -9.11 -4.48 5.23
C ALA A 1240 -8.74 -4.87 6.65
N SER A 1241 -9.03 -6.10 7.01
CA SER A 1241 -8.68 -6.71 8.28
C SER A 1241 -8.00 -8.05 8.04
N GLN A 1242 -7.08 -8.07 7.09
CA GLN A 1242 -6.49 -9.31 6.62
C GLN A 1242 -5.16 -9.01 5.96
N SER A 1243 -4.25 -9.99 6.02
CA SER A 1243 -2.94 -9.83 5.42
C SER A 1243 -3.06 -9.80 3.90
N THR A 1244 -1.92 -9.60 3.25
CA THR A 1244 -1.84 -9.51 1.80
C THR A 1244 -1.45 -10.83 1.14
N ALA A 1245 -0.97 -11.81 1.92
CA ALA A 1245 -0.48 -13.04 1.34
C ALA A 1245 -1.58 -13.80 0.61
N ALA A 1246 -2.82 -13.70 1.08
CA ALA A 1246 -3.95 -14.32 0.42
C ALA A 1246 -4.60 -13.37 -0.59
N LEU A 1247 -4.66 -12.08 -0.25
CA LEU A 1247 -5.23 -11.10 -1.18
C LEU A 1247 -4.47 -11.04 -2.49
N THR A 1248 -3.19 -11.39 -2.47
CA THR A 1248 -2.38 -11.45 -3.68
C THR A 1248 -2.66 -12.69 -4.53
N ARG A 1249 -3.61 -13.53 -4.12
CA ARG A 1249 -3.95 -14.75 -4.84
C ARG A 1249 -5.43 -14.78 -5.23
N LEU A 1250 -6.10 -13.63 -5.19
CA LEU A 1250 -7.49 -13.51 -5.58
C LEU A 1250 -7.63 -12.40 -6.61
N MET A 1251 -8.77 -12.41 -7.31
CA MET A 1251 -9.20 -11.25 -8.07
C MET A 1251 -10.71 -11.16 -7.97
N ALA A 1252 -11.20 -10.04 -7.45
CA ALA A 1252 -12.61 -9.77 -7.30
C ALA A 1252 -13.11 -8.93 -8.47
N THR A 1253 -14.42 -8.99 -8.68
CA THR A 1253 -15.08 -8.27 -9.77
C THR A 1253 -16.22 -7.45 -9.18
N THR A 1254 -16.18 -6.14 -9.41
CA THR A 1254 -17.24 -5.23 -8.99
C THR A 1254 -18.11 -4.77 -10.15
N ASP A 1255 -17.79 -5.17 -11.39
CA ASP A 1255 -18.61 -4.86 -12.55
C ASP A 1255 -19.72 -5.86 -12.79
N THR A 1256 -19.89 -6.83 -11.89
CA THR A 1256 -20.99 -7.79 -11.96
C THR A 1256 -22.23 -7.30 -11.24
N MET A 1257 -22.27 -6.03 -10.85
CA MET A 1257 -23.39 -5.42 -10.14
C MET A 1257 -24.01 -4.31 -10.99
N ARG A 1258 -24.15 -4.57 -12.28
CA ARG A 1258 -24.63 -3.55 -13.21
C ARG A 1258 -26.11 -3.26 -13.00
N ASP A 1259 -26.89 -4.32 -12.73
CA ASP A 1259 -28.33 -4.14 -12.56
C ASP A 1259 -28.65 -3.21 -11.39
N LEU A 1260 -27.79 -3.19 -10.37
CA LEU A 1260 -27.95 -2.26 -9.27
C LEU A 1260 -27.40 -0.88 -9.59
N GLY A 1261 -26.73 -0.71 -10.74
CA GLY A 1261 -26.20 0.58 -11.11
C GLY A 1261 -27.23 1.55 -11.65
N ASP A 1262 -28.39 1.04 -12.09
CA ASP A 1262 -29.47 1.93 -12.53
C ASP A 1262 -29.97 2.80 -11.39
N GLN A 1263 -29.83 2.32 -10.15
CA GLN A 1263 -30.20 3.05 -8.95
C GLN A 1263 -28.94 3.38 -8.15
N ASN A 1264 -29.14 4.07 -7.04
CA ASN A 1264 -28.08 4.75 -6.29
C ASN A 1264 -28.09 4.31 -4.83
N PHE A 1265 -28.17 3.00 -4.61
CA PHE A 1265 -28.33 2.43 -3.27
C PHE A 1265 -27.24 2.88 -2.33
N ASP A 1266 -27.49 2.75 -1.02
CA ASP A 1266 -26.63 3.32 0.00
C ASP A 1266 -25.52 2.39 0.47
N PHE A 1267 -25.52 1.13 0.03
CA PHE A 1267 -24.48 0.22 0.49
C PHE A 1267 -23.13 0.62 -0.08
N LEU A 1268 -22.08 -0.01 0.44
CA LEU A 1268 -20.70 0.32 0.12
C LEU A 1268 -20.08 -0.78 -0.73
N PHE A 1269 -19.34 -0.39 -1.76
CA PHE A 1269 -18.64 -1.35 -2.60
C PHE A 1269 -17.42 -1.91 -1.89
N GLN A 1270 -16.71 -1.07 -1.13
CA GLN A 1270 -15.47 -1.50 -0.52
C GLN A 1270 -15.71 -2.59 0.51
N ALA A 1271 -16.68 -2.38 1.40
CA ALA A 1271 -16.98 -3.37 2.43
C ALA A 1271 -17.44 -4.68 1.80
N THR A 1272 -18.23 -4.62 0.73
CA THR A 1272 -18.70 -5.83 0.09
C THR A 1272 -17.54 -6.61 -0.54
N LEU A 1273 -16.65 -5.91 -1.24
CA LEU A 1273 -15.52 -6.61 -1.84
C LEU A 1273 -14.59 -7.19 -0.78
N LEU A 1274 -14.43 -6.50 0.34
CA LEU A 1274 -13.56 -7.02 1.39
C LEU A 1274 -14.16 -8.23 2.08
N TYR A 1275 -15.47 -8.19 2.34
CA TYR A 1275 -16.18 -9.36 2.84
C TYR A 1275 -15.99 -10.53 1.88
N ALA A 1276 -16.14 -10.28 0.58
CA ALA A 1276 -15.96 -11.33 -0.41
C ALA A 1276 -14.57 -11.93 -0.33
N GLN A 1277 -13.55 -11.08 -0.32
CA GLN A 1277 -12.16 -11.56 -0.24
C GLN A 1277 -11.95 -12.42 0.99
N ILE A 1278 -12.30 -11.91 2.17
CA ILE A 1278 -11.96 -12.60 3.40
C ILE A 1278 -12.74 -13.92 3.50
N THR A 1279 -14.00 -13.93 3.05
CA THR A 1279 -14.78 -15.15 3.13
C THR A 1279 -14.27 -16.18 2.13
N THR A 1280 -13.89 -15.74 0.93
CA THR A 1280 -13.32 -16.67 -0.04
C THR A 1280 -11.99 -17.23 0.45
N THR A 1281 -11.26 -16.47 1.26
CA THR A 1281 -10.01 -16.98 1.80
C THR A 1281 -10.25 -18.00 2.91
N VAL A 1282 -11.15 -17.71 3.84
CA VAL A 1282 -11.36 -18.65 4.94
C VAL A 1282 -12.05 -19.91 4.45
N ALA A 1283 -12.90 -19.81 3.43
CA ALA A 1283 -13.68 -20.96 2.98
C ALA A 1283 -12.94 -21.86 2.00
N ARG A 1284 -11.80 -21.43 1.48
CA ARG A 1284 -11.04 -22.20 0.49
C ARG A 1284 -9.56 -22.21 0.85
N ASP A 1285 -9.26 -22.41 2.13
CA ASP A 1285 -7.88 -22.33 2.59
C ASP A 1285 -7.04 -23.43 1.98
N GLY A 1286 -7.45 -24.68 2.13
CA GLY A 1286 -6.64 -25.81 1.71
C GLY A 1286 -6.89 -26.23 0.27
N TRP A 1287 -7.39 -25.32 -0.56
CA TRP A 1287 -7.64 -25.61 -1.96
C TRP A 1287 -6.40 -25.31 -2.80
N ILE A 1288 -6.07 -26.23 -3.69
CA ILE A 1288 -4.86 -26.14 -4.50
C ILE A 1288 -5.15 -25.88 -5.97
N THR A 1289 -6.33 -26.25 -6.47
CA THR A 1289 -6.70 -26.01 -7.86
C THR A 1289 -7.46 -24.67 -7.97
N SER A 1290 -7.95 -24.38 -9.16
CA SER A 1290 -8.63 -23.12 -9.40
C SER A 1290 -9.97 -23.07 -8.67
N CYS A 1291 -10.44 -21.85 -8.42
CA CYS A 1291 -11.69 -21.65 -7.70
C CYS A 1291 -12.38 -20.41 -8.23
N THR A 1292 -13.71 -20.41 -8.14
CA THR A 1292 -14.50 -19.23 -8.45
C THR A 1292 -15.73 -19.24 -7.55
N ASP A 1293 -15.94 -18.13 -6.84
CA ASP A 1293 -17.03 -18.01 -5.88
C ASP A 1293 -17.88 -16.79 -6.22
N HIS A 1294 -19.17 -16.89 -5.91
CA HIS A 1294 -20.13 -15.83 -6.13
C HIS A 1294 -20.73 -15.38 -4.81
N TYR A 1295 -21.09 -14.11 -4.76
CA TYR A 1295 -21.76 -13.50 -3.62
C TYR A 1295 -22.95 -12.73 -4.18
N HIS A 1296 -24.14 -13.32 -4.07
CA HIS A 1296 -25.37 -12.74 -4.57
C HIS A 1296 -26.14 -12.08 -3.43
N ILE A 1297 -26.96 -11.11 -3.79
CA ILE A 1297 -27.77 -10.40 -2.81
C ILE A 1297 -28.79 -11.36 -2.22
N ALA A 1298 -28.69 -11.61 -0.92
CA ALA A 1298 -29.59 -12.51 -0.22
C ALA A 1298 -30.77 -11.77 0.39
N CYS A 1299 -30.48 -10.80 1.25
CA CYS A 1299 -31.52 -10.00 1.91
C CYS A 1299 -31.75 -8.76 1.06
N LYS A 1300 -32.73 -8.84 0.16
CA LYS A 1300 -33.04 -7.73 -0.72
C LYS A 1300 -33.65 -6.55 0.02
N SER A 1301 -34.11 -6.75 1.26
CA SER A 1301 -34.72 -5.65 2.00
C SER A 1301 -33.71 -4.56 2.33
N CYS A 1302 -32.45 -4.92 2.56
CA CYS A 1302 -31.41 -3.96 2.91
C CYS A 1302 -30.67 -3.48 1.64
N LEU A 1303 -31.46 -2.92 0.73
CA LEU A 1303 -30.96 -2.17 -0.41
C LEU A 1303 -31.13 -0.67 -0.24
N ARG A 1304 -32.27 -0.25 0.30
CA ARG A 1304 -32.50 1.12 0.77
C ARG A 1304 -32.12 2.17 -0.26
N PRO A 1305 -32.88 2.30 -1.35
CA PRO A 1305 -32.55 3.30 -2.37
C PRO A 1305 -32.47 4.70 -1.79
N ILE A 1306 -31.52 5.48 -2.31
CA ILE A 1306 -31.29 6.83 -1.83
C ILE A 1306 -32.39 7.75 -2.34
N GLU A 1307 -32.85 8.64 -1.48
CA GLU A 1307 -33.84 9.65 -1.80
C GLU A 1307 -33.21 11.03 -1.74
N GLU A 1308 -33.96 12.03 -2.20
CA GLU A 1308 -33.52 13.41 -2.22
C GLU A 1308 -34.21 14.15 -1.07
N ILE A 1309 -33.50 14.27 0.04
CA ILE A 1309 -34.03 14.86 1.27
C ILE A 1309 -33.51 16.29 1.37
N THR A 1310 -34.29 17.12 2.07
CA THR A 1310 -33.96 18.53 2.25
C THR A 1310 -34.20 18.91 3.71
N LEU A 1311 -33.18 19.45 4.35
CA LEU A 1311 -33.28 19.89 5.73
C LEU A 1311 -33.69 21.35 5.80
N ASP A 1312 -34.39 21.70 6.87
CA ASP A 1312 -34.78 23.08 7.14
C ASP A 1312 -35.30 23.16 8.57
N SER A 1313 -35.24 24.37 9.12
CA SER A 1313 -35.73 24.65 10.46
C SER A 1313 -36.68 25.83 10.41
N SER A 1314 -37.41 26.03 11.50
CA SER A 1314 -38.17 27.26 11.73
C SER A 1314 -37.78 27.77 13.12
N MET A 1315 -36.70 28.55 13.16
CA MET A 1315 -36.20 29.23 14.34
C MET A 1315 -35.02 30.06 13.89
N ASP A 1316 -34.66 31.05 14.70
CA ASP A 1316 -33.53 31.92 14.41
C ASP A 1316 -32.45 31.70 15.46
N TYR A 1317 -31.26 31.30 15.02
CA TYR A 1317 -30.08 31.17 15.87
C TYR A 1317 -29.00 32.07 15.29
N THR A 1318 -28.65 33.13 16.02
CA THR A 1318 -27.66 34.12 15.60
C THR A 1318 -26.54 34.13 16.63
N PRO A 1319 -25.48 33.35 16.45
CA PRO A 1319 -24.41 33.33 17.45
C PRO A 1319 -23.69 34.67 17.51
N PRO A 1320 -23.36 35.16 18.70
CA PRO A 1320 -22.71 36.47 18.79
C PRO A 1320 -21.31 36.45 18.23
N ASP A 1321 -20.87 37.64 17.79
CA ASP A 1321 -19.54 37.77 17.22
C ASP A 1321 -18.48 37.48 18.28
N VAL A 1322 -17.52 36.64 17.92
CA VAL A 1322 -16.39 36.33 18.79
C VAL A 1322 -15.09 36.53 18.04
N SER A 1323 -15.11 37.36 17.00
CA SER A 1323 -13.90 37.58 16.21
C SER A 1323 -12.93 38.49 16.96
N HIS A 1324 -13.45 39.48 17.68
CA HIS A 1324 -12.59 40.42 18.39
C HIS A 1324 -11.90 39.79 19.58
N VAL A 1325 -12.38 38.65 20.06
CA VAL A 1325 -11.83 37.99 21.24
C VAL A 1325 -11.13 36.68 20.86
N LEU A 1326 -10.86 36.48 19.57
CA LEU A 1326 -10.30 35.21 19.11
C LEU A 1326 -9.18 35.39 18.08
N LYS A 1327 -8.71 36.62 17.86
CA LYS A 1327 -7.61 36.84 16.93
C LYS A 1327 -6.29 36.28 17.44
N THR A 1328 -6.20 35.96 18.74
CA THR A 1328 -4.93 35.55 19.33
C THR A 1328 -4.41 34.28 18.67
N TRP A 1329 -5.16 33.19 18.79
CA TRP A 1329 -4.76 31.93 18.19
C TRP A 1329 -5.14 31.82 16.72
N ARG A 1330 -6.01 32.68 16.22
CA ARG A 1330 -6.29 32.75 14.79
C ARG A 1330 -5.15 33.49 14.09
N ASN A 1331 -4.56 32.83 13.09
CA ASN A 1331 -3.43 33.39 12.35
C ASN A 1331 -3.93 33.90 11.00
N GLY A 1332 -3.89 35.21 10.81
CA GLY A 1332 -4.35 35.82 9.59
C GLY A 1332 -5.79 36.30 9.69
N GLU A 1339 -10.92 32.42 -0.08
CA GLU A 1339 -12.24 32.69 -0.62
C GLU A 1339 -12.44 34.19 -0.82
N ILE A 1340 -12.10 34.67 -2.01
CA ILE A 1340 -12.27 36.07 -2.37
C ILE A 1340 -13.29 36.16 -3.50
N LYS A 1341 -13.01 35.50 -4.61
CA LYS A 1341 -13.91 35.43 -5.76
C LYS A 1341 -14.22 33.99 -6.10
N GLN A 1342 -15.34 33.79 -6.77
CA GLN A 1342 -15.77 32.46 -7.20
C GLN A 1342 -16.80 32.61 -8.31
N ILE A 1343 -16.54 31.98 -9.45
CA ILE A 1343 -17.51 31.99 -10.54
C ILE A 1343 -18.72 31.17 -10.12
N TYR A 1344 -19.90 31.61 -10.57
CA TYR A 1344 -21.17 30.96 -10.26
C TYR A 1344 -21.79 30.47 -11.57
N PRO A 1345 -21.45 29.26 -12.02
CA PRO A 1345 -22.06 28.76 -13.26
C PRO A 1345 -23.57 28.59 -13.13
N LEU A 1346 -24.24 28.65 -14.27
CA LEU A 1346 -25.68 28.47 -14.34
C LEU A 1346 -26.03 27.02 -14.61
N GLU A 1347 -27.25 26.65 -14.23
CA GLU A 1347 -27.78 25.33 -14.56
C GLU A 1347 -28.32 25.34 -15.99
N GLY A 1348 -28.60 24.14 -16.50
CA GLY A 1348 -29.06 24.01 -17.87
C GLY A 1348 -29.85 22.73 -18.05
N ASN A 1349 -30.54 22.66 -19.19
CA ASN A 1349 -31.37 21.51 -19.53
C ASN A 1349 -30.44 20.38 -19.98
N TRP A 1350 -30.04 19.55 -19.02
CA TRP A 1350 -29.20 18.40 -19.31
C TRP A 1350 -30.01 17.19 -19.79
N LYS A 1351 -31.29 17.12 -19.43
CA LYS A 1351 -32.11 15.97 -19.80
C LYS A 1351 -32.29 15.89 -21.31
N ASN A 1352 -32.71 17.00 -21.93
CA ASN A 1352 -33.03 17.00 -23.35
C ASN A 1352 -31.79 16.89 -24.24
N LEU A 1353 -30.59 16.98 -23.68
CA LEU A 1353 -29.38 16.87 -24.48
C LEU A 1353 -29.21 15.45 -24.99
N ALA A 1354 -28.77 15.32 -26.24
CA ALA A 1354 -28.64 14.01 -26.84
C ALA A 1354 -27.48 13.24 -26.20
N PRO A 1355 -27.49 11.91 -26.32
CA PRO A 1355 -26.44 11.13 -25.62
C PRO A 1355 -25.04 11.42 -26.11
N ALA A 1356 -24.87 11.68 -27.41
CA ALA A 1356 -23.53 11.95 -27.94
C ALA A 1356 -22.93 13.20 -27.32
N GLU A 1357 -23.74 14.24 -27.14
CA GLU A 1357 -23.22 15.46 -26.53
C GLU A 1357 -22.90 15.25 -25.05
N GLN A 1358 -23.69 14.43 -24.36
CA GLN A 1358 -23.39 14.11 -22.98
C GLN A 1358 -22.05 13.37 -22.86
N SER A 1359 -21.84 12.39 -23.73
CA SER A 1359 -20.56 11.69 -23.77
C SER A 1359 -19.42 12.66 -24.06
N TYR A 1360 -19.64 13.57 -25.02
CA TYR A 1360 -18.62 14.56 -25.35
C TYR A 1360 -18.27 15.41 -24.14
N GLN A 1361 -19.29 15.83 -23.38
CA GLN A 1361 -19.04 16.72 -22.25
C GLN A 1361 -18.31 16.00 -21.13
N VAL A 1362 -18.72 14.78 -20.80
CA VAL A 1362 -18.03 14.06 -19.73
C VAL A 1362 -16.61 13.74 -20.15
N GLY A 1363 -16.39 13.38 -21.41
CA GLY A 1363 -15.04 13.15 -21.89
C GLY A 1363 -14.20 14.41 -21.83
N ARG A 1364 -14.78 15.55 -22.16
CA ARG A 1364 -14.07 16.82 -22.08
C ARG A 1364 -13.63 17.10 -20.65
N CYS A 1365 -14.54 16.98 -19.70
CA CYS A 1365 -14.20 17.22 -18.31
C CYS A 1365 -13.11 16.27 -17.83
N ILE A 1366 -13.25 14.98 -18.16
CA ILE A 1366 -12.29 13.99 -17.71
C ILE A 1366 -10.92 14.27 -18.31
N GLY A 1367 -10.87 14.59 -19.60
CA GLY A 1367 -9.59 14.83 -20.24
C GLY A 1367 -8.91 16.07 -19.69
N PHE A 1368 -9.66 17.15 -19.49
CA PHE A 1368 -9.06 18.37 -18.97
C PHE A 1368 -8.56 18.16 -17.54
N LEU A 1369 -9.33 17.45 -16.71
CA LEU A 1369 -8.88 17.19 -15.35
C LEU A 1369 -7.64 16.31 -15.34
N TYR A 1370 -7.60 15.29 -16.20
CA TYR A 1370 -6.43 14.43 -16.27
C TYR A 1370 -5.20 15.21 -16.71
N GLY A 1371 -5.36 16.10 -17.70
CA GLY A 1371 -4.23 16.90 -18.13
C GLY A 1371 -3.75 17.85 -17.04
N ASP A 1372 -4.69 18.50 -16.36
CA ASP A 1372 -4.32 19.39 -15.26
C ASP A 1372 -3.56 18.65 -14.18
N LEU A 1373 -4.00 17.44 -13.83
CA LEU A 1373 -3.33 16.69 -12.78
C LEU A 1373 -2.00 16.13 -13.25
N ALA A 1374 -1.89 15.76 -14.52
CA ALA A 1374 -0.63 15.21 -15.02
C ALA A 1374 0.44 16.28 -15.15
N TYR A 1375 0.07 17.47 -15.59
CA TYR A 1375 1.02 18.59 -15.59
C TYR A 1375 1.38 19.01 -14.18
N ARG A 1376 0.51 18.72 -13.19
CA ARG A 1376 0.85 18.93 -11.79
C ARG A 1376 1.68 17.80 -11.21
N LYS A 1377 1.79 16.67 -11.92
CA LYS A 1377 2.53 15.50 -11.44
C LYS A 1377 2.00 15.03 -10.09
N SER A 1378 0.69 14.82 -10.04
CA SER A 1378 0.00 14.35 -8.85
C SER A 1378 -0.32 12.86 -8.96
N THR A 1379 -0.66 12.26 -7.82
CA THR A 1379 -1.06 10.87 -7.78
C THR A 1379 -2.54 10.66 -8.07
N HIS A 1380 -3.35 11.72 -8.01
CA HIS A 1380 -4.77 11.59 -8.31
C HIS A 1380 -5.00 11.24 -9.78
N ALA A 1381 -4.02 11.47 -10.65
CA ALA A 1381 -4.19 11.13 -12.06
C ALA A 1381 -4.33 9.62 -12.26
N GLU A 1382 -3.74 8.82 -11.37
CA GLU A 1382 -3.80 7.37 -11.45
C GLU A 1382 -4.90 6.78 -10.56
N ASP A 1383 -5.92 7.57 -10.25
CA ASP A 1383 -7.03 7.11 -9.43
C ASP A 1383 -8.13 6.52 -10.30
N SER A 1384 -9.07 5.83 -9.66
CA SER A 1384 -10.19 5.21 -10.35
C SER A 1384 -11.36 6.15 -10.57
N SER A 1385 -11.43 7.25 -9.82
CA SER A 1385 -12.56 8.15 -9.94
C SER A 1385 -12.56 8.88 -11.28
N LEU A 1386 -11.38 9.15 -11.84
CA LEU A 1386 -11.32 9.80 -13.15
C LEU A 1386 -11.94 8.93 -14.23
N PHE A 1387 -11.83 7.61 -14.10
CA PHE A 1387 -12.31 6.67 -15.12
C PHE A 1387 -13.06 5.54 -14.43
N PRO A 1388 -14.26 5.80 -13.93
CA PRO A 1388 -15.02 4.74 -13.27
C PRO A 1388 -15.51 3.71 -14.27
N LEU A 1389 -15.55 2.45 -13.85
CA LEU A 1389 -16.08 1.38 -14.68
C LEU A 1389 -17.60 1.36 -14.72
N SER A 1390 -18.26 2.25 -14.00
CA SER A 1390 -19.71 2.27 -13.95
C SER A 1390 -20.34 3.01 -15.13
N ILE A 1391 -19.56 3.35 -16.15
CA ILE A 1391 -20.08 4.06 -17.32
C ILE A 1391 -19.67 3.36 -18.61
N GLN A 1392 -19.19 2.11 -18.50
CA GLN A 1392 -18.81 1.38 -19.71
C GLN A 1392 -20.00 1.19 -20.64
N GLY A 1393 -21.03 0.48 -20.17
CA GLY A 1393 -22.21 0.22 -20.95
C GLY A 1393 -23.24 1.32 -20.96
N ARG A 1394 -22.93 2.48 -20.37
CA ARG A 1394 -23.83 3.62 -20.30
C ARG A 1394 -23.15 4.87 -20.83
N ILE A 1395 -22.46 4.74 -21.96
CA ILE A 1395 -21.80 5.87 -22.59
C ILE A 1395 -21.54 5.53 -24.04
N ARG A 1396 -21.59 6.56 -24.88
CA ARG A 1396 -21.22 6.41 -26.29
C ARG A 1396 -19.71 6.47 -26.45
N GLY A 1397 -19.21 5.82 -27.50
CA GLY A 1397 -17.79 5.74 -27.72
C GLY A 1397 -17.21 6.93 -28.46
N ARG A 1398 -17.75 7.22 -29.65
CA ARG A 1398 -17.24 8.32 -30.45
C ARG A 1398 -17.29 9.64 -29.68
N GLY A 1399 -18.44 9.94 -29.08
CA GLY A 1399 -18.58 11.20 -28.36
C GLY A 1399 -17.62 11.29 -27.18
N PHE A 1400 -17.52 10.21 -26.41
CA PHE A 1400 -16.65 10.20 -25.25
C PHE A 1400 -15.20 10.42 -25.66
N LEU A 1401 -14.74 9.73 -26.71
CA LEU A 1401 -13.35 9.84 -27.09
C LEU A 1401 -13.04 11.19 -27.74
N LYS A 1402 -13.98 11.72 -28.52
CA LYS A 1402 -13.77 13.04 -29.10
C LYS A 1402 -13.73 14.10 -28.00
N GLY A 1403 -14.61 13.99 -27.01
CA GLY A 1403 -14.56 14.91 -25.89
C GLY A 1403 -13.27 14.81 -25.12
N LEU A 1404 -12.79 13.57 -24.90
CA LEU A 1404 -11.51 13.39 -24.22
C LEU A 1404 -10.38 14.04 -25.00
N LEU A 1405 -10.38 13.87 -26.32
CA LEU A 1405 -9.36 14.51 -27.15
C LEU A 1405 -9.41 16.02 -27.02
N ASP A 1406 -10.62 16.58 -27.11
CA ASP A 1406 -10.76 18.04 -26.99
C ASP A 1406 -10.28 18.52 -25.64
N GLY A 1407 -10.61 17.79 -24.58
CA GLY A 1407 -10.18 18.21 -23.25
C GLY A 1407 -8.68 18.15 -23.07
N LEU A 1408 -8.05 17.07 -23.56
CA LEU A 1408 -6.59 16.98 -23.49
C LEU A 1408 -5.95 18.11 -24.28
N MET A 1409 -6.53 18.46 -25.44
CA MET A 1409 -5.96 19.54 -26.23
C MET A 1409 -6.09 20.87 -25.50
N ARG A 1410 -7.26 21.14 -24.92
CA ARG A 1410 -7.46 22.37 -24.16
C ARG A 1410 -6.50 22.46 -22.98
N ALA A 1411 -6.26 21.33 -22.31
CA ALA A 1411 -5.34 21.34 -21.19
C ALA A 1411 -3.91 21.57 -21.65
N SER A 1412 -3.53 20.97 -22.77
CA SER A 1412 -2.22 21.24 -23.35
C SER A 1412 -2.05 22.70 -23.70
N CYS A 1413 -3.13 23.35 -24.15
CA CYS A 1413 -3.06 24.77 -24.44
C CYS A 1413 -2.80 25.58 -23.18
N CYS A 1414 -3.28 25.12 -22.03
CA CYS A 1414 -3.11 25.83 -20.77
C CYS A 1414 -1.82 25.44 -20.05
N GLN A 1415 -0.85 24.90 -20.77
CA GLN A 1415 0.44 24.53 -20.19
C GLN A 1415 1.59 25.14 -20.98
N VAL A 1416 1.39 25.34 -22.28
CA VAL A 1416 2.47 25.83 -23.12
C VAL A 1416 2.94 27.21 -22.66
N ILE A 1417 2.00 28.04 -22.17
CA ILE A 1417 2.38 29.35 -21.68
C ILE A 1417 3.27 29.23 -20.46
N HIS A 1418 3.06 28.21 -19.64
CA HIS A 1418 3.83 28.00 -18.42
C HIS A 1418 5.09 27.17 -18.64
N ARG A 1419 5.37 26.76 -19.87
CA ARG A 1419 6.57 26.00 -20.21
C ARG A 1419 7.48 26.74 -21.18
N ARG A 1420 6.93 27.30 -22.25
CA ARG A 1420 7.72 27.97 -23.26
C ARG A 1420 7.89 29.44 -22.93
N SER A 1421 8.75 30.10 -23.70
CA SER A 1421 8.99 31.53 -23.59
C SER A 1421 8.39 32.21 -24.81
N LEU A 1422 7.46 33.13 -24.58
CA LEU A 1422 6.75 33.78 -25.68
C LEU A 1422 7.69 34.55 -26.59
N ALA A 1423 8.84 34.98 -26.08
CA ALA A 1423 9.78 35.72 -26.90
C ALA A 1423 10.30 34.85 -28.06
N HIS A 1424 10.93 33.72 -27.72
CA HIS A 1424 11.44 32.81 -28.72
C HIS A 1424 10.38 31.86 -29.26
N LEU A 1425 9.13 31.99 -28.85
CA LEU A 1425 8.09 31.07 -29.28
C LEU A 1425 7.65 31.37 -30.71
N LYS A 1426 7.40 30.30 -31.45
CA LYS A 1426 6.82 30.38 -32.79
C LYS A 1426 6.23 29.01 -33.11
N ARG A 1427 5.19 29.02 -33.93
CA ARG A 1427 4.46 27.79 -34.24
C ARG A 1427 3.90 27.21 -32.96
N PRO A 1428 2.96 27.90 -32.29
CA PRO A 1428 2.44 27.37 -31.02
C PRO A 1428 1.64 26.10 -31.20
N ALA A 1429 1.08 25.88 -32.38
CA ALA A 1429 0.34 24.65 -32.63
C ALA A 1429 1.23 23.43 -32.52
N ASN A 1430 2.51 23.57 -32.89
CA ASN A 1430 3.46 22.48 -32.69
C ASN A 1430 3.58 22.14 -31.21
N ALA A 1431 3.65 23.16 -30.35
CA ALA A 1431 3.76 22.91 -28.92
C ALA A 1431 2.48 22.29 -28.38
N VAL A 1432 1.32 22.73 -28.86
CA VAL A 1432 0.07 22.14 -28.43
C VAL A 1432 0.01 20.67 -28.82
N TYR A 1433 0.40 20.35 -30.06
CA TYR A 1433 0.40 18.97 -30.51
C TYR A 1433 1.39 18.13 -29.72
N GLY A 1434 2.52 18.72 -29.35
CA GLY A 1434 3.49 17.99 -28.54
C GLY A 1434 2.96 17.68 -27.16
N GLY A 1435 2.34 18.67 -26.51
CA GLY A 1435 1.72 18.42 -25.22
C GLY A 1435 0.61 17.38 -25.31
N LEU A 1436 -0.14 17.39 -26.42
CA LEU A 1436 -1.19 16.41 -26.59
C LEU A 1436 -0.62 15.01 -26.75
N ILE A 1437 0.45 14.87 -27.55
CA ILE A 1437 1.11 13.58 -27.68
C ILE A 1437 1.64 13.10 -26.34
N TYR A 1438 2.21 14.02 -25.56
CA TYR A 1438 2.70 13.68 -24.23
C TYR A 1438 1.57 13.14 -23.35
N LEU A 1439 0.44 13.84 -23.33
CA LEU A 1439 -0.69 13.40 -22.52
C LEU A 1439 -1.23 12.06 -23.01
N ILE A 1440 -1.24 11.84 -24.32
CA ILE A 1440 -1.78 10.58 -24.85
C ILE A 1440 -0.84 9.42 -24.51
N ASP A 1441 0.46 9.64 -24.63
CA ASP A 1441 1.41 8.57 -24.29
C ASP A 1441 1.43 8.30 -22.80
N LYS A 1442 1.10 9.29 -21.98
CA LYS A 1442 0.99 9.05 -20.55
C LYS A 1442 -0.33 8.39 -20.18
N LEU A 1443 -1.39 8.63 -20.96
CA LEU A 1443 -2.68 8.01 -20.71
C LEU A 1443 -2.77 6.59 -21.25
N SER A 1444 -1.94 6.24 -22.23
CA SER A 1444 -1.93 4.91 -22.79
C SER A 1444 -1.22 3.88 -21.91
N VAL A 1445 -0.81 4.26 -20.70
CA VAL A 1445 -0.20 3.35 -19.75
C VAL A 1445 -0.89 3.43 -18.40
N SER A 1446 -2.08 4.04 -18.37
CA SER A 1446 -2.82 4.23 -17.13
C SER A 1446 -3.71 3.01 -16.88
N PRO A 1447 -3.56 2.30 -15.76
CA PRO A 1447 -4.45 1.16 -15.49
C PRO A 1447 -5.91 1.55 -15.47
N PRO A 1448 -6.33 2.54 -14.67
CA PRO A 1448 -7.77 2.83 -14.58
C PRO A 1448 -8.40 3.29 -15.88
N PHE A 1449 -7.62 3.66 -16.89
CA PHE A 1449 -8.16 4.05 -18.18
C PHE A 1449 -8.28 2.85 -19.12
N LEU A 1450 -7.22 2.05 -19.21
CA LEU A 1450 -7.26 0.90 -20.11
C LEU A 1450 -8.30 -0.12 -19.66
N SER A 1451 -8.61 -0.15 -18.36
CA SER A 1451 -9.69 -1.01 -17.89
C SER A 1451 -11.04 -0.52 -18.42
N LEU A 1452 -11.21 0.79 -18.51
CA LEU A 1452 -12.44 1.35 -19.06
C LEU A 1452 -12.58 0.99 -20.52
N THR A 1453 -11.49 1.00 -21.27
CA THR A 1453 -11.48 0.70 -22.70
C THR A 1453 -11.15 -0.76 -22.99
N ARG A 1454 -11.17 -1.63 -21.98
CA ARG A 1454 -10.80 -3.02 -22.22
C ARG A 1454 -11.94 -3.81 -22.86
N SER A 1455 -13.19 -3.45 -22.57
CA SER A 1455 -14.33 -4.10 -23.18
C SER A 1455 -15.56 -3.24 -22.98
N GLY A 1456 -16.25 -2.94 -24.08
CA GLY A 1456 -17.43 -2.12 -24.05
C GLY A 1456 -17.63 -1.37 -25.34
N PRO A 1457 -18.56 -0.40 -25.35
CA PRO A 1457 -18.76 0.39 -26.57
C PRO A 1457 -17.57 1.27 -26.89
N ILE A 1458 -16.82 1.72 -25.87
CA ILE A 1458 -15.60 2.47 -26.12
C ILE A 1458 -14.63 1.64 -26.95
N ARG A 1459 -14.43 0.38 -26.57
CA ARG A 1459 -13.57 -0.49 -27.35
C ARG A 1459 -14.18 -0.83 -28.70
N ASP A 1460 -15.51 -0.89 -28.78
CA ASP A 1460 -16.15 -1.09 -30.06
C ASP A 1460 -15.84 0.06 -31.01
N GLU A 1461 -15.75 1.28 -30.48
CA GLU A 1461 -15.37 2.42 -31.31
C GLU A 1461 -13.88 2.40 -31.63
N LEU A 1462 -13.05 2.01 -30.66
CA LEU A 1462 -11.61 1.96 -30.90
C LEU A 1462 -11.26 0.97 -32.01
N GLU A 1463 -12.10 -0.05 -32.21
CA GLU A 1463 -11.83 -1.08 -33.20
C GLU A 1463 -12.48 -0.79 -34.55
N THR A 1464 -13.28 0.27 -34.67
CA THR A 1464 -13.75 0.68 -35.98
C THR A 1464 -12.59 1.00 -36.90
N ILE A 1465 -11.54 1.59 -36.35
CA ILE A 1465 -10.33 1.93 -37.10
C ILE A 1465 -9.61 0.63 -37.42
N PRO A 1466 -8.95 0.51 -38.58
CA PRO A 1466 -8.13 -0.68 -38.82
C PRO A 1466 -7.01 -0.79 -37.78
N HIS A 1467 -6.66 -2.02 -37.45
CA HIS A 1467 -5.71 -2.27 -36.37
C HIS A 1467 -5.24 -3.72 -36.49
N LYS A 1468 -4.48 -4.16 -35.50
CA LYS A 1468 -4.06 -5.55 -35.36
C LYS A 1468 -4.80 -6.16 -34.18
N ILE A 1469 -5.25 -7.40 -34.36
CA ILE A 1469 -5.95 -8.08 -33.26
C ILE A 1469 -4.95 -8.32 -32.12
N PRO A 1470 -5.35 -8.18 -30.85
CA PRO A 1470 -4.43 -8.54 -29.78
C PRO A 1470 -4.10 -10.03 -29.80
N THR A 1471 -2.82 -10.33 -29.59
CA THR A 1471 -2.35 -11.71 -29.60
C THR A 1471 -2.64 -12.43 -28.29
N SER A 1472 -2.86 -11.69 -27.21
CA SER A 1472 -2.93 -12.26 -25.87
C SER A 1472 -4.37 -12.48 -25.42
N TYR A 1473 -4.51 -13.33 -24.42
CA TYR A 1473 -5.73 -13.43 -23.63
C TYR A 1473 -5.66 -12.22 -22.70
N PRO A 1474 -6.66 -11.99 -21.82
CA PRO A 1474 -7.26 -10.65 -21.70
C PRO A 1474 -6.25 -9.52 -21.80
N THR A 1475 -6.55 -8.56 -22.68
CA THR A 1475 -5.57 -7.69 -23.28
C THR A 1475 -4.67 -7.04 -22.24
N SER A 1476 -3.37 -7.33 -22.35
CA SER A 1476 -2.39 -6.68 -21.51
C SER A 1476 -2.45 -5.17 -21.72
N ASN A 1477 -1.98 -4.44 -20.73
CA ASN A 1477 -2.07 -2.98 -20.77
C ASN A 1477 -1.32 -2.41 -21.97
N ARG A 1478 -0.26 -3.08 -22.42
CA ARG A 1478 0.47 -2.59 -23.59
C ARG A 1478 -0.28 -2.87 -24.87
N ASP A 1479 -0.92 -4.04 -24.99
CA ASP A 1479 -1.69 -4.35 -26.18
C ASP A 1479 -2.91 -3.45 -26.30
N MET A 1480 -3.43 -2.96 -25.18
CA MET A 1480 -4.54 -2.01 -25.22
C MET A 1480 -4.05 -0.59 -25.45
N GLY A 1481 -2.87 -0.26 -24.92
CA GLY A 1481 -2.28 1.03 -25.20
C GLY A 1481 -1.94 1.19 -26.67
N VAL A 1482 -1.57 0.10 -27.34
CA VAL A 1482 -1.33 0.15 -28.78
C VAL A 1482 -2.61 0.56 -29.50
N ILE A 1483 -3.75 -0.01 -29.10
CA ILE A 1483 -5.01 0.32 -29.73
C ILE A 1483 -5.36 1.79 -29.47
N VAL A 1484 -5.17 2.23 -28.24
CA VAL A 1484 -5.47 3.63 -27.89
C VAL A 1484 -4.62 4.57 -28.73
N ARG A 1485 -3.33 4.24 -28.88
CA ARG A 1485 -2.44 5.10 -29.65
C ARG A 1485 -2.81 5.10 -31.12
N ASN A 1486 -3.17 3.94 -31.67
CA ASN A 1486 -3.61 3.88 -33.06
C ASN A 1486 -4.85 4.74 -33.28
N TYR A 1487 -5.82 4.64 -32.37
CA TYR A 1487 -7.06 5.41 -32.54
C TYR A 1487 -6.78 6.91 -32.46
N PHE A 1488 -6.05 7.35 -31.44
CA PHE A 1488 -5.77 8.78 -31.32
C PHE A 1488 -4.84 9.27 -32.42
N LYS A 1489 -4.03 8.39 -33.01
CA LYS A 1489 -3.20 8.78 -34.13
C LYS A 1489 -4.02 8.94 -35.40
N TYR A 1490 -5.08 8.13 -35.56
CA TYR A 1490 -6.01 8.35 -36.66
C TYR A 1490 -6.81 9.63 -36.45
N GLN A 1491 -7.17 9.92 -35.20
CA GLN A 1491 -7.98 11.11 -34.92
C GLN A 1491 -7.14 12.38 -34.89
N CYS A 1492 -5.82 12.27 -34.76
CA CYS A 1492 -4.94 13.43 -34.77
C CYS A 1492 -4.36 13.74 -36.14
N ARG A 1493 -4.55 12.86 -37.12
CA ARG A 1493 -4.05 13.13 -38.46
C ARG A 1493 -4.74 14.33 -39.09
N LEU A 1494 -5.96 14.64 -38.65
CA LEU A 1494 -6.66 15.84 -39.11
C LEU A 1494 -6.23 17.09 -38.35
N ILE A 1495 -5.70 16.94 -37.14
CA ILE A 1495 -5.21 18.09 -36.39
C ILE A 1495 -3.96 18.66 -37.04
N GLU A 1496 -3.03 17.80 -37.43
CA GLU A 1496 -1.80 18.27 -38.05
C GLU A 1496 -2.05 18.93 -39.41
N LYS A 1497 -3.24 18.73 -39.99
CA LYS A 1497 -3.61 19.47 -41.20
C LYS A 1497 -3.93 20.92 -40.92
N GLY A 1498 -4.10 21.32 -39.65
CA GLY A 1498 -4.40 22.68 -39.28
C GLY A 1498 -5.86 23.00 -39.09
N LYS A 1499 -6.75 22.06 -39.38
CA LYS A 1499 -8.19 22.27 -39.27
C LYS A 1499 -8.73 21.44 -38.12
N TYR A 1500 -9.07 22.12 -37.02
CA TYR A 1500 -9.65 21.47 -35.86
C TYR A 1500 -10.58 22.47 -35.19
N ARG A 1501 -11.64 21.95 -34.59
CA ARG A 1501 -12.59 22.78 -33.86
C ARG A 1501 -13.46 21.89 -33.01
N SER A 1502 -13.85 22.41 -31.85
CA SER A 1502 -14.74 21.67 -30.97
C SER A 1502 -16.12 21.51 -31.60
N HIS A 1503 -16.67 20.29 -31.48
CA HIS A 1503 -17.96 20.01 -32.08
C HIS A 1503 -19.11 20.71 -31.37
N TYR A 1504 -18.88 21.18 -30.14
CA TYR A 1504 -19.94 21.78 -29.32
C TYR A 1504 -19.36 23.03 -28.65
N SER A 1505 -19.79 24.20 -29.14
CA SER A 1505 -19.24 25.45 -28.63
C SER A 1505 -19.58 25.68 -27.17
N GLN A 1506 -20.67 25.08 -26.68
CA GLN A 1506 -21.09 25.26 -25.31
C GLN A 1506 -20.44 24.22 -24.41
N LEU A 1507 -20.23 24.59 -23.15
CA LEU A 1507 -19.52 23.77 -22.18
C LEU A 1507 -20.45 23.38 -21.04
N TRP A 1508 -20.04 22.33 -20.33
CA TRP A 1508 -20.81 21.78 -19.22
C TRP A 1508 -19.86 21.37 -18.11
N LEU A 1509 -20.40 21.31 -16.90
CA LEU A 1509 -19.62 20.97 -15.72
C LEU A 1509 -20.42 20.00 -14.85
N PHE A 1510 -19.72 19.38 -13.91
CA PHE A 1510 -20.31 18.43 -12.98
C PHE A 1510 -19.79 18.73 -11.59
N SER A 1511 -20.37 18.04 -10.59
CA SER A 1511 -19.99 18.26 -9.21
C SER A 1511 -18.61 17.68 -8.89
N ASP A 1512 -18.15 16.69 -9.64
CA ASP A 1512 -16.85 16.10 -9.38
C ASP A 1512 -15.69 17.01 -9.78
N VAL A 1513 -15.96 17.99 -10.65
CA VAL A 1513 -14.93 18.92 -11.13
C VAL A 1513 -15.34 20.33 -10.78
N LEU A 1514 -16.08 20.49 -9.68
CA LEU A 1514 -16.66 21.77 -9.28
C LEU A 1514 -15.68 22.45 -8.33
N SER A 1515 -14.82 23.29 -8.89
CA SER A 1515 -13.85 24.04 -8.11
C SER A 1515 -13.21 25.09 -9.00
N ILE A 1516 -12.69 26.13 -8.36
CA ILE A 1516 -12.09 27.25 -9.12
C ILE A 1516 -10.87 26.78 -9.89
N ASP A 1517 -10.05 25.91 -9.27
CA ASP A 1517 -8.82 25.46 -9.92
C ASP A 1517 -9.08 24.69 -11.20
N PHE A 1518 -10.29 24.15 -11.36
CA PHE A 1518 -10.71 23.51 -12.60
C PHE A 1518 -11.51 24.45 -13.49
N ILE A 1519 -12.41 25.25 -12.90
CA ILE A 1519 -13.30 26.07 -13.70
C ILE A 1519 -12.54 27.19 -14.40
N GLY A 1520 -11.52 27.75 -13.77
CA GLY A 1520 -10.82 28.88 -14.34
C GLY A 1520 -10.15 28.56 -15.65
N PRO A 1521 -9.14 27.68 -15.62
CA PRO A 1521 -8.46 27.30 -16.87
C PRO A 1521 -9.40 26.67 -17.89
N PHE A 1522 -10.43 25.96 -17.42
CA PHE A 1522 -11.38 25.36 -18.34
C PHE A 1522 -12.18 26.44 -19.07
N SER A 1523 -12.66 27.44 -18.33
CA SER A 1523 -13.33 28.58 -18.97
C SER A 1523 -12.39 29.33 -19.88
N ILE A 1524 -11.10 29.34 -19.56
CA ILE A 1524 -10.15 30.19 -20.28
C ILE A 1524 -9.61 29.53 -21.55
N SER A 1525 -9.62 28.20 -21.62
CA SER A 1525 -8.98 27.50 -22.74
C SER A 1525 -9.60 27.84 -24.10
N THR A 1526 -10.83 28.34 -24.11
CA THR A 1526 -11.48 28.68 -25.39
C THR A 1526 -10.70 29.74 -26.14
N THR A 1527 -10.09 30.68 -25.41
CA THR A 1527 -9.29 31.72 -26.05
C THR A 1527 -7.92 31.20 -26.43
N LEU A 1528 -7.30 30.41 -25.55
CA LEU A 1528 -5.96 29.91 -25.81
C LEU A 1528 -5.96 29.01 -27.04
N LEU A 1529 -7.04 28.25 -27.26
CA LEU A 1529 -7.11 27.41 -28.45
C LEU A 1529 -6.99 28.25 -29.71
N GLN A 1530 -7.82 29.28 -29.84
CA GLN A 1530 -7.77 30.13 -31.02
C GLN A 1530 -6.45 30.87 -31.12
N ILE A 1531 -5.87 31.27 -29.99
CA ILE A 1531 -4.67 32.09 -30.05
C ILE A 1531 -3.43 31.27 -30.39
N LEU A 1532 -3.40 29.99 -30.03
CA LEU A 1532 -2.23 29.15 -30.21
C LEU A 1532 -2.32 28.24 -31.42
N TYR A 1533 -3.50 27.69 -31.72
CA TYR A 1533 -3.61 26.73 -32.81
C TYR A 1533 -3.34 27.38 -34.16
N LYS A 1534 -3.60 28.68 -34.29
CA LYS A 1534 -3.32 29.36 -35.54
C LYS A 1534 -1.82 29.37 -35.82
N PRO A 1535 -1.41 29.60 -37.09
CA PRO A 1535 -0.01 29.33 -37.47
C PRO A 1535 1.03 30.15 -36.72
N PHE A 1536 0.87 31.48 -36.72
CA PHE A 1536 1.85 32.40 -36.16
C PHE A 1536 1.15 33.31 -35.15
N LEU A 1537 1.96 34.16 -34.52
CA LEU A 1537 1.50 35.05 -33.45
C LEU A 1537 1.63 36.50 -33.91
N SER A 1538 1.03 37.39 -33.12
CA SER A 1538 1.15 38.83 -33.30
C SER A 1538 1.36 39.47 -31.94
N GLY A 1539 1.54 40.79 -31.93
CA GLY A 1539 1.82 41.47 -30.67
C GLY A 1539 0.67 41.40 -29.70
N LYS A 1540 -0.55 41.64 -30.19
CA LYS A 1540 -1.72 41.55 -29.32
C LYS A 1540 -1.87 40.14 -28.77
N ASP A 1541 -1.55 39.13 -29.57
CA ASP A 1541 -1.64 37.75 -29.10
C ASP A 1541 -0.63 37.49 -27.99
N LYS A 1542 0.58 38.01 -28.14
CA LYS A 1542 1.58 37.83 -27.09
C LYS A 1542 1.18 38.54 -25.80
N ASN A 1543 0.63 39.75 -25.92
CA ASN A 1543 0.17 40.45 -24.73
C ASN A 1543 -0.97 39.70 -24.05
N GLU A 1544 -1.91 39.17 -24.85
CA GLU A 1544 -3.01 38.40 -24.29
C GLU A 1544 -2.48 37.14 -23.62
N LEU A 1545 -1.48 36.49 -24.20
CA LEU A 1545 -0.95 35.27 -23.60
C LEU A 1545 -0.22 35.57 -22.31
N ARG A 1546 0.47 36.70 -22.23
CA ARG A 1546 1.12 37.08 -20.98
C ARG A 1546 0.09 37.36 -19.89
N GLU A 1547 -0.94 38.13 -20.24
CA GLU A 1547 -2.04 38.36 -19.30
C GLU A 1547 -2.69 37.05 -18.90
N LEU A 1548 -2.78 36.09 -19.81
CA LEU A 1548 -3.42 34.81 -19.51
C LEU A 1548 -2.56 33.96 -18.59
N ALA A 1549 -1.24 34.01 -18.76
CA ALA A 1549 -0.35 33.32 -17.83
C ALA A 1549 -0.48 33.92 -16.44
N ASN A 1550 -0.50 35.25 -16.34
CA ASN A 1550 -0.70 35.88 -15.04
C ASN A 1550 -2.05 35.51 -14.46
N LEU A 1551 -3.07 35.39 -15.31
CA LEU A 1551 -4.41 35.04 -14.84
C LEU A 1551 -4.46 33.60 -14.34
N SER A 1552 -3.77 32.70 -15.02
CA SER A 1552 -3.69 31.32 -14.54
C SER A 1552 -2.99 31.26 -13.20
N SER A 1553 -1.89 32.01 -13.05
CA SER A 1553 -1.20 32.07 -11.77
C SER A 1553 -2.13 32.59 -10.68
N LEU A 1554 -2.95 33.60 -11.00
CA LEU A 1554 -3.85 34.17 -10.00
C LEU A 1554 -4.99 33.21 -9.67
N LEU A 1555 -5.44 32.42 -10.64
CA LEU A 1555 -6.57 31.53 -10.41
C LEU A 1555 -6.16 30.30 -9.62
N ARG A 1556 -5.07 29.64 -10.04
CA ARG A 1556 -4.62 28.45 -9.32
C ARG A 1556 -4.11 28.80 -7.93
N SER A 1557 -3.65 30.04 -7.73
CA SER A 1557 -3.14 30.48 -6.44
C SER A 1557 -4.23 31.05 -5.54
N GLY A 1558 -5.50 30.89 -5.90
CA GLY A 1558 -6.58 31.37 -5.06
C GLY A 1558 -6.71 32.87 -4.98
N GLU A 1559 -5.97 33.63 -5.78
CA GLU A 1559 -6.07 35.07 -5.81
C GLU A 1559 -7.14 35.51 -6.81
N GLY A 1560 -7.68 36.69 -6.59
CA GLY A 1560 -8.75 37.21 -7.41
C GLY A 1560 -8.24 37.70 -8.76
N TRP A 1561 -9.09 38.50 -9.41
CA TRP A 1561 -8.74 39.07 -10.70
C TRP A 1561 -9.43 40.42 -10.83
N GLU A 1562 -8.85 41.28 -11.67
CA GLU A 1562 -9.36 42.62 -11.88
C GLU A 1562 -10.53 42.57 -12.84
N ASP A 1563 -10.99 43.75 -13.28
CA ASP A 1563 -12.08 43.87 -14.25
C ASP A 1563 -11.56 43.92 -15.69
N ILE A 1564 -10.35 43.40 -15.94
CA ILE A 1564 -9.72 43.43 -17.25
C ILE A 1564 -9.82 42.07 -17.91
N HIS A 1565 -9.73 41.01 -17.10
CA HIS A 1565 -9.65 39.65 -17.62
C HIS A 1565 -10.99 39.10 -18.10
N VAL A 1566 -12.06 39.90 -18.05
CA VAL A 1566 -13.39 39.39 -18.33
C VAL A 1566 -13.51 38.94 -19.79
N LYS A 1567 -12.78 39.58 -20.69
CA LYS A 1567 -12.84 39.19 -22.10
C LYS A 1567 -12.27 37.80 -22.34
N PHE A 1568 -11.53 37.24 -21.38
CA PHE A 1568 -10.92 35.93 -21.59
C PHE A 1568 -11.80 34.78 -21.14
N PHE A 1569 -12.65 35.00 -20.14
CA PHE A 1569 -13.51 33.94 -19.63
C PHE A 1569 -14.48 33.45 -20.70
N THR A 1570 -15.01 32.26 -20.48
CA THR A 1570 -15.98 31.66 -21.39
C THR A 1570 -17.39 32.05 -20.95
N LYS A 1571 -18.17 32.55 -21.90
CA LYS A 1571 -19.51 33.01 -21.63
C LYS A 1571 -20.52 31.87 -21.77
N ASP A 1572 -21.51 31.86 -20.88
CA ASP A 1572 -22.57 30.86 -20.88
C ASP A 1572 -22.01 29.44 -20.74
N ILE A 1573 -21.31 29.23 -19.62
CA ILE A 1573 -20.87 27.91 -19.22
C ILE A 1573 -21.91 27.34 -18.25
N LEU A 1574 -22.36 26.12 -18.53
CA LEU A 1574 -23.47 25.51 -17.81
C LEU A 1574 -22.96 24.49 -16.80
N LEU A 1575 -23.90 23.82 -16.13
CA LEU A 1575 -23.58 22.87 -15.09
C LEU A 1575 -24.62 21.75 -15.10
N CYS A 1576 -24.22 20.58 -14.64
CA CYS A 1576 -25.08 19.43 -14.47
C CYS A 1576 -25.11 19.03 -13.00
N PRO A 1577 -26.28 18.89 -12.37
CA PRO A 1577 -26.26 18.54 -10.93
C PRO A 1577 -25.64 17.20 -10.63
N GLU A 1578 -25.96 16.18 -11.42
CA GLU A 1578 -25.44 14.85 -11.16
C GLU A 1578 -23.92 14.83 -11.33
N GLU A 1579 -23.32 13.76 -10.83
CA GLU A 1579 -21.88 13.57 -10.92
C GLU A 1579 -21.55 12.89 -12.25
N ILE A 1580 -20.29 12.48 -12.42
CA ILE A 1580 -19.87 11.90 -13.69
C ILE A 1580 -20.51 10.54 -13.90
N ARG A 1581 -20.43 9.68 -12.89
CA ARG A 1581 -20.94 8.31 -13.00
C ARG A 1581 -22.43 8.20 -12.69
N HIS A 1582 -23.15 9.32 -12.63
CA HIS A 1582 -24.60 9.30 -12.43
C HIS A 1582 -25.30 10.30 -13.35
N ALA A 1583 -24.70 10.61 -14.49
CA ALA A 1583 -25.22 11.61 -15.42
C ALA A 1583 -25.60 11.04 -16.78
N CYS A 1584 -24.81 10.11 -17.30
CA CYS A 1584 -25.10 9.49 -18.61
C CYS A 1584 -26.06 8.31 -18.44
N LYS A 1585 -27.22 8.62 -17.89
CA LYS A 1585 -28.26 7.62 -17.63
C LYS A 1585 -29.24 7.49 -18.80
N PHE A 1586 -28.71 7.25 -19.99
CA PHE A 1586 -29.51 7.04 -21.18
C PHE A 1586 -29.43 5.58 -21.61
N GLY A 1587 -30.26 5.22 -22.58
CA GLY A 1587 -30.40 3.86 -23.03
C GLY A 1587 -29.41 3.49 -24.12
N ILE A 1588 -29.75 2.44 -24.86
CA ILE A 1588 -28.91 1.91 -25.93
C ILE A 1588 -29.79 1.65 -27.14
N ALA A 1589 -29.23 1.84 -28.33
CA ALA A 1589 -29.93 1.64 -29.59
C ALA A 1589 -29.07 0.82 -30.53
N LYS A 1590 -29.62 0.52 -31.70
CA LYS A 1590 -28.93 -0.29 -32.70
C LYS A 1590 -28.17 0.59 -33.68
N MET A 1596 -26.32 -8.75 -34.61
CA MET A 1596 -25.86 -7.77 -35.58
C MET A 1596 -25.34 -8.48 -36.83
N SER A 1597 -24.67 -7.75 -37.70
CA SER A 1597 -24.27 -8.27 -39.00
C SER A 1597 -22.94 -9.01 -38.91
N TYR A 1598 -22.57 -9.64 -40.02
CA TYR A 1598 -21.36 -10.44 -40.15
C TYR A 1598 -20.50 -9.85 -41.27
N PRO A 1599 -19.25 -9.50 -41.03
CA PRO A 1599 -18.46 -8.84 -42.09
C PRO A 1599 -18.20 -9.79 -43.25
N PRO A 1600 -17.74 -9.26 -44.39
CA PRO A 1600 -17.51 -10.11 -45.57
C PRO A 1600 -16.21 -10.89 -45.42
N TRP A 1601 -16.34 -12.20 -45.22
CA TRP A 1601 -15.22 -13.11 -45.11
C TRP A 1601 -15.24 -14.04 -46.31
N GLY A 1602 -14.28 -13.86 -47.22
CA GLY A 1602 -14.16 -14.71 -48.38
C GLY A 1602 -13.35 -15.95 -48.06
N ARG A 1603 -12.92 -16.63 -49.12
CA ARG A 1603 -12.13 -17.85 -48.98
C ARG A 1603 -10.71 -17.46 -48.62
N GLU A 1604 -10.35 -17.65 -47.35
CA GLU A 1604 -9.01 -17.36 -46.90
C GLU A 1604 -8.01 -18.28 -47.58
N SER A 1605 -6.74 -17.94 -47.45
CA SER A 1605 -5.68 -18.67 -48.14
C SER A 1605 -5.38 -19.99 -47.45
N ARG A 1606 -4.82 -20.92 -48.22
CA ARG A 1606 -4.50 -22.26 -47.74
C ARG A 1606 -3.15 -22.67 -48.28
N GLY A 1607 -2.67 -23.81 -47.81
CA GLY A 1607 -1.41 -24.36 -48.28
C GLY A 1607 -1.46 -25.88 -48.25
N THR A 1608 -0.41 -26.47 -48.80
CA THR A 1608 -0.30 -27.92 -48.87
C THR A 1608 0.42 -28.45 -47.63
N ILE A 1609 0.27 -29.75 -47.40
CA ILE A 1609 0.77 -30.40 -46.21
C ILE A 1609 1.79 -31.47 -46.61
N THR A 1610 2.51 -31.96 -45.61
CA THR A 1610 3.46 -33.05 -45.76
C THR A 1610 3.20 -34.02 -44.61
N THR A 1611 2.80 -35.24 -44.96
CA THR A 1611 2.29 -36.20 -43.99
C THR A 1611 3.20 -37.42 -43.94
N ILE A 1612 3.37 -37.97 -42.74
CA ILE A 1612 4.08 -39.24 -42.56
C ILE A 1612 3.22 -40.11 -41.64
N PRO A 1613 2.88 -41.33 -42.01
CA PRO A 1613 1.99 -42.13 -41.16
C PRO A 1613 2.76 -42.95 -40.13
N VAL A 1614 2.01 -43.48 -39.17
CA VAL A 1614 2.54 -44.38 -38.15
C VAL A 1614 1.53 -45.50 -37.94
N TYR A 1615 1.99 -46.74 -38.04
CA TYR A 1615 1.16 -47.92 -37.89
C TYR A 1615 1.49 -48.61 -36.58
N TYR A 1616 0.48 -49.25 -36.00
CA TYR A 1616 0.57 -49.83 -34.67
C TYR A 1616 0.42 -51.35 -34.75
N THR A 1617 1.32 -52.05 -34.06
CA THR A 1617 1.28 -53.50 -33.98
C THR A 1617 1.93 -53.92 -32.68
N THR A 1618 1.61 -55.14 -32.24
CA THR A 1618 2.07 -55.60 -30.93
C THR A 1618 3.59 -55.69 -30.86
N THR A 1619 4.26 -55.93 -31.99
CA THR A 1619 5.71 -56.08 -32.03
C THR A 1619 6.39 -54.82 -31.52
N PRO A 1620 7.05 -54.83 -30.35
CA PRO A 1620 7.73 -53.62 -29.86
C PRO A 1620 9.04 -53.40 -30.60
N TYR A 1621 9.09 -52.36 -31.42
CA TYR A 1621 10.30 -52.01 -32.14
C TYR A 1621 11.15 -51.07 -31.30
N PRO A 1622 12.42 -50.88 -31.65
CA PRO A 1622 13.24 -49.90 -30.93
C PRO A 1622 12.88 -48.48 -31.32
N LYS A 1623 13.09 -47.58 -30.36
CA LYS A 1623 12.81 -46.15 -30.54
C LYS A 1623 14.12 -45.48 -30.95
N MET A 1624 14.38 -45.47 -32.25
CA MET A 1624 15.61 -44.93 -32.83
C MET A 1624 15.22 -43.75 -33.73
N LEU A 1625 15.38 -42.54 -33.23
CA LEU A 1625 15.10 -41.33 -33.98
C LEU A 1625 16.14 -40.28 -33.61
N GLU A 1626 16.85 -39.76 -34.62
CA GLU A 1626 17.81 -38.70 -34.36
C GLU A 1626 17.07 -37.43 -33.95
N MET A 1627 17.54 -36.79 -32.89
CA MET A 1627 16.86 -35.61 -32.40
C MET A 1627 17.12 -34.43 -33.34
N PRO A 1628 16.09 -33.65 -33.69
CA PRO A 1628 16.31 -32.51 -34.57
C PRO A 1628 16.81 -31.31 -33.79
N PRO A 1629 17.45 -30.36 -34.44
CA PRO A 1629 17.93 -29.17 -33.73
C PRO A 1629 16.80 -28.19 -33.43
N ARG A 1630 17.02 -27.40 -32.38
CA ARG A 1630 16.04 -26.41 -31.93
C ARG A 1630 16.43 -25.05 -32.51
N ILE A 1631 16.13 -24.88 -33.79
CA ILE A 1631 16.47 -23.68 -34.54
C ILE A 1631 15.23 -22.80 -34.66
N GLN A 1632 15.46 -21.49 -34.65
CA GLN A 1632 14.38 -20.51 -34.69
C GLN A 1632 14.72 -19.43 -35.71
N ASN A 1633 13.76 -19.11 -36.58
CA ASN A 1633 13.91 -17.97 -37.47
C ASN A 1633 12.54 -17.51 -37.97
N PRO A 1634 12.23 -16.21 -37.90
CA PRO A 1634 10.85 -15.75 -38.13
C PRO A 1634 10.49 -15.48 -39.58
N LEU A 1635 11.33 -15.93 -40.52
CA LEU A 1635 11.14 -15.56 -41.93
C LEU A 1635 9.73 -15.82 -42.42
N LEU A 1636 9.27 -17.07 -42.35
CA LEU A 1636 7.89 -17.34 -42.74
C LEU A 1636 6.90 -16.68 -41.79
N SER A 1637 7.23 -16.57 -40.51
CA SER A 1637 6.38 -15.81 -39.61
C SER A 1637 6.23 -14.36 -40.06
N GLY A 1638 7.24 -13.83 -40.75
CA GLY A 1638 7.13 -12.50 -41.30
C GLY A 1638 6.42 -12.45 -42.64
N ILE A 1639 6.48 -13.54 -43.39
CA ILE A 1639 5.79 -13.57 -44.68
C ILE A 1639 4.28 -13.52 -44.49
N ARG A 1640 3.76 -14.20 -43.46
CA ARG A 1640 2.33 -14.29 -43.27
C ARG A 1640 1.76 -12.92 -42.92
N LEU A 1641 1.02 -12.33 -43.85
CA LEU A 1641 0.53 -10.96 -43.71
C LEU A 1641 -0.78 -10.89 -42.95
N GLY A 1642 -1.59 -11.94 -42.99
CA GLY A 1642 -2.90 -11.92 -42.37
C GLY A 1642 -2.82 -12.08 -40.87
N GLN A 1643 -2.26 -11.07 -40.20
CA GLN A 1643 -1.97 -11.17 -38.77
C GLN A 1643 -3.26 -11.02 -37.98
N LEU A 1644 -4.06 -12.08 -38.01
CA LEU A 1644 -4.95 -12.41 -36.93
C LEU A 1644 -4.04 -12.86 -35.79
N PRO A 1645 -4.58 -13.10 -34.56
CA PRO A 1645 -3.74 -13.11 -33.34
C PRO A 1645 -2.40 -13.84 -33.48
N THR A 1646 -2.36 -14.84 -34.35
CA THR A 1646 -1.11 -15.48 -34.74
C THR A 1646 -1.31 -16.03 -36.14
N GLY A 1647 -0.22 -16.46 -36.76
CA GLY A 1647 -0.27 -17.03 -38.09
C GLY A 1647 -0.50 -18.52 -38.08
N ALA A 1648 -1.35 -18.98 -37.15
CA ALA A 1648 -1.61 -20.40 -37.00
C ALA A 1648 -2.82 -20.87 -37.80
N HIS A 1649 -3.81 -19.99 -37.99
CA HIS A 1649 -5.02 -20.38 -38.72
C HIS A 1649 -4.70 -20.84 -40.13
N TYR A 1650 -3.62 -20.32 -40.73
CA TYR A 1650 -3.14 -20.87 -42.00
C TYR A 1650 -2.94 -22.38 -41.89
N LYS A 1651 -2.31 -22.81 -40.79
CA LYS A 1651 -1.98 -24.22 -40.65
C LYS A 1651 -3.23 -25.07 -40.45
N ILE A 1652 -4.17 -24.62 -39.62
CA ILE A 1652 -5.35 -25.42 -39.36
C ILE A 1652 -6.22 -25.49 -40.61
N ARG A 1653 -6.32 -24.39 -41.36
CA ARG A 1653 -7.06 -24.45 -42.62
C ARG A 1653 -6.39 -25.39 -43.60
N SER A 1654 -5.06 -25.34 -43.69
CA SER A 1654 -4.35 -26.24 -44.60
C SER A 1654 -4.58 -27.70 -44.23
N ILE A 1655 -4.55 -28.02 -42.94
CA ILE A 1655 -4.76 -29.39 -42.52
C ILE A 1655 -6.20 -29.81 -42.79
N LEU A 1656 -7.16 -28.92 -42.53
CA LEU A 1656 -8.56 -29.26 -42.76
C LEU A 1656 -8.84 -29.52 -44.23
N HIS A 1657 -8.21 -28.75 -45.12
CA HIS A 1657 -8.45 -28.93 -46.54
C HIS A 1657 -7.67 -30.12 -47.11
N GLY A 1658 -6.47 -30.38 -46.58
CA GLY A 1658 -5.60 -31.38 -47.13
C GLY A 1658 -5.74 -32.77 -46.55
N MET A 1659 -6.76 -33.01 -45.72
CA MET A 1659 -7.01 -34.34 -45.20
C MET A 1659 -8.49 -34.71 -45.21
N GLY A 1660 -9.35 -33.90 -45.80
CA GLY A 1660 -10.77 -34.17 -45.82
C GLY A 1660 -11.35 -34.25 -44.44
N ILE A 1661 -11.34 -33.12 -43.72
CA ILE A 1661 -11.85 -33.03 -42.36
C ILE A 1661 -13.05 -32.10 -42.36
N HIS A 1662 -14.18 -32.62 -41.93
CA HIS A 1662 -15.41 -31.86 -41.76
C HIS A 1662 -15.88 -31.98 -40.32
N TYR A 1663 -16.67 -31.01 -39.89
CA TYR A 1663 -17.07 -30.96 -38.49
C TYR A 1663 -18.33 -30.13 -38.34
N ARG A 1664 -19.30 -30.65 -37.60
CA ARG A 1664 -20.46 -29.85 -37.22
C ARG A 1664 -20.10 -28.87 -36.11
N ASP A 1665 -19.51 -29.37 -35.03
CA ASP A 1665 -19.02 -28.56 -33.92
C ASP A 1665 -17.60 -29.00 -33.60
N PHE A 1666 -16.96 -28.29 -32.67
CA PHE A 1666 -15.56 -28.55 -32.36
C PHE A 1666 -15.24 -28.10 -30.94
N LEU A 1667 -14.07 -28.54 -30.49
CA LEU A 1667 -13.51 -28.16 -29.20
C LEU A 1667 -12.08 -27.69 -29.44
N SER A 1668 -11.79 -26.45 -29.07
CA SER A 1668 -10.48 -25.85 -29.28
C SER A 1668 -9.94 -25.44 -27.91
N CYS A 1669 -8.90 -26.12 -27.46
CA CYS A 1669 -8.29 -25.89 -26.15
C CYS A 1669 -6.81 -25.63 -26.33
N GLY A 1670 -6.34 -24.53 -25.75
CA GLY A 1670 -4.94 -24.14 -25.80
C GLY A 1670 -4.69 -22.85 -26.54
N ASP A 1671 -5.62 -22.40 -27.38
CA ASP A 1671 -5.43 -21.16 -28.11
C ASP A 1671 -5.34 -19.98 -27.14
N GLY A 1672 -4.74 -18.89 -27.62
CA GLY A 1672 -4.56 -17.74 -26.78
C GLY A 1672 -5.81 -16.90 -26.60
N SER A 1673 -6.33 -16.36 -27.70
CA SER A 1673 -7.47 -15.45 -27.65
C SER A 1673 -8.50 -15.78 -28.73
N GLY A 1674 -8.65 -17.05 -29.05
CA GLY A 1674 -9.68 -17.47 -29.98
C GLY A 1674 -9.30 -17.42 -31.44
N GLY A 1675 -8.01 -17.39 -31.76
CA GLY A 1675 -7.59 -17.32 -33.13
C GLY A 1675 -8.01 -18.54 -33.92
N MET A 1676 -7.52 -19.71 -33.50
CA MET A 1676 -7.89 -20.95 -34.18
C MET A 1676 -9.37 -21.23 -34.02
N THR A 1677 -9.95 -20.88 -32.88
CA THR A 1677 -11.38 -21.02 -32.69
C THR A 1677 -12.15 -20.18 -33.70
N ALA A 1678 -11.75 -18.92 -33.85
CA ALA A 1678 -12.42 -18.04 -34.80
C ALA A 1678 -12.24 -18.54 -36.23
N ALA A 1679 -11.07 -19.10 -36.53
CA ALA A 1679 -10.84 -19.66 -37.86
C ALA A 1679 -11.79 -20.81 -38.12
N LEU A 1680 -11.92 -21.73 -37.17
CA LEU A 1680 -12.83 -22.85 -37.33
C LEU A 1680 -14.28 -22.38 -37.41
N LEU A 1681 -14.60 -21.29 -36.72
CA LEU A 1681 -15.96 -20.77 -36.77
C LEU A 1681 -16.27 -20.16 -38.13
N ARG A 1682 -15.34 -19.38 -38.67
CA ARG A 1682 -15.62 -18.70 -39.93
C ARG A 1682 -15.42 -19.60 -41.14
N GLU A 1683 -14.73 -20.73 -41.00
CA GLU A 1683 -14.64 -21.68 -42.10
C GLU A 1683 -15.89 -22.55 -42.22
N ASN A 1684 -16.69 -22.63 -41.16
CA ASN A 1684 -17.97 -23.34 -41.18
C ASN A 1684 -18.96 -22.46 -40.43
N VAL A 1685 -19.77 -21.70 -41.19
CA VAL A 1685 -20.65 -20.73 -40.56
C VAL A 1685 -21.72 -21.42 -39.74
N HIS A 1686 -22.11 -22.64 -40.13
CA HIS A 1686 -23.10 -23.42 -39.39
C HIS A 1686 -22.38 -24.37 -38.44
N SER A 1687 -21.69 -23.77 -37.47
CA SER A 1687 -20.86 -24.54 -36.55
C SER A 1687 -20.72 -23.77 -35.24
N ARG A 1688 -21.11 -24.41 -34.15
CA ARG A 1688 -20.83 -23.93 -32.81
C ARG A 1688 -19.60 -24.64 -32.27
N GLY A 1689 -18.95 -24.01 -31.29
CA GLY A 1689 -17.68 -24.51 -30.81
C GLY A 1689 -17.44 -24.17 -29.36
N ILE A 1690 -16.58 -24.98 -28.74
CA ILE A 1690 -16.17 -24.79 -27.35
C ILE A 1690 -14.76 -24.23 -27.34
N PHE A 1691 -14.55 -23.21 -26.50
CA PHE A 1691 -13.29 -22.48 -26.41
C PHE A 1691 -12.69 -22.69 -25.03
N ASN A 1692 -11.39 -23.00 -24.99
CA ASN A 1692 -10.66 -23.14 -23.74
C ASN A 1692 -9.28 -22.51 -23.88
N SER A 1693 -8.92 -21.67 -22.92
CA SER A 1693 -7.61 -21.04 -22.92
C SER A 1693 -7.24 -20.68 -21.50
N LEU A 1694 -5.93 -20.68 -21.22
CA LEU A 1694 -5.43 -20.38 -19.89
C LEU A 1694 -5.44 -18.88 -19.65
N LEU A 1695 -5.93 -18.47 -18.48
CA LEU A 1695 -6.19 -17.07 -18.18
C LEU A 1695 -4.92 -16.43 -17.64
N GLU A 1696 -4.25 -15.65 -18.49
CA GLU A 1696 -3.06 -14.90 -18.07
C GLU A 1696 -3.49 -13.61 -17.40
N LEU A 1697 -2.89 -13.32 -16.25
CA LEU A 1697 -3.25 -12.15 -15.45
C LEU A 1697 -2.05 -11.37 -14.94
N SER A 1698 -0.82 -11.79 -15.25
CA SER A 1698 0.36 -11.09 -14.77
C SER A 1698 0.46 -9.70 -15.38
N GLY A 1699 0.49 -9.63 -16.71
CA GLY A 1699 0.60 -8.37 -17.41
C GLY A 1699 -0.74 -7.75 -17.74
N SER A 1700 -1.70 -7.86 -16.81
CA SER A 1700 -3.04 -7.33 -17.03
C SER A 1700 -3.59 -6.90 -15.68
N VAL A 1701 -3.62 -5.61 -15.44
CA VAL A 1701 -4.20 -5.05 -14.22
C VAL A 1701 -5.69 -4.84 -14.44
N MET A 1702 -6.46 -5.00 -13.38
CA MET A 1702 -7.91 -4.88 -13.44
C MET A 1702 -8.41 -4.22 -12.16
N ARG A 1703 -8.97 -3.03 -12.30
CA ARG A 1703 -9.51 -2.28 -11.17
C ARG A 1703 -10.96 -2.67 -10.89
N GLY A 1704 -11.18 -3.97 -10.71
CA GLY A 1704 -12.51 -4.51 -10.50
C GLY A 1704 -13.21 -4.94 -11.76
N ALA A 1705 -12.52 -5.01 -12.89
CA ALA A 1705 -13.11 -5.38 -14.17
C ALA A 1705 -12.98 -6.87 -14.40
N SER A 1706 -14.05 -7.48 -14.88
CA SER A 1706 -14.01 -8.89 -15.20
C SER A 1706 -13.15 -9.11 -16.45
N PRO A 1707 -12.52 -10.28 -16.58
CA PRO A 1707 -11.80 -10.57 -17.82
C PRO A 1707 -12.72 -10.54 -19.03
N GLU A 1708 -12.34 -9.76 -20.03
CA GLU A 1708 -13.09 -9.64 -21.27
C GLU A 1708 -13.13 -10.98 -21.98
N PRO A 1709 -14.01 -11.17 -22.95
CA PRO A 1709 -13.95 -12.37 -23.79
C PRO A 1709 -12.71 -12.34 -24.66
N PRO A 1710 -12.39 -13.44 -25.35
CA PRO A 1710 -11.26 -13.41 -26.28
C PRO A 1710 -11.49 -12.40 -27.39
N SER A 1711 -10.39 -11.74 -27.78
CA SER A 1711 -10.49 -10.63 -28.73
C SER A 1711 -10.80 -11.10 -30.14
N ALA A 1712 -10.33 -12.29 -30.52
CA ALA A 1712 -10.50 -12.75 -31.89
C ALA A 1712 -11.95 -12.96 -32.27
N LEU A 1713 -12.85 -13.10 -31.29
CA LEU A 1713 -14.26 -13.20 -31.59
C LEU A 1713 -14.84 -11.90 -32.14
N GLU A 1714 -14.10 -10.80 -32.07
CA GLU A 1714 -14.48 -9.60 -32.79
C GLU A 1714 -14.48 -9.83 -34.29
N THR A 1715 -13.76 -10.85 -34.77
CA THR A 1715 -13.80 -11.20 -36.17
C THR A 1715 -15.21 -11.54 -36.64
N LEU A 1716 -16.03 -12.08 -35.75
CA LEU A 1716 -17.39 -12.47 -36.12
C LEU A 1716 -18.35 -11.29 -36.07
N GLY A 1717 -18.13 -10.36 -35.15
CA GLY A 1717 -19.00 -9.20 -35.02
C GLY A 1717 -20.10 -9.42 -34.02
N GLY A 1718 -21.31 -9.71 -34.51
CA GLY A 1718 -22.45 -9.99 -33.66
C GLY A 1718 -22.83 -11.46 -33.65
N ASP A 1719 -22.03 -12.29 -34.32
CA ASP A 1719 -22.29 -13.73 -34.42
C ASP A 1719 -21.56 -14.53 -33.36
N LYS A 1720 -21.27 -13.92 -32.21
CA LYS A 1720 -20.49 -14.58 -31.17
C LYS A 1720 -21.25 -15.70 -30.47
N SER A 1721 -22.57 -15.80 -30.67
CA SER A 1721 -23.36 -16.78 -29.93
C SER A 1721 -23.00 -18.21 -30.29
N ARG A 1722 -22.31 -18.43 -31.41
CA ARG A 1722 -21.93 -19.78 -31.79
C ARG A 1722 -20.84 -20.35 -30.87
N CYS A 1723 -19.99 -19.48 -30.31
CA CYS A 1723 -19.05 -19.90 -29.28
C CYS A 1723 -19.80 -19.95 -27.96
N VAL A 1724 -20.14 -21.16 -27.53
CA VAL A 1724 -21.08 -21.33 -26.43
C VAL A 1724 -20.53 -20.78 -25.12
N ASN A 1725 -19.21 -20.78 -24.95
CA ASN A 1725 -18.56 -20.36 -23.72
C ASN A 1725 -17.64 -19.16 -23.92
N GLY A 1726 -17.93 -18.34 -24.94
CA GLY A 1726 -17.09 -17.19 -25.20
C GLY A 1726 -17.14 -16.15 -24.11
N GLU A 1727 -18.30 -15.99 -23.46
CA GLU A 1727 -18.51 -14.97 -22.45
C GLU A 1727 -18.62 -15.54 -21.04
N THR A 1728 -18.27 -16.81 -20.85
CA THR A 1728 -18.31 -17.43 -19.53
C THR A 1728 -17.09 -18.28 -19.24
N CYS A 1729 -16.06 -18.25 -20.10
CA CYS A 1729 -14.95 -19.17 -19.98
C CYS A 1729 -14.02 -18.87 -18.80
N TRP A 1730 -14.11 -17.68 -18.21
CA TRP A 1730 -13.16 -17.29 -17.19
C TRP A 1730 -13.59 -17.65 -15.78
N GLU A 1731 -14.89 -17.87 -15.56
CA GLU A 1731 -15.39 -18.28 -14.25
C GLU A 1731 -15.26 -19.78 -14.02
N TYR A 1732 -14.67 -20.52 -14.95
CA TYR A 1732 -14.55 -21.97 -14.90
C TYR A 1732 -13.08 -22.37 -15.00
N PRO A 1733 -12.74 -23.60 -14.63
CA PRO A 1733 -11.34 -24.03 -14.79
C PRO A 1733 -10.92 -24.02 -16.24
N SER A 1734 -9.60 -23.85 -16.44
CA SER A 1734 -9.00 -23.81 -17.76
C SER A 1734 -7.80 -24.71 -17.92
N ASP A 1735 -7.16 -25.13 -16.83
CA ASP A 1735 -5.97 -25.97 -16.94
C ASP A 1735 -6.33 -27.32 -17.52
N LEU A 1736 -5.60 -27.74 -18.55
CA LEU A 1736 -5.86 -28.98 -19.24
C LEU A 1736 -5.43 -30.21 -18.45
N CYS A 1737 -4.82 -30.04 -17.29
CA CYS A 1737 -4.48 -31.15 -16.41
C CYS A 1737 -5.61 -31.50 -15.46
N ASP A 1738 -6.32 -30.49 -14.97
CA ASP A 1738 -7.40 -30.71 -14.03
C ASP A 1738 -8.54 -31.44 -14.73
N PRO A 1739 -8.98 -32.60 -14.25
CA PRO A 1739 -10.15 -33.25 -14.86
C PRO A 1739 -11.43 -32.44 -14.74
N ARG A 1740 -11.48 -31.47 -13.82
CA ARG A 1740 -12.66 -30.63 -13.70
C ARG A 1740 -12.92 -29.85 -14.97
N THR A 1741 -11.87 -29.50 -15.71
CA THR A 1741 -12.03 -28.83 -16.99
C THR A 1741 -12.79 -29.72 -17.98
N TRP A 1742 -12.39 -30.98 -18.07
CA TRP A 1742 -13.06 -31.88 -19.00
C TRP A 1742 -14.46 -32.23 -18.51
N ASP A 1743 -14.68 -32.23 -17.20
CA ASP A 1743 -16.03 -32.37 -16.68
C ASP A 1743 -16.91 -31.20 -17.11
N TYR A 1744 -16.35 -29.99 -17.08
CA TYR A 1744 -17.08 -28.82 -17.57
C TYR A 1744 -17.38 -28.95 -19.06
N PHE A 1745 -16.43 -29.48 -19.82
CA PHE A 1745 -16.67 -29.70 -21.25
C PHE A 1745 -17.80 -30.70 -21.47
N LEU A 1746 -17.80 -31.80 -20.72
CA LEU A 1746 -18.88 -32.78 -20.86
C LEU A 1746 -20.21 -32.19 -20.43
N ARG A 1747 -20.19 -31.33 -19.42
CA ARG A 1747 -21.44 -30.69 -18.98
C ARG A 1747 -21.98 -29.79 -20.08
N LEU A 1748 -21.11 -29.05 -20.76
CA LEU A 1748 -21.53 -28.25 -21.91
C LEU A 1748 -22.12 -29.13 -23.00
N LYS A 1749 -21.41 -30.20 -23.36
CA LYS A 1749 -21.89 -31.11 -24.39
C LYS A 1749 -23.25 -31.67 -24.05
N ALA A 1750 -23.46 -32.05 -22.79
CA ALA A 1750 -24.73 -32.62 -22.38
C ALA A 1750 -25.84 -31.57 -22.45
N GLY A 1751 -25.62 -30.42 -21.79
CA GLY A 1751 -26.64 -29.40 -21.74
C GLY A 1751 -26.93 -28.71 -23.05
N LEU A 1752 -26.09 -28.90 -24.06
CA LEU A 1752 -26.35 -28.31 -25.38
C LEU A 1752 -26.18 -29.26 -26.55
N GLY A 1753 -25.57 -30.43 -26.38
CA GLY A 1753 -25.43 -31.39 -27.46
C GLY A 1753 -24.17 -31.19 -28.27
N LEU A 1754 -24.34 -30.56 -29.43
CA LEU A 1754 -23.29 -30.13 -30.36
C LEU A 1754 -22.65 -31.26 -31.16
N GLN A 1755 -23.00 -32.52 -30.87
CA GLN A 1755 -22.57 -33.68 -31.65
C GLN A 1755 -21.11 -33.55 -32.10
N ILE A 1756 -20.23 -33.37 -31.11
CA ILE A 1756 -18.87 -32.93 -31.40
C ILE A 1756 -18.16 -33.91 -32.32
N ASP A 1757 -17.44 -33.35 -33.31
CA ASP A 1757 -16.79 -34.12 -34.35
C ASP A 1757 -15.33 -33.75 -34.52
N LEU A 1758 -14.76 -32.98 -33.60
CA LEU A 1758 -13.39 -32.52 -33.72
C LEU A 1758 -12.89 -32.03 -32.37
N ILE A 1759 -11.62 -32.30 -32.09
CA ILE A 1759 -10.92 -31.75 -30.93
C ILE A 1759 -9.55 -31.28 -31.40
N VAL A 1760 -9.19 -30.05 -31.04
CA VAL A 1760 -7.92 -29.45 -31.43
C VAL A 1760 -7.20 -29.00 -30.17
N MET A 1761 -6.04 -29.60 -29.92
CA MET A 1761 -5.21 -29.30 -28.75
C MET A 1761 -3.93 -28.64 -29.25
N ASP A 1762 -3.94 -27.31 -29.33
CA ASP A 1762 -2.82 -26.51 -29.82
C ASP A 1762 -2.30 -25.67 -28.66
N MET A 1763 -1.11 -26.00 -28.19
CA MET A 1763 -0.51 -25.27 -27.07
C MET A 1763 0.98 -25.55 -27.06
N GLU A 1764 1.72 -24.69 -26.38
CA GLU A 1764 3.16 -24.83 -26.21
C GLU A 1764 3.43 -25.11 -24.74
N VAL A 1765 3.74 -26.36 -24.43
CA VAL A 1765 3.98 -26.81 -23.07
C VAL A 1765 5.47 -26.67 -22.77
N ARG A 1766 5.77 -26.41 -21.50
CA ARG A 1766 7.13 -26.09 -21.07
C ARG A 1766 7.78 -27.19 -20.24
N ASP A 1767 7.05 -28.24 -19.88
CA ASP A 1767 7.61 -29.35 -19.12
C ASP A 1767 6.91 -30.64 -19.53
N SER A 1768 7.62 -31.75 -19.39
CA SER A 1768 7.09 -33.04 -19.81
C SER A 1768 5.96 -33.51 -18.90
N SER A 1769 6.00 -33.12 -17.62
CA SER A 1769 4.96 -33.56 -16.69
C SER A 1769 3.60 -33.02 -17.08
N THR A 1770 3.54 -31.75 -17.47
CA THR A 1770 2.27 -31.15 -17.88
C THR A 1770 1.71 -31.84 -19.11
N SER A 1771 2.57 -32.14 -20.08
CA SER A 1771 2.11 -32.82 -21.28
C SER A 1771 1.62 -34.23 -20.96
N LEU A 1772 2.33 -34.93 -20.07
CA LEU A 1772 1.91 -36.28 -19.70
C LEU A 1772 0.57 -36.25 -18.98
N LYS A 1773 0.36 -35.26 -18.12
CA LYS A 1773 -0.93 -35.14 -17.44
C LYS A 1773 -2.05 -34.82 -18.42
N ILE A 1774 -1.79 -33.93 -19.38
CA ILE A 1774 -2.79 -33.63 -20.39
C ILE A 1774 -3.14 -34.87 -21.19
N GLU A 1775 -2.14 -35.68 -21.52
CA GLU A 1775 -2.37 -36.90 -22.28
C GLU A 1775 -3.18 -37.91 -21.47
N THR A 1776 -2.85 -38.09 -20.19
CA THR A 1776 -3.63 -38.98 -19.35
C THR A 1776 -5.06 -38.47 -19.19
N ASN A 1777 -5.27 -37.16 -19.22
CA ASN A 1777 -6.61 -36.63 -19.12
C ASN A 1777 -7.41 -36.90 -20.38
N VAL A 1778 -6.83 -36.59 -21.54
CA VAL A 1778 -7.57 -36.81 -22.79
C VAL A 1778 -7.74 -38.29 -23.08
N ARG A 1779 -6.93 -39.16 -22.45
CA ARG A 1779 -7.18 -40.59 -22.56
C ARG A 1779 -8.51 -40.97 -21.96
N ASN A 1780 -8.84 -40.39 -20.81
CA ASN A 1780 -10.00 -40.81 -20.01
C ASN A 1780 -11.26 -40.02 -20.32
N TYR A 1781 -11.23 -39.10 -21.30
CA TYR A 1781 -12.38 -38.27 -21.63
C TYR A 1781 -12.70 -38.19 -23.11
N VAL A 1782 -11.86 -38.74 -23.98
CA VAL A 1782 -12.11 -38.59 -25.42
C VAL A 1782 -13.28 -39.45 -25.87
N HIS A 1783 -13.49 -40.61 -25.25
CA HIS A 1783 -14.57 -41.48 -25.66
C HIS A 1783 -15.93 -40.86 -25.38
N ARG A 1784 -16.03 -40.02 -24.34
CA ARG A 1784 -17.29 -39.43 -23.95
C ARG A 1784 -17.57 -38.11 -24.67
N ILE A 1785 -16.54 -37.42 -25.13
CA ILE A 1785 -16.71 -36.16 -25.85
C ILE A 1785 -16.79 -36.39 -27.35
N LEU A 1786 -15.89 -37.21 -27.87
CA LEU A 1786 -15.72 -37.39 -29.30
C LEU A 1786 -16.54 -38.56 -29.81
N ASP A 1787 -16.96 -38.46 -31.08
CA ASP A 1787 -17.70 -39.52 -31.72
C ASP A 1787 -16.75 -40.60 -32.25
N GLU A 1788 -17.33 -41.71 -32.70
CA GLU A 1788 -16.53 -42.79 -33.25
C GLU A 1788 -15.82 -42.37 -34.53
N GLN A 1789 -16.46 -41.52 -35.34
CA GLN A 1789 -15.88 -40.99 -36.56
C GLN A 1789 -15.23 -39.64 -36.36
N GLY A 1790 -14.88 -39.29 -35.12
CA GLY A 1790 -14.33 -37.99 -34.83
C GLY A 1790 -12.86 -37.87 -35.18
N VAL A 1791 -12.33 -36.67 -34.97
CA VAL A 1791 -10.97 -36.32 -35.34
C VAL A 1791 -10.31 -35.60 -34.18
N LEU A 1792 -9.01 -35.84 -34.02
CA LEU A 1792 -8.20 -35.18 -33.01
C LEU A 1792 -6.95 -34.61 -33.67
N ILE A 1793 -6.54 -33.42 -33.23
CA ILE A 1793 -5.36 -32.75 -33.74
C ILE A 1793 -4.58 -32.26 -32.52
N TYR A 1794 -3.46 -32.93 -32.23
CA TYR A 1794 -2.63 -32.63 -31.06
C TYR A 1794 -1.29 -32.11 -31.53
N LYS A 1795 -0.97 -30.87 -31.19
CA LYS A 1795 0.33 -30.32 -31.56
C LYS A 1795 1.41 -30.86 -30.66
N THR A 1796 2.59 -31.07 -31.22
CA THR A 1796 3.73 -31.50 -30.41
C THR A 1796 4.99 -31.25 -31.23
N TYR A 1797 6.13 -31.68 -30.69
CA TYR A 1797 7.43 -31.45 -31.29
C TYR A 1797 8.20 -32.75 -31.36
N GLY A 1798 8.96 -32.93 -32.43
CA GLY A 1798 9.80 -34.10 -32.56
C GLY A 1798 10.88 -34.16 -31.50
N THR A 1799 11.27 -33.01 -30.95
CA THR A 1799 12.23 -32.99 -29.85
C THR A 1799 11.65 -33.66 -28.61
N TYR A 1800 10.44 -33.26 -28.23
CA TYR A 1800 9.79 -33.88 -27.08
C TYR A 1800 9.52 -35.36 -27.31
N ILE A 1801 9.38 -35.77 -28.58
CA ILE A 1801 9.17 -37.18 -28.88
C ILE A 1801 10.47 -37.96 -28.69
N CYS A 1802 11.53 -37.54 -29.39
CA CYS A 1802 12.80 -38.24 -29.29
C CYS A 1802 13.35 -38.22 -27.88
N GLU A 1803 13.03 -37.18 -27.10
CA GLU A 1803 13.53 -37.11 -25.74
C GLU A 1803 12.72 -38.00 -24.80
N SER A 1804 11.43 -37.76 -24.72
CA SER A 1804 10.58 -38.49 -23.80
C SER A 1804 10.23 -39.88 -24.34
N GLU A 1805 10.13 -40.84 -23.42
CA GLU A 1805 9.70 -42.18 -23.80
C GLU A 1805 8.19 -42.26 -23.91
N LYS A 1806 7.48 -41.82 -22.87
CA LYS A 1806 6.03 -41.77 -22.87
C LYS A 1806 5.60 -40.41 -23.41
N ASN A 1807 4.82 -40.42 -24.49
CA ASN A 1807 4.36 -39.20 -25.13
C ASN A 1807 2.99 -39.47 -25.75
N ALA A 1808 2.54 -38.55 -26.60
CA ALA A 1808 1.21 -38.67 -27.18
C ALA A 1808 1.12 -39.83 -28.14
N VAL A 1809 2.20 -40.13 -28.85
CA VAL A 1809 2.17 -41.23 -29.82
C VAL A 1809 1.94 -42.57 -29.12
N THR A 1810 2.64 -42.78 -27.99
CA THR A 1810 2.47 -44.02 -27.24
C THR A 1810 1.15 -44.08 -26.49
N ILE A 1811 0.43 -42.97 -26.38
CA ILE A 1811 -0.78 -42.88 -25.57
C ILE A 1811 -2.02 -42.76 -26.45
N LEU A 1812 -2.08 -41.71 -27.27
CA LEU A 1812 -3.28 -41.40 -28.04
C LEU A 1812 -3.31 -42.04 -29.41
N GLY A 1813 -2.18 -42.53 -29.91
CA GLY A 1813 -2.13 -43.18 -31.20
C GLY A 1813 -2.94 -44.47 -31.27
N PRO A 1814 -2.69 -45.39 -30.34
CA PRO A 1814 -3.38 -46.69 -30.41
C PRO A 1814 -4.90 -46.58 -30.36
N MET A 1815 -5.43 -45.75 -29.45
CA MET A 1815 -6.86 -45.70 -29.23
C MET A 1815 -7.63 -45.19 -30.46
N PHE A 1816 -6.94 -44.53 -31.39
CA PHE A 1816 -7.56 -44.07 -32.62
C PHE A 1816 -7.27 -45.04 -33.76
N LYS A 1817 -8.06 -44.93 -34.82
CA LYS A 1817 -7.99 -45.88 -35.93
C LYS A 1817 -6.84 -45.56 -36.88
N THR A 1818 -6.86 -44.37 -37.47
CA THR A 1818 -5.81 -43.88 -38.36
C THR A 1818 -5.09 -42.73 -37.68
N VAL A 1819 -3.79 -42.66 -37.86
CA VAL A 1819 -2.96 -41.66 -37.20
C VAL A 1819 -1.82 -41.25 -38.11
N ASP A 1820 -1.51 -39.96 -38.12
CA ASP A 1820 -0.46 -39.41 -38.96
C ASP A 1820 0.21 -38.24 -38.23
N LEU A 1821 1.43 -37.93 -38.65
CA LEU A 1821 2.14 -36.73 -38.22
C LEU A 1821 2.33 -35.84 -39.43
N VAL A 1822 1.83 -34.60 -39.35
CA VAL A 1822 1.80 -33.71 -40.49
C VAL A 1822 2.50 -32.40 -40.16
N GLN A 1823 3.19 -31.87 -41.16
CA GLN A 1823 3.70 -30.50 -41.17
C GLN A 1823 3.04 -29.76 -42.32
N THR A 1824 3.18 -28.44 -42.31
CA THR A 1824 2.40 -27.57 -43.17
C THR A 1824 3.30 -26.62 -43.94
N GLU A 1825 2.75 -26.09 -45.04
CA GLU A 1825 3.47 -25.12 -45.84
C GLU A 1825 3.57 -23.77 -45.12
N PHE A 1826 2.51 -23.37 -44.44
CA PHE A 1826 2.53 -22.16 -43.62
C PHE A 1826 2.95 -22.49 -42.19
N SER A 1827 4.11 -23.12 -42.07
CA SER A 1827 4.73 -23.45 -40.79
C SER A 1827 6.06 -22.72 -40.72
N SER A 1828 6.55 -22.55 -39.49
CA SER A 1828 7.84 -21.89 -39.30
C SER A 1828 8.92 -22.61 -40.11
N SER A 1829 9.97 -21.86 -40.44
CA SER A 1829 10.92 -22.31 -41.45
C SER A 1829 11.63 -23.59 -41.02
N GLN A 1830 12.32 -23.54 -39.89
CA GLN A 1830 13.05 -24.69 -39.36
C GLN A 1830 12.49 -24.98 -37.96
N THR A 1831 11.67 -26.02 -37.87
CA THR A 1831 11.03 -26.35 -36.61
C THR A 1831 10.63 -27.82 -36.64
N SER A 1832 10.48 -28.38 -35.44
CA SER A 1832 10.01 -29.74 -35.26
C SER A 1832 8.52 -29.80 -34.94
N GLU A 1833 7.82 -28.67 -35.04
CA GLU A 1833 6.39 -28.63 -34.78
C GLU A 1833 5.65 -29.55 -35.74
N VAL A 1834 5.04 -30.60 -35.21
CA VAL A 1834 4.24 -31.53 -35.99
C VAL A 1834 2.87 -31.65 -35.33
N TYR A 1835 1.84 -31.74 -36.16
CA TYR A 1835 0.49 -31.98 -35.70
C TYR A 1835 0.20 -33.46 -35.83
N MET A 1836 -0.12 -34.10 -34.71
CA MET A 1836 -0.58 -35.48 -34.68
C MET A 1836 -2.06 -35.50 -34.99
N VAL A 1837 -2.42 -35.94 -36.19
CA VAL A 1837 -3.80 -36.06 -36.62
C VAL A 1837 -4.25 -37.49 -36.39
N CYS A 1838 -5.45 -37.66 -35.86
CA CYS A 1838 -5.96 -38.97 -35.50
C CYS A 1838 -7.44 -39.03 -35.86
N LYS A 1839 -7.78 -39.91 -36.81
CA LYS A 1839 -9.14 -40.06 -37.30
C LYS A 1839 -9.68 -41.42 -36.89
N GLY A 1840 -10.89 -41.44 -36.36
CA GLY A 1840 -11.55 -42.68 -36.02
C GLY A 1840 -11.14 -43.20 -34.66
N LEU A 1841 -12.14 -43.59 -33.85
CA LEU A 1841 -11.90 -44.15 -32.53
C LEU A 1841 -12.09 -45.66 -32.56
N LYS A 1842 -11.14 -46.38 -31.97
CA LYS A 1842 -11.25 -47.82 -31.85
C LYS A 1842 -12.11 -48.19 -30.65
N LYS A 1843 -12.80 -49.32 -30.76
CA LYS A 1843 -13.57 -49.84 -29.64
C LYS A 1843 -12.65 -50.42 -28.58
N LEU A 1844 -11.83 -51.39 -28.97
CA LEU A 1844 -10.87 -52.03 -28.08
C LEU A 1844 -9.47 -51.93 -28.67
N ILE A 1845 -8.47 -51.94 -27.81
CA ILE A 1845 -7.08 -51.72 -28.19
C ILE A 1845 -6.35 -53.06 -28.18
N ASP A 1846 -5.83 -53.45 -29.35
CA ASP A 1846 -4.93 -54.60 -29.46
C ASP A 1846 -3.62 -54.23 -30.14
N GLU A 1847 -3.35 -52.94 -30.33
CA GLU A 1847 -2.16 -52.47 -31.05
C GLU A 1847 -1.57 -51.29 -30.29
N PRO A 1848 -0.97 -51.55 -29.12
CA PRO A 1848 -0.51 -50.44 -28.28
C PRO A 1848 0.88 -49.93 -28.63
N ASN A 1849 1.68 -50.76 -29.30
CA ASN A 1849 3.07 -50.41 -29.59
C ASN A 1849 3.20 -49.83 -31.00
N PRO A 1850 3.82 -48.67 -31.20
CA PRO A 1850 4.04 -48.17 -32.55
C PRO A 1850 5.19 -48.90 -33.24
N ASP A 1851 5.34 -48.59 -34.53
CA ASP A 1851 6.41 -49.12 -35.36
C ASP A 1851 7.33 -47.94 -35.73
N TRP A 1852 8.32 -47.69 -34.87
CA TRP A 1852 9.23 -46.58 -35.12
C TRP A 1852 10.10 -46.84 -36.35
N SER A 1853 10.33 -48.10 -36.70
CA SER A 1853 11.24 -48.40 -37.81
C SER A 1853 10.69 -47.87 -39.14
N SER A 1854 9.37 -47.72 -39.25
CA SER A 1854 8.75 -47.13 -40.42
C SER A 1854 8.58 -45.63 -40.30
N ILE A 1855 9.38 -44.97 -39.45
CA ILE A 1855 9.37 -43.53 -39.32
C ILE A 1855 10.75 -42.97 -39.67
N ASN A 1856 11.80 -43.79 -39.51
CA ASN A 1856 13.15 -43.33 -39.79
C ASN A 1856 13.30 -42.93 -41.25
N GLU A 1857 12.63 -43.63 -42.16
CA GLU A 1857 12.72 -43.30 -43.58
C GLU A 1857 11.98 -42.01 -43.92
N SER A 1858 11.26 -41.41 -42.97
CA SER A 1858 10.54 -40.17 -43.20
C SER A 1858 10.74 -39.14 -42.10
N TRP A 1859 11.40 -39.49 -40.99
CA TRP A 1859 11.67 -38.52 -39.94
C TRP A 1859 12.64 -37.44 -40.40
N LYS A 1860 13.39 -37.69 -41.46
CA LYS A 1860 14.29 -36.71 -42.04
C LYS A 1860 13.60 -35.78 -43.03
N ASN A 1861 12.33 -36.04 -43.36
CA ASN A 1861 11.58 -35.16 -44.24
C ASN A 1861 11.00 -33.96 -43.50
N LEU A 1862 11.25 -33.83 -42.21
CA LEU A 1862 10.84 -32.64 -41.49
C LEU A 1862 11.66 -31.44 -41.95
N TYR A 1863 11.16 -30.25 -41.63
CA TYR A 1863 11.84 -29.03 -42.07
C TYR A 1863 13.06 -28.71 -41.22
N ALA A 1864 13.09 -29.19 -39.97
CA ALA A 1864 14.22 -28.88 -39.10
C ALA A 1864 15.52 -29.48 -39.62
N PHE A 1865 15.45 -30.64 -40.27
CA PHE A 1865 16.65 -31.27 -40.79
C PHE A 1865 17.09 -30.69 -42.13
N GLN A 1866 16.19 -30.01 -42.83
CA GLN A 1866 16.55 -29.41 -44.11
C GLN A 1866 17.39 -28.17 -43.90
N SER A 1867 18.19 -27.82 -44.91
CA SER A 1867 19.11 -26.72 -44.81
C SER A 1867 18.36 -25.40 -44.90
N SER A 1868 19.10 -24.30 -44.72
CA SER A 1868 18.50 -22.98 -44.75
C SER A 1868 18.09 -22.58 -46.16
N GLU A 1869 18.75 -23.12 -47.18
CA GLU A 1869 18.41 -22.76 -48.55
C GLU A 1869 17.09 -23.39 -48.98
N GLN A 1870 16.85 -24.64 -48.59
CA GLN A 1870 15.61 -25.31 -48.95
C GLN A 1870 14.41 -24.68 -48.26
N GLU A 1871 14.63 -23.96 -47.15
CA GLU A 1871 13.56 -23.22 -46.50
C GLU A 1871 13.46 -21.79 -47.01
N PHE A 1872 14.55 -21.19 -47.46
CA PHE A 1872 14.46 -19.91 -48.14
C PHE A 1872 13.66 -20.04 -49.43
N ALA A 1873 13.84 -21.15 -50.14
CA ALA A 1873 13.05 -21.38 -51.34
C ALA A 1873 11.57 -21.46 -51.02
N ARG A 1874 11.22 -22.19 -49.96
CA ARG A 1874 9.82 -22.29 -49.56
C ARG A 1874 9.29 -20.95 -49.07
N ALA A 1875 10.13 -20.15 -48.43
CA ALA A 1875 9.73 -18.81 -48.03
C ALA A 1875 9.36 -17.96 -49.24
N LYS A 1876 10.18 -18.02 -50.29
CA LYS A 1876 9.84 -17.28 -51.51
C LYS A 1876 8.57 -17.84 -52.14
N LYS A 1877 8.42 -19.16 -52.15
CA LYS A 1877 7.23 -19.77 -52.73
C LYS A 1877 5.98 -19.33 -51.99
N VAL A 1878 6.09 -19.13 -50.67
CA VAL A 1878 4.93 -18.71 -49.89
C VAL A 1878 4.70 -17.21 -50.01
N SER A 1879 5.75 -16.43 -50.20
CA SER A 1879 5.58 -14.99 -50.30
C SER A 1879 4.86 -14.60 -51.58
N THR A 1880 4.97 -15.42 -52.62
CA THR A 1880 4.24 -15.16 -53.86
C THR A 1880 2.75 -15.32 -53.65
N TYR A 1881 2.33 -16.15 -52.69
CA TYR A 1881 0.92 -16.36 -52.46
C TYR A 1881 0.27 -15.11 -51.89
N PHE A 1882 -1.04 -14.99 -52.11
CA PHE A 1882 -1.82 -13.86 -51.62
C PHE A 1882 -2.42 -14.26 -50.28
N THR A 1883 -1.58 -14.19 -49.25
CA THR A 1883 -2.00 -14.59 -47.91
C THR A 1883 -3.06 -13.65 -47.33
N LEU A 1884 -3.22 -12.46 -47.89
CA LEU A 1884 -4.14 -11.46 -47.37
C LEU A 1884 -5.52 -11.54 -48.04
N THR A 1885 -5.83 -12.65 -48.71
CA THR A 1885 -7.07 -12.76 -49.44
C THR A 1885 -8.25 -13.01 -48.52
N GLY A 1886 -9.40 -12.47 -48.90
CA GLY A 1886 -10.64 -12.72 -48.18
C GLY A 1886 -10.72 -12.09 -46.80
N ILE A 1887 -9.76 -11.23 -46.45
CA ILE A 1887 -9.72 -10.59 -45.14
C ILE A 1887 -10.15 -9.13 -45.31
N PRO A 1888 -11.21 -8.67 -44.64
CA PRO A 1888 -11.58 -7.26 -44.76
C PRO A 1888 -10.51 -6.35 -44.19
N SER A 1889 -10.60 -5.07 -44.58
CA SER A 1889 -9.64 -4.06 -44.13
C SER A 1889 -9.84 -3.68 -42.67
N GLN A 1890 -10.90 -4.17 -42.02
CA GLN A 1890 -11.15 -3.81 -40.63
C GLN A 1890 -10.17 -4.47 -39.67
N PHE A 1891 -9.54 -5.57 -40.09
CA PHE A 1891 -8.67 -6.37 -39.23
C PHE A 1891 -7.24 -6.42 -39.75
N ILE A 1892 -6.81 -5.35 -40.42
CA ILE A 1892 -5.43 -5.22 -40.89
C ILE A 1892 -4.93 -3.83 -40.52
N PRO A 1893 -3.75 -3.68 -39.93
CA PRO A 1893 -3.19 -2.33 -39.77
C PRO A 1893 -2.84 -1.75 -41.12
N ASP A 1894 -3.06 -0.44 -41.26
CA ASP A 1894 -2.67 0.23 -42.49
C ASP A 1894 -1.15 0.18 -42.62
N PRO A 1895 -0.61 -0.12 -43.82
CA PRO A 1895 0.86 -0.21 -43.93
C PRO A 1895 1.57 1.09 -43.58
N PHE A 1896 1.02 2.23 -43.98
CA PHE A 1896 1.70 3.50 -43.83
C PHE A 1896 1.54 4.07 -42.43
N VAL A 1897 0.52 3.65 -41.70
CA VAL A 1897 0.45 3.94 -40.27
C VAL A 1897 1.29 2.95 -39.49
N ASN A 1898 1.36 1.70 -39.96
CA ASN A 1898 2.14 0.69 -39.27
C ASN A 1898 3.62 1.02 -39.28
N ILE A 1899 4.18 1.33 -40.46
CA ILE A 1899 5.58 1.70 -40.53
C ILE A 1899 5.82 2.98 -39.75
N GLU A 1900 4.86 3.90 -39.78
CA GLU A 1900 4.99 5.14 -39.03
C GLU A 1900 5.17 4.86 -37.54
N THR A 1901 4.27 4.07 -36.96
CA THR A 1901 4.37 3.80 -35.52
C THR A 1901 5.58 2.92 -35.21
N MET A 1902 5.98 2.04 -36.13
CA MET A 1902 7.15 1.22 -35.88
C MET A 1902 8.42 2.06 -35.82
N LEU A 1903 8.62 2.94 -36.82
CA LEU A 1903 9.72 3.89 -36.74
C LEU A 1903 9.63 4.74 -35.48
N GLN A 1904 8.41 5.14 -35.10
CA GLN A 1904 8.23 5.93 -33.90
C GLN A 1904 8.65 5.16 -32.65
N ILE A 1905 8.57 3.82 -32.70
CA ILE A 1905 9.06 3.03 -31.57
C ILE A 1905 10.58 3.02 -31.56
N PHE A 1906 11.20 2.98 -32.73
CA PHE A 1906 12.65 2.81 -32.85
C PHE A 1906 13.37 4.16 -32.87
N GLY A 1907 13.09 4.98 -31.87
CA GLY A 1907 13.81 6.22 -31.66
C GLY A 1907 13.53 7.33 -32.65
N VAL A 1908 12.86 7.04 -33.77
CA VAL A 1908 12.68 8.03 -34.82
C VAL A 1908 11.60 9.02 -34.41
N PRO A 1909 11.69 10.31 -34.78
CA PRO A 1909 10.63 11.25 -34.41
C PRO A 1909 9.31 10.97 -35.09
N THR A 1910 8.29 11.76 -34.76
CA THR A 1910 6.94 11.52 -35.25
C THR A 1910 6.78 12.02 -36.69
N GLY A 1911 7.06 13.30 -36.92
CA GLY A 1911 6.90 13.85 -38.26
C GLY A 1911 7.88 13.27 -39.26
N VAL A 1912 9.09 12.97 -38.82
CA VAL A 1912 10.06 12.34 -39.70
C VAL A 1912 9.57 10.97 -40.14
N SER A 1913 9.01 10.20 -39.21
CA SER A 1913 8.45 8.90 -39.56
C SER A 1913 7.24 9.05 -40.47
N HIS A 1914 6.41 10.06 -40.23
CA HIS A 1914 5.28 10.34 -41.11
C HIS A 1914 5.75 10.57 -42.54
N ALA A 1915 6.73 11.45 -42.71
CA ALA A 1915 7.22 11.74 -44.06
C ALA A 1915 7.88 10.53 -44.69
N ALA A 1916 8.66 9.78 -43.91
CA ALA A 1916 9.34 8.61 -44.45
C ALA A 1916 8.36 7.52 -44.83
N ALA A 1917 7.19 7.48 -44.18
CA ALA A 1917 6.18 6.50 -44.55
C ALA A 1917 5.41 6.94 -45.78
N LEU A 1918 5.05 8.22 -45.85
CA LEU A 1918 4.42 8.75 -47.06
C LEU A 1918 5.32 8.57 -48.27
N LYS A 1919 6.64 8.65 -48.07
CA LYS A 1919 7.57 8.47 -49.17
C LYS A 1919 7.55 7.05 -49.72
N SER A 1920 7.09 6.08 -48.93
CA SER A 1920 6.98 4.73 -49.43
C SER A 1920 5.84 4.59 -50.42
N SER A 1921 4.71 5.25 -50.14
CA SER A 1921 3.60 5.25 -51.08
C SER A 1921 3.83 6.19 -52.25
N ASP A 1922 4.70 7.20 -52.10
CA ASP A 1922 4.99 8.10 -53.21
C ASP A 1922 5.54 7.34 -54.42
N ARG A 1923 6.39 6.34 -54.17
CA ARG A 1923 6.94 5.52 -55.24
C ARG A 1923 7.39 4.16 -54.70
N PRO A 1924 6.47 3.21 -54.52
CA PRO A 1924 6.89 1.90 -53.98
C PRO A 1924 7.74 1.09 -54.92
N ALA A 1925 7.85 1.48 -56.19
CA ALA A 1925 8.62 0.70 -57.16
C ALA A 1925 10.09 0.61 -56.79
N ASP A 1926 10.59 1.53 -55.98
CA ASP A 1926 11.95 1.46 -55.44
C ASP A 1926 11.82 1.54 -53.92
N LEU A 1927 11.67 0.39 -53.29
CA LEU A 1927 11.50 0.29 -51.84
C LEU A 1927 12.74 -0.22 -51.13
N LEU A 1928 13.66 -0.87 -51.82
CA LEU A 1928 14.94 -1.23 -51.21
C LEU A 1928 15.67 0.00 -50.71
N THR A 1929 15.74 1.03 -51.56
CA THR A 1929 16.40 2.27 -51.16
C THR A 1929 15.72 2.85 -49.93
N ILE A 1930 14.39 2.76 -49.87
CA ILE A 1930 13.65 3.35 -48.77
C ILE A 1930 13.83 2.53 -47.50
N SER A 1931 13.93 1.22 -47.61
CA SER A 1931 14.21 0.40 -46.43
C SER A 1931 15.61 0.68 -45.88
N LEU A 1932 16.60 0.78 -46.77
CA LEU A 1932 17.93 1.14 -46.31
C LEU A 1932 17.93 2.55 -45.71
N PHE A 1933 17.10 3.45 -46.24
CA PHE A 1933 16.96 4.77 -45.65
C PHE A 1933 16.36 4.68 -44.25
N TYR A 1934 15.39 3.79 -44.05
CA TYR A 1934 14.84 3.57 -42.73
C TYR A 1934 15.93 3.10 -41.76
N MET A 1935 16.72 2.12 -42.20
CA MET A 1935 17.85 1.67 -41.39
C MET A 1935 18.78 2.82 -41.04
N ALA A 1936 19.07 3.67 -42.02
CA ALA A 1936 19.99 4.78 -41.82
C ALA A 1936 19.45 5.75 -40.77
N ILE A 1937 18.20 6.16 -40.91
CA ILE A 1937 17.65 7.12 -39.97
C ILE A 1937 17.49 6.50 -38.59
N ILE A 1938 17.23 5.20 -38.51
CA ILE A 1938 17.13 4.55 -37.21
C ILE A 1938 18.49 4.56 -36.50
N SER A 1939 19.52 4.10 -37.21
CA SER A 1939 20.86 4.12 -36.63
C SER A 1939 21.36 5.54 -36.38
N TYR A 1940 20.80 6.53 -37.07
CA TYR A 1940 21.19 7.92 -36.83
C TYR A 1940 20.52 8.49 -35.59
N TYR A 1941 19.24 8.21 -35.40
CA TYR A 1941 18.52 8.74 -34.24
C TYR A 1941 18.74 7.92 -32.98
N ASN A 1942 19.34 6.72 -33.09
CA ASN A 1942 19.76 5.98 -31.92
C ASN A 1942 21.23 6.21 -31.58
N ILE A 1943 22.10 6.30 -32.59
CA ILE A 1943 23.52 6.57 -32.41
C ILE A 1943 23.89 7.65 -33.42
N ASN A 1944 23.95 8.89 -32.97
CA ASN A 1944 24.27 10.00 -33.86
C ASN A 1944 25.78 10.05 -34.10
N HIS A 1945 26.18 9.89 -35.35
CA HIS A 1945 27.59 9.93 -35.74
C HIS A 1945 27.95 11.20 -36.49
N ILE A 1946 27.13 12.25 -36.35
CA ILE A 1946 27.36 13.53 -36.99
C ILE A 1946 27.47 14.66 -35.97
N ARG A 1947 26.54 14.70 -35.01
CA ARG A 1947 26.51 15.78 -34.04
C ARG A 1947 27.79 15.81 -33.23
N VAL A 1948 28.45 16.97 -33.23
CA VAL A 1948 29.69 17.19 -32.51
C VAL A 1948 29.39 18.10 -31.33
N GLY A 1949 29.30 17.52 -30.14
CA GLY A 1949 29.08 18.26 -28.93
C GLY A 1949 30.35 18.44 -28.13
N PRO A 1950 30.34 19.33 -27.14
CA PRO A 1950 31.57 19.56 -26.36
C PRO A 1950 31.91 18.42 -25.43
N ILE A 1951 30.91 17.84 -24.76
CA ILE A 1951 31.15 16.76 -23.79
C ILE A 1951 31.35 15.47 -24.57
N PRO A 1952 32.24 14.57 -24.15
CA PRO A 1952 32.31 13.26 -24.82
C PRO A 1952 31.03 12.48 -24.61
N PRO A 1953 30.46 11.89 -25.67
CA PRO A 1953 29.15 11.25 -25.50
C PRO A 1953 29.24 10.00 -24.63
N ASN A 1954 28.19 9.78 -23.85
CA ASN A 1954 28.09 8.55 -23.09
C ASN A 1954 27.92 7.38 -24.06
N PRO A 1955 28.35 6.18 -23.67
CA PRO A 1955 28.22 5.04 -24.57
C PRO A 1955 26.77 4.62 -24.72
N PRO A 1956 26.45 3.78 -25.69
CA PRO A 1956 25.06 3.34 -25.87
C PRO A 1956 24.55 2.58 -24.66
N SER A 1957 23.26 2.28 -24.69
CA SER A 1957 22.57 1.57 -23.63
C SER A 1957 21.67 0.49 -24.23
N ASP A 1958 21.17 -0.38 -23.37
CA ASP A 1958 20.22 -1.39 -23.83
C ASP A 1958 18.90 -0.72 -24.21
N GLY A 1959 18.32 -1.21 -25.31
CA GLY A 1959 17.14 -0.59 -25.88
C GLY A 1959 17.51 0.40 -26.97
N ILE A 1960 18.60 1.14 -26.76
CA ILE A 1960 19.11 2.02 -27.79
C ILE A 1960 20.03 1.26 -28.75
N ALA A 1961 20.66 0.19 -28.27
CA ALA A 1961 21.45 -0.70 -29.11
C ALA A 1961 20.68 -1.92 -29.56
N GLN A 1962 19.69 -2.35 -28.79
CA GLN A 1962 18.90 -3.51 -29.18
C GLN A 1962 18.03 -3.19 -30.38
N ASN A 1963 17.40 -2.01 -30.40
CA ASN A 1963 16.55 -1.65 -31.52
C ASN A 1963 17.34 -1.54 -32.81
N VAL A 1964 18.61 -1.11 -32.73
CA VAL A 1964 19.45 -1.02 -33.91
C VAL A 1964 19.59 -2.39 -34.57
N GLY A 1965 20.02 -3.38 -33.79
CA GLY A 1965 20.20 -4.72 -34.33
C GLY A 1965 18.88 -5.34 -34.78
N ILE A 1966 17.82 -5.10 -34.00
CA ILE A 1966 16.50 -5.61 -34.36
C ILE A 1966 16.10 -5.10 -35.74
N ALA A 1967 16.13 -3.79 -35.92
CA ALA A 1967 15.75 -3.21 -37.21
C ALA A 1967 16.66 -3.70 -38.33
N ILE A 1968 17.97 -3.75 -38.06
CA ILE A 1968 18.93 -4.12 -39.11
C ILE A 1968 18.64 -5.54 -39.59
N THR A 1969 18.52 -6.50 -38.67
CA THR A 1969 18.31 -7.88 -39.10
C THR A 1969 16.91 -8.07 -39.68
N GLY A 1970 15.91 -7.40 -39.11
CA GLY A 1970 14.56 -7.52 -39.64
C GLY A 1970 14.43 -7.00 -41.04
N ILE A 1971 15.18 -5.97 -41.39
CA ILE A 1971 15.15 -5.43 -42.74
C ILE A 1971 16.09 -6.20 -43.66
N SER A 1972 17.17 -6.77 -43.12
CA SER A 1972 18.06 -7.59 -43.92
C SER A 1972 17.38 -8.87 -44.37
N PHE A 1973 16.51 -9.44 -43.52
CA PHE A 1973 15.69 -10.57 -43.95
C PHE A 1973 14.91 -10.23 -45.21
N TRP A 1974 14.24 -9.08 -45.20
CA TRP A 1974 13.43 -8.67 -46.34
C TRP A 1974 14.30 -8.40 -47.57
N LEU A 1975 15.46 -7.77 -47.36
CA LEU A 1975 16.34 -7.50 -48.49
C LEU A 1975 16.83 -8.78 -49.13
N SER A 1976 17.16 -9.77 -48.30
CA SER A 1976 17.60 -11.06 -48.84
C SER A 1976 16.46 -11.77 -49.56
N LEU A 1977 15.26 -11.71 -49.00
CA LEU A 1977 14.12 -12.34 -49.65
C LEU A 1977 13.79 -11.66 -50.98
N MET A 1978 14.09 -10.37 -51.09
CA MET A 1978 13.78 -9.60 -52.30
C MET A 1978 14.87 -9.65 -53.35
N GLU A 1979 16.12 -9.96 -52.96
CA GLU A 1979 17.24 -9.95 -53.88
C GLU A 1979 18.08 -11.22 -53.81
N LYS A 1980 17.59 -12.27 -53.17
CA LYS A 1980 18.26 -13.57 -53.19
C LYS A 1980 19.63 -13.52 -52.51
N ASP A 1981 19.70 -12.84 -51.37
CA ASP A 1981 20.95 -12.72 -50.61
C ASP A 1981 20.98 -13.80 -49.52
N ILE A 1982 21.18 -15.03 -49.99
CA ILE A 1982 21.22 -16.17 -49.07
C ILE A 1982 22.32 -16.00 -48.02
N PRO A 1983 23.55 -15.59 -48.37
CA PRO A 1983 24.56 -15.37 -47.31
C PRO A 1983 24.12 -14.37 -46.26
N LEU A 1984 23.41 -13.32 -46.65
CA LEU A 1984 22.91 -12.37 -45.66
C LEU A 1984 21.85 -13.01 -44.77
N TYR A 1985 21.04 -13.91 -45.34
CA TYR A 1985 20.07 -14.63 -44.53
C TYR A 1985 20.77 -15.51 -43.49
N GLN A 1986 21.82 -16.22 -43.92
CA GLN A 1986 22.58 -17.04 -42.99
C GLN A 1986 23.24 -16.18 -41.91
N GLN A 1987 23.72 -14.99 -42.29
CA GLN A 1987 24.31 -14.07 -41.33
C GLN A 1987 23.29 -13.61 -40.30
N CYS A 1988 22.08 -13.28 -40.77
CA CYS A 1988 21.01 -12.92 -39.85
C CYS A 1988 20.72 -14.05 -38.87
N LEU A 1989 20.65 -15.28 -39.38
CA LEU A 1989 20.44 -16.43 -38.50
C LEU A 1989 21.54 -16.54 -37.46
N ALA A 1990 22.79 -16.42 -37.91
CA ALA A 1990 23.91 -16.56 -36.99
C ALA A 1990 23.87 -15.51 -35.89
N VAL A 1991 23.61 -14.26 -36.26
CA VAL A 1991 23.57 -13.22 -35.24
C VAL A 1991 22.37 -13.39 -34.33
N ILE A 1992 21.29 -13.98 -34.85
CA ILE A 1992 20.18 -14.34 -33.96
C ILE A 1992 20.64 -15.40 -32.98
N GLN A 1993 21.59 -16.24 -33.39
CA GLN A 1993 22.06 -17.30 -32.51
C GLN A 1993 23.15 -16.80 -31.56
N GLN A 1994 24.25 -16.26 -32.09
CA GLN A 1994 25.34 -15.87 -31.20
C GLN A 1994 25.13 -14.50 -30.58
N SER A 1995 25.09 -13.45 -31.40
CA SER A 1995 24.82 -12.08 -30.97
C SER A 1995 24.79 -11.18 -32.20
N PHE A 1996 24.41 -9.91 -32.00
CA PHE A 1996 24.52 -8.90 -33.05
C PHE A 1996 25.72 -8.00 -32.77
N PRO A 1997 26.77 -8.01 -33.60
CA PRO A 1997 27.97 -7.23 -33.26
C PRO A 1997 27.70 -5.72 -33.27
N ILE A 1998 28.14 -5.06 -32.19
CA ILE A 1998 28.24 -3.60 -32.12
C ILE A 1998 29.53 -3.26 -31.41
N ARG A 1999 30.29 -2.32 -31.96
CA ARG A 1999 31.58 -1.92 -31.41
C ARG A 1999 31.67 -0.40 -31.46
N TRP A 2000 31.68 0.22 -30.28
CA TRP A 2000 31.53 1.67 -30.13
C TRP A 2000 32.85 2.34 -29.83
N GLU A 2001 32.96 3.61 -30.20
CA GLU A 2001 34.13 4.43 -29.93
C GLU A 2001 33.72 5.89 -29.96
N ALA A 2002 34.61 6.74 -29.44
CA ALA A 2002 34.44 8.18 -29.45
C ALA A 2002 35.72 8.82 -29.97
N VAL A 2003 35.63 9.49 -31.11
CA VAL A 2003 36.78 10.09 -31.77
C VAL A 2003 36.81 11.58 -31.47
N SER A 2004 38.01 12.12 -31.33
CA SER A 2004 38.22 13.53 -31.01
C SER A 2004 38.62 14.27 -32.27
N VAL A 2005 37.85 15.30 -32.62
CA VAL A 2005 38.07 16.14 -33.78
C VAL A 2005 37.70 17.57 -33.41
N LYS A 2006 37.89 18.49 -34.36
CA LYS A 2006 37.56 19.88 -34.13
C LYS A 2006 36.09 20.01 -33.75
N GLY A 2007 35.85 20.56 -32.56
CA GLY A 2007 34.56 20.51 -31.92
C GLY A 2007 34.69 19.70 -30.65
N GLY A 2008 35.48 18.63 -30.75
CA GLY A 2008 36.06 17.96 -29.61
C GLY A 2008 35.75 16.50 -29.47
N TYR A 2009 34.52 16.08 -29.80
CA TYR A 2009 34.11 14.69 -29.60
C TYR A 2009 32.96 14.36 -30.54
N LYS A 2010 33.01 13.16 -31.12
CA LYS A 2010 31.87 12.61 -31.85
C LYS A 2010 31.94 11.09 -31.77
N GLN A 2011 30.80 10.45 -31.58
CA GLN A 2011 30.78 9.01 -31.42
C GLN A 2011 30.74 8.32 -32.77
N LYS A 2012 31.11 7.04 -32.78
CA LYS A 2012 31.35 6.31 -34.01
C LYS A 2012 31.36 4.81 -33.72
N TRP A 2013 30.56 4.02 -34.44
CA TRP A 2013 30.50 2.59 -34.18
C TRP A 2013 30.68 1.80 -35.48
N SER A 2014 30.96 0.51 -35.29
CA SER A 2014 31.29 -0.41 -36.37
C SER A 2014 30.98 -1.83 -35.88
N THR A 2015 31.44 -2.83 -36.65
CA THR A 2015 31.19 -4.22 -36.29
C THR A 2015 32.41 -5.12 -36.47
N ARG A 2016 33.62 -4.54 -36.49
CA ARG A 2016 34.85 -5.33 -36.58
C ARG A 2016 35.92 -4.95 -35.57
N GLY A 2017 35.88 -3.75 -35.01
CA GLY A 2017 36.97 -3.28 -34.20
C GLY A 2017 36.97 -3.84 -32.79
N ASP A 2018 38.04 -3.53 -32.07
CA ASP A 2018 38.18 -3.87 -30.66
C ASP A 2018 37.72 -2.76 -29.74
N GLY A 2019 36.82 -1.90 -30.22
CA GLY A 2019 36.31 -0.82 -29.41
C GLY A 2019 35.47 -1.33 -28.26
N LEU A 2020 34.75 -0.40 -27.65
CA LEU A 2020 33.92 -0.74 -26.51
C LEU A 2020 32.80 -1.68 -26.97
N PRO A 2021 32.63 -2.85 -26.33
CA PRO A 2021 31.62 -3.79 -26.83
C PRO A 2021 30.24 -3.44 -26.31
N LYS A 2022 29.32 -3.13 -27.23
CA LYS A 2022 27.89 -3.08 -26.95
C LYS A 2022 27.17 -4.20 -27.70
N ASP A 2023 27.86 -5.30 -27.93
CA ASP A 2023 27.31 -6.43 -28.67
C ASP A 2023 26.07 -6.96 -27.96
N THR A 2024 24.92 -6.84 -28.61
CA THR A 2024 23.64 -7.23 -28.04
C THR A 2024 23.20 -8.58 -28.59
N ARG A 2025 22.34 -9.24 -27.82
CA ARG A 2025 21.82 -10.56 -28.16
C ARG A 2025 20.32 -10.45 -28.37
N ILE A 2026 19.85 -11.01 -29.48
CA ILE A 2026 18.44 -10.90 -29.90
C ILE A 2026 17.94 -12.33 -30.14
N SER A 2027 17.33 -12.93 -29.12
CA SER A 2027 16.73 -14.25 -29.25
C SER A 2027 15.32 -14.32 -28.69
N ASP A 2028 14.92 -13.40 -27.79
CA ASP A 2028 13.55 -13.29 -27.32
C ASP A 2028 12.81 -12.14 -28.00
N SER A 2029 13.27 -11.74 -29.18
CA SER A 2029 12.70 -10.59 -29.89
C SER A 2029 12.51 -10.91 -31.36
N LEU A 2030 11.99 -12.10 -31.67
CA LEU A 2030 11.69 -12.46 -33.04
C LEU A 2030 10.41 -11.81 -33.54
N ALA A 2031 9.50 -11.43 -32.64
CA ALA A 2031 8.23 -10.85 -33.09
C ALA A 2031 8.44 -9.51 -33.78
N PRO A 2032 9.24 -8.57 -33.27
CA PRO A 2032 9.54 -7.38 -34.06
C PRO A 2032 10.28 -7.68 -35.35
N ILE A 2033 11.19 -8.65 -35.32
CA ILE A 2033 11.93 -9.03 -36.52
C ILE A 2033 10.98 -9.52 -37.59
N GLY A 2034 9.85 -10.09 -37.19
CA GLY A 2034 8.84 -10.50 -38.15
C GLY A 2034 7.90 -9.37 -38.52
N ASN A 2035 7.64 -8.48 -37.56
CA ASN A 2035 6.76 -7.35 -37.84
C ASN A 2035 7.35 -6.44 -38.90
N TRP A 2036 8.68 -6.30 -38.91
CA TRP A 2036 9.32 -5.50 -39.96
C TRP A 2036 9.05 -6.09 -41.33
N ILE A 2037 9.28 -7.39 -41.48
CA ILE A 2037 9.03 -8.06 -42.76
C ILE A 2037 7.57 -7.93 -43.14
N ARG A 2038 6.67 -8.09 -42.17
CA ARG A 2038 5.25 -7.98 -42.44
C ARG A 2038 4.88 -6.59 -42.95
N SER A 2039 5.40 -5.55 -42.30
CA SER A 2039 5.11 -4.20 -42.73
C SER A 2039 5.62 -3.94 -44.14
N LEU A 2040 6.86 -4.36 -44.42
CA LEU A 2040 7.43 -4.11 -45.73
C LEU A 2040 6.66 -4.86 -46.82
N GLU A 2041 6.23 -6.09 -46.54
CA GLU A 2041 5.49 -6.85 -47.55
C GLU A 2041 4.06 -6.34 -47.69
N LEU A 2042 3.49 -5.79 -46.62
CA LEU A 2042 2.19 -5.14 -46.74
C LEU A 2042 2.29 -3.91 -47.63
N VAL A 2043 3.39 -3.17 -47.51
CA VAL A 2043 3.62 -2.04 -48.39
C VAL A 2043 3.78 -2.51 -49.83
N ARG A 2044 4.56 -3.57 -50.04
CA ARG A 2044 4.89 -4.00 -51.40
C ARG A 2044 3.64 -4.41 -52.16
N ASN A 2045 2.87 -5.36 -51.61
CA ASN A 2045 1.68 -5.90 -52.28
C ASN A 2045 2.03 -6.52 -53.62
N GLN A 2046 3.05 -7.37 -53.62
CA GLN A 2046 3.47 -8.17 -54.77
C GLN A 2046 3.95 -7.33 -55.95
N VAL A 2047 4.19 -6.04 -55.75
CA VAL A 2047 4.64 -5.19 -56.85
C VAL A 2047 6.13 -5.40 -57.06
N ARG A 2048 6.53 -5.37 -58.33
CA ARG A 2048 7.94 -5.55 -58.66
C ARG A 2048 8.74 -4.32 -58.23
N LEU A 2049 9.99 -4.55 -57.86
CA LEU A 2049 10.86 -3.53 -57.30
C LEU A 2049 12.02 -3.23 -58.24
N ASN A 2050 12.45 -1.98 -58.23
CA ASN A 2050 13.58 -1.54 -59.04
C ASN A 2050 14.88 -1.81 -58.28
N PRO A 2051 16.03 -1.72 -58.96
CA PRO A 2051 17.30 -1.88 -58.25
C PRO A 2051 17.60 -0.74 -57.30
N PHE A 2052 18.72 -0.82 -56.60
CA PHE A 2052 19.11 0.17 -55.61
C PHE A 2052 19.85 1.32 -56.26
N ASN A 2053 19.49 2.54 -55.88
CA ASN A 2053 20.07 3.76 -56.42
C ASN A 2053 20.56 4.63 -55.27
N GLU A 2054 21.86 4.93 -55.27
CA GLU A 2054 22.43 5.77 -54.22
C GLU A 2054 21.98 7.22 -54.34
N ILE A 2055 21.61 7.66 -55.54
CA ILE A 2055 21.20 9.04 -55.75
C ILE A 2055 19.95 9.34 -54.95
N LEU A 2056 18.90 8.54 -55.16
CA LEU A 2056 17.67 8.73 -54.39
C LEU A 2056 17.89 8.51 -52.91
N PHE A 2057 18.81 7.60 -52.55
CA PHE A 2057 19.13 7.39 -51.15
C PHE A 2057 19.63 8.66 -50.51
N ASN A 2058 20.64 9.29 -51.11
CA ASN A 2058 21.17 10.53 -50.57
C ASN A 2058 20.13 11.65 -50.62
N GLN A 2059 19.28 11.66 -51.65
CA GLN A 2059 18.22 12.66 -51.72
C GLN A 2059 17.29 12.56 -50.53
N LEU A 2060 16.88 11.33 -50.19
CA LEU A 2060 16.04 11.13 -49.01
C LEU A 2060 16.78 11.49 -47.74
N CYS A 2061 18.05 11.12 -47.65
CA CYS A 2061 18.80 11.37 -46.41
C CYS A 2061 18.97 12.86 -46.16
N ARG A 2062 19.19 13.65 -47.23
CA ARG A 2062 19.37 15.08 -47.04
C ARG A 2062 18.13 15.75 -46.45
N THR A 2063 16.96 15.14 -46.58
CA THR A 2063 15.77 15.67 -45.92
C THR A 2063 15.86 15.57 -44.40
N VAL A 2064 16.77 14.75 -43.88
CA VAL A 2064 16.96 14.60 -42.44
C VAL A 2064 18.19 15.35 -41.96
N ASP A 2065 19.28 15.29 -42.72
CA ASP A 2065 20.51 15.99 -42.38
C ASP A 2065 21.40 16.02 -43.61
N ASN A 2066 22.05 17.17 -43.84
CA ASN A 2066 22.83 17.35 -45.05
C ASN A 2066 24.04 16.43 -45.09
N HIS A 2067 24.67 16.21 -43.94
CA HIS A 2067 25.88 15.39 -43.86
C HIS A 2067 25.60 13.90 -43.89
N LEU A 2068 24.34 13.49 -43.95
CA LEU A 2068 23.97 12.08 -43.93
C LEU A 2068 23.85 11.58 -45.36
N LYS A 2069 24.64 10.57 -45.71
CA LYS A 2069 24.59 9.97 -47.04
C LYS A 2069 25.37 8.66 -47.01
N TRP A 2070 25.37 7.97 -48.15
CA TRP A 2070 25.97 6.64 -48.24
C TRP A 2070 27.46 6.66 -47.94
N SER A 2071 28.13 7.79 -48.14
CA SER A 2071 29.55 7.88 -47.82
C SER A 2071 29.77 7.86 -46.31
N ASN A 2072 29.03 8.71 -45.58
CA ASN A 2072 29.25 8.82 -44.15
C ASN A 2072 28.84 7.54 -43.42
N LEU A 2073 27.91 6.78 -43.97
CA LEU A 2073 27.47 5.53 -43.37
C LEU A 2073 28.44 4.38 -43.61
N ARG A 2074 29.56 4.61 -44.28
CA ARG A 2074 30.51 3.56 -44.59
C ARG A 2074 31.74 3.56 -43.70
N ARG A 2075 32.16 4.73 -43.22
CA ARG A 2075 33.37 4.87 -42.43
C ARG A 2075 33.11 5.28 -40.99
N ASN A 2076 31.85 5.47 -40.60
CA ASN A 2076 31.54 5.93 -39.25
C ASN A 2076 30.43 5.17 -38.52
N THR A 2077 29.69 4.28 -39.19
CA THR A 2077 28.63 3.54 -38.52
C THR A 2077 28.62 2.05 -38.82
N GLY A 2078 29.35 1.57 -39.82
CA GLY A 2078 29.45 0.14 -40.03
C GLY A 2078 28.18 -0.54 -40.49
N MET A 2079 27.22 0.21 -41.03
CA MET A 2079 26.02 -0.41 -41.58
C MET A 2079 26.31 -1.03 -42.95
N ILE A 2080 27.08 -0.32 -43.78
CA ILE A 2080 27.56 -0.91 -45.01
C ILE A 2080 28.50 -2.07 -44.71
N GLU A 2081 29.26 -1.97 -43.62
CA GLU A 2081 30.10 -3.07 -43.18
C GLU A 2081 29.25 -4.30 -42.87
N TRP A 2082 28.05 -4.07 -42.32
CA TRP A 2082 27.14 -5.18 -42.02
C TRP A 2082 26.56 -5.76 -43.31
N ILE A 2083 25.99 -4.91 -44.16
CA ILE A 2083 25.30 -5.37 -45.35
C ILE A 2083 26.24 -6.13 -46.27
N ASN A 2084 27.50 -5.71 -46.33
CA ASN A 2084 28.49 -6.29 -47.22
C ASN A 2084 29.22 -7.47 -46.61
N ARG A 2085 28.66 -8.08 -45.57
CA ARG A 2085 29.18 -9.32 -45.00
C ARG A 2085 30.61 -9.17 -44.49
N ARG A 2086 30.78 -8.25 -43.52
CA ARG A 2086 32.04 -8.08 -42.83
C ARG A 2086 31.71 -7.67 -41.39
N ILE A 2087 31.82 -8.63 -40.48
CA ILE A 2087 31.38 -8.47 -39.10
C ILE A 2087 32.38 -9.15 -38.17
N SER A 2088 32.13 -9.04 -36.88
CA SER A 2088 32.94 -9.69 -35.86
C SER A 2088 32.33 -11.04 -35.50
N LYS A 2089 33.14 -12.10 -35.62
CA LYS A 2089 32.64 -13.44 -35.34
C LYS A 2089 32.57 -13.71 -33.85
N GLU A 2090 33.57 -13.25 -33.09
CA GLU A 2090 33.62 -13.53 -31.67
C GLU A 2090 32.45 -12.87 -30.95
N ASP A 2091 31.60 -13.69 -30.35
CA ASP A 2091 30.46 -13.18 -29.57
C ASP A 2091 31.02 -12.52 -28.32
N ARG A 2092 30.98 -11.19 -28.30
CA ARG A 2092 31.49 -10.39 -27.20
C ARG A 2092 30.36 -9.81 -26.35
N SER A 2093 29.27 -10.56 -26.19
CA SER A 2093 28.11 -10.09 -25.46
C SER A 2093 28.21 -10.48 -23.99
N ILE A 2094 27.33 -9.86 -23.19
CA ILE A 2094 27.22 -10.17 -21.77
C ILE A 2094 25.77 -9.99 -21.36
N LEU A 2095 25.40 -10.63 -20.26
CA LEU A 2095 24.04 -10.48 -19.74
C LEU A 2095 23.81 -9.05 -19.31
N MET A 2096 22.69 -8.48 -19.75
CA MET A 2096 22.42 -7.08 -19.50
C MET A 2096 21.81 -6.89 -18.11
N LEU A 2097 22.09 -5.72 -17.53
CA LEU A 2097 21.59 -5.37 -16.21
C LEU A 2097 21.13 -3.92 -16.23
N LYS A 2098 20.34 -3.56 -15.23
CA LYS A 2098 19.82 -2.21 -15.12
C LYS A 2098 19.23 -2.01 -13.74
N SER A 2099 19.35 -0.78 -13.24
CA SER A 2099 18.75 -0.40 -11.96
C SER A 2099 17.42 0.29 -12.22
N ASP A 2100 16.41 -0.54 -12.54
CA ASP A 2100 15.06 -0.08 -12.81
C ASP A 2100 14.13 -0.53 -11.69
N LEU A 2101 13.15 0.31 -11.38
CA LEU A 2101 12.23 0.00 -10.30
C LEU A 2101 11.34 -1.17 -10.66
N HIS A 2102 10.72 -1.74 -9.64
CA HIS A 2102 9.78 -2.85 -9.78
C HIS A 2102 8.36 -2.32 -9.64
N GLU A 2103 7.52 -2.62 -10.62
CA GLU A 2103 6.17 -2.08 -10.67
C GLU A 2103 5.25 -3.00 -9.88
N GLU A 2104 4.97 -2.61 -8.64
CA GLU A 2104 4.05 -3.33 -7.76
C GLU A 2104 2.71 -2.61 -7.82
N ASN A 2105 1.70 -3.28 -8.35
CA ASN A 2105 0.37 -2.68 -8.51
C ASN A 2105 -0.49 -2.95 -7.28
N SER A 2106 -1.23 -1.94 -6.87
CA SER A 2106 -2.22 -2.01 -5.81
C SER A 2106 -2.89 -0.65 -5.78
N TRP A 2107 -4.07 -0.58 -5.16
CA TRP A 2107 -4.87 0.63 -5.20
C TRP A 2107 -5.79 0.67 -4.00
N ARG A 2108 -6.56 1.77 -3.92
CA ARG A 2108 -7.49 1.99 -2.83
C ARG A 2108 -8.68 2.76 -3.39
N ASP A 2109 -9.82 2.09 -3.54
CA ASP A 2109 -11.03 2.73 -4.03
C ASP A 2109 -11.77 3.42 -2.90
N THR B 49 25.66 -12.95 -61.26
CA THR B 49 24.50 -12.34 -60.63
C THR B 49 24.77 -12.06 -59.16
N LYS B 50 24.25 -10.94 -58.66
CA LYS B 50 24.49 -10.51 -57.30
C LYS B 50 23.54 -9.37 -56.95
N PRO B 51 23.37 -9.02 -55.67
CA PRO B 51 22.43 -7.95 -55.32
C PRO B 51 22.89 -6.59 -55.81
N SER B 52 22.05 -5.57 -55.58
CA SER B 52 22.38 -4.19 -55.93
C SER B 52 23.06 -3.47 -54.77
N TYR B 53 24.14 -4.06 -54.27
CA TYR B 53 25.03 -3.40 -53.32
C TYR B 53 26.35 -4.16 -53.25
N PHE B 54 27.46 -3.46 -53.45
CA PHE B 54 28.75 -4.13 -53.62
C PHE B 54 29.86 -3.11 -53.41
N GLN B 55 30.87 -3.51 -52.66
CA GLN B 55 32.02 -2.64 -52.41
C GLN B 55 32.91 -2.59 -53.64
N ALA B 56 33.35 -1.40 -54.02
CA ALA B 56 34.24 -1.23 -55.16
C ALA B 56 35.68 -1.51 -54.76
N GLU B 82 30.81 0.42 -16.36
CA GLU B 82 30.45 -0.65 -15.45
C GLU B 82 29.61 -1.71 -16.18
N GLN B 83 29.17 -2.72 -15.43
CA GLN B 83 28.37 -3.80 -15.98
C GLN B 83 26.87 -3.51 -15.90
N VAL B 84 26.44 -2.78 -14.89
CA VAL B 84 25.03 -2.43 -14.72
C VAL B 84 24.79 -1.06 -15.33
N GLU B 85 23.77 -0.98 -16.19
CA GLU B 85 23.39 0.29 -16.79
C GLU B 85 22.62 1.13 -15.79
N GLY B 86 22.78 2.45 -15.92
CA GLY B 86 22.14 3.37 -15.01
C GLY B 86 20.62 3.32 -15.10
N PHE B 87 19.99 4.14 -14.26
CA PHE B 87 18.54 4.21 -14.18
C PHE B 87 17.96 5.20 -15.18
N ILE B 88 18.69 6.25 -15.52
CA ILE B 88 18.23 7.29 -16.45
C ILE B 88 19.17 7.28 -17.65
N GLN B 89 18.57 7.27 -18.85
CA GLN B 89 19.33 7.22 -20.09
C GLN B 89 18.67 8.10 -21.15
N ASP B 94 10.76 14.17 -21.84
CA ASP B 94 10.18 15.35 -21.21
C ASP B 94 9.07 15.92 -22.09
N TYR B 95 9.45 16.53 -23.21
CA TYR B 95 8.49 17.07 -24.16
C TYR B 95 9.10 16.98 -25.55
N ALA B 96 8.32 17.37 -26.56
CA ALA B 96 8.79 17.37 -27.95
C ALA B 96 7.92 18.32 -28.75
N ASP B 97 8.53 19.39 -29.27
CA ASP B 97 7.83 20.35 -30.11
C ASP B 97 8.48 20.56 -31.47
N GLU B 98 9.75 20.23 -31.63
CA GLU B 98 10.41 20.32 -32.92
C GLU B 98 10.14 19.10 -33.79
N GLU B 99 9.77 17.97 -33.20
CA GLU B 99 9.52 16.75 -33.95
C GLU B 99 8.21 16.76 -34.73
N VAL B 100 7.41 17.82 -34.62
CA VAL B 100 6.13 17.92 -35.29
C VAL B 100 6.05 19.28 -35.98
N ASP B 101 5.20 19.34 -37.01
CA ASP B 101 5.02 20.58 -37.76
C ASP B 101 3.65 20.50 -38.43
N VAL B 102 2.73 21.35 -38.00
CA VAL B 102 1.41 21.40 -38.63
C VAL B 102 1.49 22.20 -39.93
N VAL B 103 0.45 22.07 -40.75
CA VAL B 103 0.32 22.81 -41.99
C VAL B 103 -1.04 23.49 -41.98
N PHE B 104 -1.24 24.39 -42.93
CA PHE B 104 -2.46 25.17 -43.01
C PHE B 104 -2.80 25.46 -44.46
N THR B 105 -4.09 25.39 -44.78
CA THR B 105 -4.60 25.63 -46.13
C THR B 105 -3.86 24.79 -47.17
ZN ZN C . -31.33 -7.18 5.37
ZN ZN D . -23.72 -17.16 -9.06
#